data_6MIF
#
_entry.id   6MIF
#
loop_
_entity.id
_entity.type
_entity.pdbx_description
1 polymer 'LIM and senescent cell antigen-like-containing domain protein 1'
2 non-polymer 'ZINC ION'
#
_entity_poly.entity_id   1
_entity_poly.type   'polypeptide(L)'
_entity_poly.pdbx_seq_one_letter_code
;GSGDVCFHCNRVIEGDVVSALNKAWCVNCFACSTCNTKLTLKNKFVEFDMKPVCKKCYEKFPLELKKRLKKLAETLGRK
;
_entity_poly.pdbx_strand_id   A
#
loop_
_chem_comp.id
_chem_comp.type
_chem_comp.name
_chem_comp.formula
ZN non-polymer 'ZINC ION' 'Zn 2'
#
# COMPACT_ATOMS: atom_id res chain seq x y z
N GLY A 1 4.26 14.42 -5.36
CA GLY A 1 5.53 15.19 -5.72
C GLY A 1 6.45 15.62 -4.63
N SER A 2 6.57 14.85 -3.59
CA SER A 2 7.47 15.22 -2.46
C SER A 2 8.93 15.14 -2.92
N GLY A 3 9.34 14.01 -3.40
CA GLY A 3 10.76 13.85 -3.87
C GLY A 3 11.39 12.62 -3.21
N ASP A 4 10.61 11.85 -2.49
CA ASP A 4 11.16 10.65 -1.82
C ASP A 4 11.51 9.58 -2.86
N VAL A 5 12.24 8.57 -2.46
CA VAL A 5 12.60 7.48 -3.42
C VAL A 5 11.66 6.31 -3.21
N CYS A 6 10.77 6.08 -4.14
CA CYS A 6 9.80 4.96 -3.99
C CYS A 6 10.55 3.67 -3.65
N PHE A 7 10.52 3.28 -2.40
CA PHE A 7 11.22 2.03 -1.97
C PHE A 7 10.81 0.87 -2.87
N HIS A 8 9.66 0.96 -3.48
CA HIS A 8 9.19 -0.14 -4.38
C HIS A 8 10.16 -0.30 -5.55
N CYS A 9 10.68 0.79 -6.05
CA CYS A 9 11.64 0.72 -7.20
C CYS A 9 12.96 1.39 -6.81
N ASN A 10 12.99 2.01 -5.65
CA ASN A 10 14.23 2.70 -5.19
C ASN A 10 14.54 3.87 -6.12
N ARG A 11 13.54 4.44 -6.73
CA ARG A 11 13.77 5.59 -7.65
C ARG A 11 13.00 6.81 -7.13
N VAL A 12 13.41 7.99 -7.51
CA VAL A 12 12.71 9.21 -7.04
C VAL A 12 11.22 9.11 -7.39
N ILE A 13 10.36 9.52 -6.50
CA ILE A 13 8.90 9.44 -6.78
C ILE A 13 8.57 10.23 -8.05
N GLU A 14 7.97 9.57 -9.02
CA GLU A 14 7.61 10.25 -10.30
C GLU A 14 6.22 10.85 -10.18
N GLY A 15 5.52 10.56 -9.11
CA GLY A 15 4.14 11.10 -8.93
C GLY A 15 3.93 11.44 -7.45
N ASP A 16 2.97 10.82 -6.82
CA ASP A 16 2.71 11.11 -5.38
C ASP A 16 3.38 10.03 -4.52
N VAL A 17 3.94 10.42 -3.41
CA VAL A 17 4.61 9.44 -2.51
C VAL A 17 3.56 8.66 -1.71
N VAL A 18 3.34 7.42 -2.07
CA VAL A 18 2.34 6.60 -1.32
C VAL A 18 3.02 6.03 -0.08
N SER A 19 2.97 6.75 1.01
CA SER A 19 3.63 6.29 2.26
C SER A 19 3.10 4.90 2.65
N ALA A 20 3.89 3.88 2.44
CA ALA A 20 3.47 2.50 2.79
C ALA A 20 4.59 1.85 3.61
N LEU A 21 4.25 1.09 4.61
CA LEU A 21 5.30 0.44 5.46
C LEU A 21 6.24 1.51 5.98
N ASN A 22 5.75 2.71 6.17
CA ASN A 22 6.60 3.83 6.68
C ASN A 22 7.63 4.22 5.62
N LYS A 23 7.54 3.64 4.44
CA LYS A 23 8.51 3.98 3.36
C LYS A 23 7.78 4.76 2.27
N ALA A 24 8.50 5.24 1.29
CA ALA A 24 7.85 5.98 0.18
C ALA A 24 7.59 5.01 -0.98
N TRP A 25 6.42 5.05 -1.56
CA TRP A 25 6.12 4.11 -2.68
C TRP A 25 5.58 4.89 -3.89
N CYS A 26 5.91 4.44 -5.08
CA CYS A 26 5.44 5.13 -6.30
C CYS A 26 3.98 4.76 -6.57
N VAL A 27 3.21 5.66 -7.10
CA VAL A 27 1.80 5.32 -7.41
C VAL A 27 1.80 4.39 -8.63
N ASN A 28 2.92 4.36 -9.32
CA ASN A 28 3.05 3.49 -10.52
C ASN A 28 3.53 2.11 -10.08
N CYS A 29 4.36 2.05 -9.07
CA CYS A 29 4.88 0.74 -8.58
C CYS A 29 3.91 0.15 -7.57
N PHE A 30 3.45 0.95 -6.64
CA PHE A 30 2.51 0.45 -5.62
C PHE A 30 1.21 -0.01 -6.29
N ALA A 31 0.95 -1.30 -6.28
CA ALA A 31 -0.30 -1.83 -6.92
C ALA A 31 -0.80 -3.04 -6.12
N CYS A 32 -2.09 -3.15 -5.93
CA CYS A 32 -2.66 -4.30 -5.15
C CYS A 32 -1.91 -5.58 -5.51
N SER A 33 -1.03 -6.02 -4.65
CA SER A 33 -0.27 -7.28 -4.94
C SER A 33 -1.24 -8.45 -5.04
N THR A 34 -2.48 -8.24 -4.70
CA THR A 34 -3.48 -9.34 -4.77
C THR A 34 -4.36 -9.17 -6.01
N CYS A 35 -4.24 -8.06 -6.69
CA CYS A 35 -5.09 -7.83 -7.92
C CYS A 35 -4.26 -7.17 -9.01
N ASN A 36 -3.03 -6.81 -8.73
CA ASN A 36 -2.19 -6.13 -9.75
C ASN A 36 -2.84 -4.78 -10.09
N THR A 37 -3.84 -4.40 -9.32
CA THR A 37 -4.53 -3.10 -9.58
C THR A 37 -3.63 -1.96 -9.14
N LYS A 38 -3.31 -1.07 -10.05
CA LYS A 38 -2.42 0.07 -9.69
C LYS A 38 -2.97 0.77 -8.44
N LEU A 39 -2.14 0.99 -7.46
CA LEU A 39 -2.60 1.64 -6.21
C LEU A 39 -2.49 3.16 -6.34
N THR A 40 -3.49 3.86 -5.87
CA THR A 40 -3.47 5.36 -5.94
C THR A 40 -4.01 5.91 -4.63
N LEU A 41 -3.51 7.05 -4.20
CA LEU A 41 -3.99 7.65 -2.91
C LEU A 41 -5.51 7.88 -3.01
N LYS A 42 -6.04 7.89 -4.20
CA LYS A 42 -7.50 8.10 -4.38
C LYS A 42 -8.22 6.75 -4.29
N ASN A 43 -7.58 5.71 -4.71
CA ASN A 43 -8.21 4.35 -4.66
C ASN A 43 -8.21 3.84 -3.21
N LYS A 44 -9.05 2.87 -2.92
CA LYS A 44 -9.10 2.30 -1.54
C LYS A 44 -8.18 1.09 -1.46
N PHE A 45 -7.31 1.05 -0.49
CA PHE A 45 -6.37 -0.11 -0.37
C PHE A 45 -5.89 -0.25 1.07
N VAL A 46 -5.12 -1.28 1.34
CA VAL A 46 -4.59 -1.49 2.71
C VAL A 46 -3.24 -2.22 2.60
N GLU A 47 -2.49 -2.27 3.67
CA GLU A 47 -1.16 -2.98 3.63
C GLU A 47 -1.33 -4.37 4.23
N PHE A 48 -0.85 -5.38 3.57
CA PHE A 48 -0.97 -6.77 4.09
C PHE A 48 0.29 -7.55 3.76
N ASP A 49 0.88 -8.19 4.73
CA ASP A 49 2.14 -8.96 4.47
C ASP A 49 3.16 -8.03 3.85
N MET A 50 3.12 -6.78 4.21
CA MET A 50 4.08 -5.78 3.66
C MET A 50 3.76 -5.56 2.17
N LYS A 51 2.58 -5.92 1.76
CA LYS A 51 2.18 -5.73 0.33
C LYS A 51 0.82 -5.04 0.30
N PRO A 52 0.59 -4.25 -0.73
CA PRO A 52 -0.67 -3.51 -0.87
C PRO A 52 -1.81 -4.48 -1.17
N VAL A 53 -2.98 -4.17 -0.68
CA VAL A 53 -4.15 -5.04 -0.94
C VAL A 53 -5.37 -4.13 -1.18
N CYS A 54 -5.99 -4.25 -2.32
CA CYS A 54 -7.16 -3.37 -2.61
C CYS A 54 -8.26 -3.65 -1.60
N LYS A 55 -9.04 -2.65 -1.28
CA LYS A 55 -10.14 -2.85 -0.29
C LYS A 55 -10.97 -4.08 -0.66
N LYS A 56 -11.05 -4.40 -1.93
CA LYS A 56 -11.82 -5.60 -2.35
C LYS A 56 -11.10 -6.85 -1.84
N CYS A 57 -9.80 -6.88 -1.94
CA CYS A 57 -9.03 -8.06 -1.45
C CYS A 57 -9.09 -8.05 0.08
N TYR A 58 -8.88 -6.89 0.66
CA TYR A 58 -8.94 -6.80 2.15
C TYR A 58 -10.29 -7.34 2.60
N GLU A 59 -11.25 -7.34 1.72
CA GLU A 59 -12.60 -7.85 2.06
C GLU A 59 -12.67 -9.35 1.77
N LYS A 60 -11.83 -9.83 0.89
CA LYS A 60 -11.83 -11.29 0.57
C LYS A 60 -11.38 -12.09 1.80
N PHE A 61 -10.82 -11.43 2.77
CA PHE A 61 -10.37 -12.14 4.01
C PHE A 61 -11.55 -12.20 4.99
N PRO A 62 -11.58 -13.23 5.79
CA PRO A 62 -12.65 -13.41 6.79
C PRO A 62 -12.76 -12.16 7.67
N LEU A 63 -13.96 -11.77 7.98
CA LEU A 63 -14.18 -10.56 8.84
C LEU A 63 -13.22 -10.54 10.03
N GLU A 64 -12.95 -11.69 10.61
CA GLU A 64 -12.03 -11.74 11.78
C GLU A 64 -10.57 -11.67 11.32
N LEU A 65 -10.31 -11.95 10.08
CA LEU A 65 -8.90 -11.90 9.58
C LEU A 65 -8.57 -10.49 9.10
N LYS A 66 -9.46 -9.88 8.36
CA LYS A 66 -9.18 -8.49 7.85
C LYS A 66 -8.80 -7.60 9.03
N LYS A 67 -9.58 -7.62 10.08
CA LYS A 67 -9.25 -6.78 11.27
C LYS A 67 -7.82 -7.09 11.75
N ARG A 68 -7.35 -8.28 11.48
CA ARG A 68 -5.97 -8.67 11.90
C ARG A 68 -4.98 -8.16 10.85
N LEU A 69 -5.34 -8.26 9.60
CA LEU A 69 -4.43 -7.78 8.51
C LEU A 69 -4.36 -6.26 8.58
N LYS A 70 -5.48 -5.62 8.78
CA LYS A 70 -5.48 -4.13 8.89
C LYS A 70 -4.55 -3.73 10.03
N LYS A 71 -4.41 -4.59 11.01
CA LYS A 71 -3.51 -4.27 12.16
C LYS A 71 -2.10 -4.05 11.64
N LEU A 72 -1.80 -4.59 10.49
CA LEU A 72 -0.45 -4.41 9.91
C LEU A 72 -0.33 -2.99 9.35
N ALA A 73 -1.13 -2.66 8.38
CA ALA A 73 -1.08 -1.30 7.77
C ALA A 73 -1.18 -0.21 8.85
N GLU A 74 -1.78 -0.53 9.97
CA GLU A 74 -1.90 0.50 11.06
C GLU A 74 -0.51 0.90 11.56
N THR A 75 0.43 0.00 11.51
CA THR A 75 1.81 0.33 11.96
C THR A 75 2.79 0.08 10.82
N LEU A 76 2.43 -0.81 9.93
CA LEU A 76 3.32 -1.13 8.76
C LEU A 76 2.68 -0.57 7.49
N GLY A 77 2.04 0.56 7.58
CA GLY A 77 1.40 1.17 6.38
C GLY A 77 1.81 2.64 6.28
N ARG A 78 0.88 3.53 6.43
CA ARG A 78 1.20 4.99 6.35
C ARG A 78 1.94 5.40 7.63
N LYS A 79 3.25 5.31 7.62
CA LYS A 79 4.05 5.69 8.83
C LYS A 79 3.64 4.81 10.02
ZN ZN B . -6.93 -6.91 -4.77
ZN ZN C . 8.51 3.54 -7.62
N GLY A 1 5.66 18.24 0.35
CA GLY A 1 6.86 17.39 0.78
C GLY A 1 7.19 16.15 0.02
N SER A 2 6.81 16.10 -1.23
CA SER A 2 7.11 14.89 -2.06
C SER A 2 8.56 14.93 -2.53
N GLY A 3 8.95 13.99 -3.34
CA GLY A 3 10.36 13.95 -3.84
C GLY A 3 11.10 12.80 -3.15
N ASP A 4 10.38 11.98 -2.43
CA ASP A 4 11.00 10.85 -1.71
C ASP A 4 11.40 9.76 -2.72
N VAL A 5 12.15 8.77 -2.28
CA VAL A 5 12.55 7.68 -3.20
C VAL A 5 11.60 6.50 -3.01
N CYS A 6 10.72 6.27 -3.94
CA CYS A 6 9.75 5.14 -3.82
C CYS A 6 10.49 3.86 -3.42
N PHE A 7 10.44 3.51 -2.17
CA PHE A 7 11.13 2.27 -1.70
C PHE A 7 10.79 1.09 -2.62
N HIS A 8 9.68 1.15 -3.29
CA HIS A 8 9.28 0.04 -4.21
C HIS A 8 10.32 -0.08 -5.33
N CYS A 9 10.70 1.02 -5.92
CA CYS A 9 11.71 0.98 -7.01
C CYS A 9 12.99 1.68 -6.54
N ASN A 10 12.95 2.28 -5.38
CA ASN A 10 14.14 2.98 -4.82
C ASN A 10 14.53 4.15 -5.74
N ARG A 11 13.57 4.71 -6.44
CA ARG A 11 13.86 5.85 -7.35
C ARG A 11 13.05 7.07 -6.88
N VAL A 12 13.47 8.25 -7.24
CA VAL A 12 12.72 9.47 -6.82
C VAL A 12 11.25 9.33 -7.24
N ILE A 13 10.34 9.73 -6.39
CA ILE A 13 8.90 9.60 -6.72
C ILE A 13 8.62 10.36 -8.04
N GLU A 14 7.87 9.73 -8.92
CA GLU A 14 7.54 10.39 -10.22
C GLU A 14 6.15 11.01 -10.15
N GLY A 15 5.48 10.82 -9.04
CA GLY A 15 4.10 11.39 -8.89
C GLY A 15 3.82 11.62 -7.41
N ASP A 16 2.76 11.05 -6.90
CA ASP A 16 2.43 11.24 -5.46
C ASP A 16 3.21 10.22 -4.62
N VAL A 17 3.53 10.58 -3.40
CA VAL A 17 4.28 9.64 -2.52
C VAL A 17 3.28 8.80 -1.71
N VAL A 18 3.13 7.55 -2.05
CA VAL A 18 2.18 6.69 -1.30
C VAL A 18 2.89 6.18 -0.03
N SER A 19 2.79 6.92 1.03
CA SER A 19 3.46 6.51 2.30
C SER A 19 2.97 5.12 2.73
N ALA A 20 3.78 4.12 2.51
CA ALA A 20 3.39 2.73 2.90
C ALA A 20 4.52 2.13 3.74
N LEU A 21 4.18 1.40 4.77
CA LEU A 21 5.24 0.79 5.63
C LEU A 21 6.17 1.90 6.15
N ASN A 22 5.65 3.09 6.28
CA ASN A 22 6.48 4.24 6.77
C ASN A 22 7.48 4.65 5.68
N LYS A 23 7.47 3.97 4.56
CA LYS A 23 8.40 4.32 3.46
C LYS A 23 7.62 5.04 2.36
N ALA A 24 8.31 5.54 1.37
CA ALA A 24 7.62 6.25 0.26
C ALA A 24 7.43 5.25 -0.87
N TRP A 25 6.27 5.23 -1.48
CA TRP A 25 6.03 4.26 -2.60
C TRP A 25 5.48 5.00 -3.82
N CYS A 26 5.90 4.58 -5.00
CA CYS A 26 5.42 5.24 -6.25
C CYS A 26 3.98 4.80 -6.53
N VAL A 27 3.19 5.67 -7.08
CA VAL A 27 1.79 5.29 -7.42
C VAL A 27 1.84 4.34 -8.62
N ASN A 28 2.97 4.35 -9.29
CA ASN A 28 3.16 3.48 -10.48
C ASN A 28 3.68 2.11 -10.03
N CYS A 29 4.47 2.10 -8.99
CA CYS A 29 5.04 0.82 -8.49
C CYS A 29 4.07 0.19 -7.48
N PHE A 30 3.57 0.98 -6.58
CA PHE A 30 2.62 0.43 -5.56
C PHE A 30 1.36 -0.08 -6.26
N ALA A 31 1.14 -1.37 -6.23
CA ALA A 31 -0.06 -1.96 -6.88
C ALA A 31 -0.53 -3.18 -6.08
N CYS A 32 -1.83 -3.34 -5.93
CA CYS A 32 -2.38 -4.50 -5.16
C CYS A 32 -1.58 -5.76 -5.48
N SER A 33 -0.70 -6.16 -4.60
CA SER A 33 0.11 -7.38 -4.87
C SER A 33 -0.81 -8.59 -4.98
N THR A 34 -2.06 -8.44 -4.63
CA THR A 34 -3.02 -9.57 -4.71
C THR A 34 -3.89 -9.43 -5.97
N CYS A 35 -3.74 -8.35 -6.70
CA CYS A 35 -4.56 -8.17 -7.94
C CYS A 35 -3.73 -7.47 -9.03
N ASN A 36 -2.51 -7.11 -8.73
CA ASN A 36 -1.67 -6.39 -9.74
C ASN A 36 -2.37 -5.08 -10.13
N THR A 37 -3.38 -4.72 -9.38
CA THR A 37 -4.12 -3.47 -9.67
C THR A 37 -3.29 -2.28 -9.22
N LYS A 38 -2.97 -1.38 -10.13
CA LYS A 38 -2.16 -0.19 -9.76
C LYS A 38 -2.77 0.49 -8.54
N LEU A 39 -1.98 0.78 -7.55
CA LEU A 39 -2.52 1.43 -6.32
C LEU A 39 -2.48 2.95 -6.49
N THR A 40 -3.56 3.61 -6.13
CA THR A 40 -3.61 5.10 -6.25
C THR A 40 -4.29 5.67 -5.00
N LEU A 41 -3.89 6.84 -4.59
CA LEU A 41 -4.52 7.47 -3.38
C LEU A 41 -6.03 7.58 -3.60
N LYS A 42 -6.46 7.55 -4.83
CA LYS A 42 -7.91 7.65 -5.14
C LYS A 42 -8.54 6.26 -5.01
N ASN A 43 -7.79 5.23 -5.31
CA ASN A 43 -8.32 3.84 -5.20
C ASN A 43 -8.37 3.42 -3.73
N LYS A 44 -9.17 2.43 -3.42
CA LYS A 44 -9.26 1.94 -2.01
C LYS A 44 -8.33 0.73 -1.85
N PHE A 45 -7.43 0.78 -0.90
CA PHE A 45 -6.48 -0.35 -0.70
C PHE A 45 -6.07 -0.44 0.76
N VAL A 46 -5.26 -1.41 1.09
CA VAL A 46 -4.79 -1.58 2.49
C VAL A 46 -3.39 -2.22 2.48
N GLU A 47 -2.67 -2.14 3.57
CA GLU A 47 -1.31 -2.75 3.62
C GLU A 47 -1.41 -4.09 4.33
N PHE A 48 -0.90 -5.13 3.72
CA PHE A 48 -0.97 -6.48 4.35
C PHE A 48 0.35 -7.22 4.11
N ASP A 49 0.92 -7.76 5.16
CA ASP A 49 2.22 -8.50 4.99
C ASP A 49 3.22 -7.56 4.33
N MET A 50 3.11 -6.29 4.61
CA MET A 50 4.04 -5.29 4.01
C MET A 50 3.79 -5.19 2.51
N LYS A 51 2.62 -5.60 2.08
CA LYS A 51 2.28 -5.52 0.64
C LYS A 51 0.89 -4.89 0.50
N PRO A 52 0.68 -4.17 -0.58
CA PRO A 52 -0.60 -3.50 -0.83
C PRO A 52 -1.68 -4.52 -1.17
N VAL A 53 -2.87 -4.29 -0.72
CA VAL A 53 -3.99 -5.22 -0.99
C VAL A 53 -5.24 -4.38 -1.30
N CYS A 54 -5.81 -4.54 -2.46
CA CYS A 54 -7.01 -3.73 -2.82
C CYS A 54 -8.13 -4.05 -1.83
N LYS A 55 -8.97 -3.09 -1.57
CA LYS A 55 -10.09 -3.31 -0.61
C LYS A 55 -10.86 -4.58 -0.97
N LYS A 56 -10.87 -4.94 -2.23
CA LYS A 56 -11.57 -6.19 -2.65
C LYS A 56 -10.81 -7.38 -2.09
N CYS A 57 -9.50 -7.34 -2.14
CA CYS A 57 -8.69 -8.46 -1.60
C CYS A 57 -8.77 -8.41 -0.07
N TYR A 58 -8.64 -7.23 0.49
CA TYR A 58 -8.72 -7.09 1.97
C TYR A 58 -10.04 -7.72 2.43
N GLU A 59 -11.00 -7.79 1.54
CA GLU A 59 -12.31 -8.38 1.90
C GLU A 59 -12.28 -9.89 1.63
N LYS A 60 -11.40 -10.32 0.77
CA LYS A 60 -11.30 -11.78 0.46
C LYS A 60 -10.82 -12.53 1.72
N PHE A 61 -10.30 -11.81 2.68
CA PHE A 61 -9.83 -12.47 3.94
C PHE A 61 -11.00 -12.58 4.91
N PRO A 62 -10.97 -13.58 5.75
CA PRO A 62 -12.03 -13.80 6.74
C PRO A 62 -12.21 -12.55 7.60
N LEU A 63 -13.43 -12.21 7.91
CA LEU A 63 -13.72 -11.01 8.72
C LEU A 63 -12.76 -10.91 9.92
N GLU A 64 -12.44 -12.03 10.52
CA GLU A 64 -11.52 -12.02 11.70
C GLU A 64 -10.06 -11.85 11.24
N LEU A 65 -9.78 -12.14 10.00
CA LEU A 65 -8.38 -12.00 9.50
C LEU A 65 -8.14 -10.58 8.98
N LYS A 66 -9.07 -10.04 8.22
CA LYS A 66 -8.88 -8.66 7.68
C LYS A 66 -8.56 -7.71 8.83
N LYS A 67 -9.33 -7.75 9.89
CA LYS A 67 -9.06 -6.84 11.04
C LYS A 67 -7.61 -7.05 11.53
N ARG A 68 -7.06 -8.22 11.30
CA ARG A 68 -5.65 -8.47 11.73
C ARG A 68 -4.69 -7.89 10.69
N LEU A 69 -5.01 -8.01 9.43
CA LEU A 69 -4.11 -7.44 8.38
C LEU A 69 -4.19 -5.92 8.44
N LYS A 70 -5.38 -5.39 8.55
CA LYS A 70 -5.52 -3.91 8.65
C LYS A 70 -4.72 -3.42 9.85
N LYS A 71 -4.52 -4.29 10.82
CA LYS A 71 -3.74 -3.91 12.02
C LYS A 71 -2.31 -3.55 11.59
N LEU A 72 -1.95 -3.94 10.39
CA LEU A 72 -0.59 -3.63 9.87
C LEU A 72 -0.62 -2.27 9.16
N ALA A 73 -1.54 -2.10 8.25
CA ALA A 73 -1.65 -0.81 7.50
C ALA A 73 -1.82 0.37 8.46
N GLU A 74 -2.26 0.12 9.67
CA GLU A 74 -2.44 1.26 10.63
C GLU A 74 -1.13 1.51 11.36
N THR A 75 -0.23 0.55 11.35
CA THR A 75 1.08 0.73 12.04
C THR A 75 2.18 0.90 10.99
N LEU A 76 2.07 0.19 9.90
CA LEU A 76 3.10 0.29 8.82
C LEU A 76 2.54 1.11 7.66
N GLY A 77 1.41 0.72 7.14
CA GLY A 77 0.79 1.47 6.01
C GLY A 77 0.52 2.92 6.44
N ARG A 78 0.54 3.84 5.51
CA ARG A 78 0.28 5.26 5.86
C ARG A 78 1.16 5.67 7.05
N LYS A 79 2.40 5.23 7.04
CA LYS A 79 3.35 5.56 8.16
C LYS A 79 2.62 5.49 9.51
ZN ZN B . -6.55 -7.28 -4.90
ZN ZN C . 8.55 3.72 -7.48
N GLY A 1 5.75 14.37 -6.96
CA GLY A 1 5.67 14.35 -5.42
C GLY A 1 6.71 15.07 -4.63
N SER A 2 6.94 14.64 -3.42
CA SER A 2 7.96 15.32 -2.56
C SER A 2 9.36 15.13 -3.17
N GLY A 3 9.58 14.00 -3.81
CA GLY A 3 10.91 13.74 -4.43
C GLY A 3 11.59 12.57 -3.72
N ASP A 4 10.86 11.85 -2.90
CA ASP A 4 11.45 10.69 -2.18
C ASP A 4 11.76 9.56 -3.17
N VAL A 5 12.49 8.57 -2.73
CA VAL A 5 12.82 7.43 -3.65
C VAL A 5 11.83 6.30 -3.37
N CYS A 6 10.93 6.06 -4.29
CA CYS A 6 9.92 4.98 -4.10
C CYS A 6 10.62 3.69 -3.67
N PHE A 7 10.57 3.37 -2.40
CA PHE A 7 11.23 2.13 -1.90
C PHE A 7 10.81 0.93 -2.76
N HIS A 8 9.68 1.03 -3.43
CA HIS A 8 9.22 -0.09 -4.28
C HIS A 8 10.18 -0.30 -5.45
N CYS A 9 10.62 0.77 -6.07
CA CYS A 9 11.56 0.65 -7.22
C CYS A 9 12.91 1.27 -6.84
N ASN A 10 12.97 1.92 -5.71
CA ASN A 10 14.25 2.55 -5.25
C ASN A 10 14.62 3.69 -6.21
N ARG A 11 13.65 4.31 -6.81
CA ARG A 11 13.93 5.43 -7.76
C ARG A 11 13.16 6.67 -7.31
N VAL A 12 13.60 7.83 -7.73
CA VAL A 12 12.90 9.09 -7.33
C VAL A 12 11.41 8.95 -7.66
N ILE A 13 10.56 9.44 -6.79
CA ILE A 13 9.09 9.33 -7.04
C ILE A 13 8.75 9.97 -8.39
N GLU A 14 8.09 9.24 -9.25
CA GLU A 14 7.72 9.79 -10.58
C GLU A 14 6.34 10.44 -10.50
N GLY A 15 5.67 10.26 -9.39
CA GLY A 15 4.32 10.87 -9.21
C GLY A 15 4.12 11.24 -7.74
N ASP A 16 3.02 10.86 -7.17
CA ASP A 16 2.76 11.20 -5.73
C ASP A 16 3.51 10.20 -4.84
N VAL A 17 3.92 10.64 -3.68
CA VAL A 17 4.66 9.72 -2.76
C VAL A 17 3.65 8.97 -1.88
N VAL A 18 3.46 7.70 -2.15
CA VAL A 18 2.51 6.90 -1.33
C VAL A 18 3.23 6.40 -0.09
N SER A 19 3.21 7.18 0.96
CA SER A 19 3.90 6.77 2.22
C SER A 19 3.36 5.42 2.71
N ALA A 20 4.11 4.37 2.50
CA ALA A 20 3.66 3.02 2.95
C ALA A 20 4.79 2.38 3.77
N LEU A 21 4.47 1.67 4.81
CA LEU A 21 5.53 1.03 5.65
C LEU A 21 6.52 2.11 6.11
N ASN A 22 6.06 3.34 6.20
CA ASN A 22 6.95 4.48 6.63
C ASN A 22 7.92 4.80 5.50
N LYS A 23 7.86 4.09 4.41
CA LYS A 23 8.78 4.37 3.26
C LYS A 23 7.99 5.10 2.17
N ALA A 24 8.67 5.56 1.16
CA ALA A 24 7.97 6.26 0.04
C ALA A 24 7.69 5.24 -1.06
N TRP A 25 6.51 5.26 -1.63
CA TRP A 25 6.19 4.27 -2.70
C TRP A 25 5.60 4.99 -3.92
N CYS A 26 5.98 4.57 -5.10
CA CYS A 26 5.46 5.20 -6.34
C CYS A 26 4.00 4.79 -6.54
N VAL A 27 3.19 5.66 -7.07
CA VAL A 27 1.76 5.30 -7.31
C VAL A 27 1.73 4.30 -8.46
N ASN A 28 2.80 4.25 -9.21
CA ASN A 28 2.89 3.32 -10.37
C ASN A 28 3.42 1.97 -9.89
N CYS A 29 4.32 1.99 -8.94
CA CYS A 29 4.89 0.72 -8.41
C CYS A 29 3.97 0.16 -7.33
N PHE A 30 3.52 1.00 -6.44
CA PHE A 30 2.62 0.54 -5.35
C PHE A 30 1.29 0.06 -5.95
N ALA A 31 1.05 -1.23 -5.92
CA ALA A 31 -0.20 -1.78 -6.49
C ALA A 31 -0.66 -2.97 -5.64
N CYS A 32 -1.93 -3.03 -5.30
CA CYS A 32 -2.44 -4.16 -4.46
C CYS A 32 -1.81 -5.48 -4.92
N SER A 33 -0.88 -5.99 -4.16
CA SER A 33 -0.22 -7.27 -4.54
C SER A 33 -1.22 -8.42 -4.41
N THR A 34 -2.41 -8.13 -3.97
CA THR A 34 -3.44 -9.21 -3.81
C THR A 34 -4.24 -9.35 -5.11
N CYS A 35 -4.29 -8.33 -5.92
CA CYS A 35 -5.05 -8.41 -7.20
C CYS A 35 -4.37 -7.57 -8.29
N ASN A 36 -3.22 -7.03 -7.99
CA ASN A 36 -2.46 -6.20 -8.99
C ASN A 36 -3.16 -4.86 -9.22
N THR A 37 -4.14 -4.51 -8.43
CA THR A 37 -4.82 -3.19 -8.63
C THR A 37 -3.85 -2.06 -8.30
N LYS A 38 -3.57 -1.20 -9.23
CA LYS A 38 -2.63 -0.08 -8.98
C LYS A 38 -3.08 0.72 -7.76
N LEU A 39 -2.17 1.05 -6.88
CA LEU A 39 -2.53 1.82 -5.66
C LEU A 39 -2.27 3.31 -5.90
N THR A 40 -3.18 4.15 -5.48
CA THR A 40 -3.01 5.62 -5.67
C THR A 40 -3.51 6.35 -4.42
N LEU A 41 -3.04 7.56 -4.20
CA LEU A 41 -3.50 8.32 -2.99
C LEU A 41 -5.03 8.47 -3.06
N LYS A 42 -5.58 8.33 -4.24
CA LYS A 42 -7.05 8.44 -4.42
C LYS A 42 -7.70 7.12 -4.00
N ASN A 43 -7.03 6.02 -4.27
CA ASN A 43 -7.58 4.69 -3.89
C ASN A 43 -7.46 4.50 -2.38
N LYS A 44 -8.30 3.67 -1.81
CA LYS A 44 -8.24 3.42 -0.34
C LYS A 44 -7.95 1.94 -0.09
N PHE A 45 -6.69 1.57 -0.15
CA PHE A 45 -6.32 0.14 0.06
C PHE A 45 -5.73 -0.03 1.47
N VAL A 46 -5.09 -1.13 1.74
CA VAL A 46 -4.50 -1.35 3.10
C VAL A 46 -3.18 -2.10 2.96
N GLU A 47 -2.43 -2.24 4.03
CA GLU A 47 -1.14 -2.97 3.96
C GLU A 47 -1.32 -4.37 4.53
N PHE A 48 -0.67 -5.34 3.95
CA PHE A 48 -0.80 -6.74 4.45
C PHE A 48 0.47 -7.51 4.11
N ASP A 49 1.09 -8.14 5.08
CA ASP A 49 2.33 -8.90 4.81
C ASP A 49 3.35 -7.94 4.16
N MET A 50 3.29 -6.69 4.55
CA MET A 50 4.22 -5.67 3.98
C MET A 50 3.86 -5.42 2.52
N LYS A 51 2.71 -5.87 2.11
CA LYS A 51 2.28 -5.67 0.69
C LYS A 51 0.90 -4.99 0.70
N PRO A 52 0.65 -4.16 -0.27
CA PRO A 52 -0.62 -3.44 -0.37
C PRO A 52 -1.77 -4.40 -0.66
N VAL A 53 -2.94 -4.07 -0.19
CA VAL A 53 -4.12 -4.94 -0.43
C VAL A 53 -5.33 -4.01 -0.64
N CYS A 54 -5.91 -4.04 -1.80
CA CYS A 54 -7.07 -3.15 -2.10
C CYS A 54 -8.23 -3.47 -1.16
N LYS A 55 -9.01 -2.47 -0.83
CA LYS A 55 -10.17 -2.67 0.08
C LYS A 55 -10.99 -3.88 -0.37
N LYS A 56 -11.01 -4.15 -1.65
CA LYS A 56 -11.78 -5.32 -2.16
C LYS A 56 -11.04 -6.59 -1.76
N CYS A 57 -9.73 -6.58 -1.86
CA CYS A 57 -8.93 -7.77 -1.47
C CYS A 57 -8.88 -7.84 0.05
N TYR A 58 -8.78 -6.70 0.69
CA TYR A 58 -8.76 -6.67 2.17
C TYR A 58 -10.06 -7.26 2.69
N GLU A 59 -11.07 -7.27 1.85
CA GLU A 59 -12.38 -7.82 2.25
C GLU A 59 -12.42 -9.32 1.94
N LYS A 60 -11.55 -9.78 1.07
CA LYS A 60 -11.53 -11.22 0.71
C LYS A 60 -11.08 -12.04 1.94
N PHE A 61 -10.51 -11.37 2.92
CA PHE A 61 -10.06 -12.09 4.14
C PHE A 61 -11.24 -12.15 5.12
N PRO A 62 -11.26 -13.17 5.95
CA PRO A 62 -12.33 -13.34 6.94
C PRO A 62 -12.47 -12.09 7.80
N LEU A 63 -13.67 -11.70 8.08
CA LEU A 63 -13.92 -10.48 8.92
C LEU A 63 -12.98 -10.44 10.13
N GLU A 64 -12.71 -11.58 10.72
CA GLU A 64 -11.83 -11.62 11.91
C GLU A 64 -10.35 -11.54 11.49
N LEU A 65 -10.06 -11.84 10.25
CA LEU A 65 -8.64 -11.78 9.78
C LEU A 65 -8.32 -10.37 9.27
N LYS A 66 -9.20 -9.78 8.51
CA LYS A 66 -8.93 -8.41 7.98
C LYS A 66 -8.57 -7.48 9.15
N LYS A 67 -9.37 -7.47 10.18
CA LYS A 67 -9.07 -6.59 11.35
C LYS A 67 -7.68 -6.94 11.89
N ARG A 68 -7.23 -8.15 11.68
CA ARG A 68 -5.87 -8.55 12.17
C ARG A 68 -4.83 -8.12 11.14
N LEU A 69 -5.15 -8.21 9.88
CA LEU A 69 -4.17 -7.82 8.82
C LEU A 69 -4.08 -6.29 8.79
N LYS A 70 -5.18 -5.61 8.91
CA LYS A 70 -5.16 -4.12 8.91
C LYS A 70 -4.26 -3.66 10.06
N LYS A 71 -4.17 -4.47 11.09
CA LYS A 71 -3.30 -4.10 12.26
C LYS A 71 -1.86 -3.96 11.78
N LEU A 72 -1.53 -4.62 10.70
CA LEU A 72 -0.15 -4.53 10.14
C LEU A 72 0.05 -3.14 9.56
N ALA A 73 -0.81 -2.73 8.67
CA ALA A 73 -0.69 -1.38 8.06
C ALA A 73 -0.59 -0.32 9.16
N GLU A 74 -1.17 -0.59 10.31
CA GLU A 74 -1.10 0.39 11.43
C GLU A 74 0.28 0.30 12.10
N THR A 75 0.88 -0.86 12.09
CA THR A 75 2.22 -1.02 12.71
C THR A 75 3.31 -0.82 11.63
N LEU A 76 3.01 -1.18 10.41
CA LEU A 76 4.01 -1.02 9.31
C LEU A 76 4.10 0.46 8.93
N GLY A 77 3.00 1.06 8.57
CA GLY A 77 3.03 2.50 8.18
C GLY A 77 1.75 2.86 7.42
N ARG A 78 1.82 2.89 6.11
CA ARG A 78 0.62 3.23 5.29
C ARG A 78 0.02 4.56 5.79
N LYS A 79 0.73 5.64 5.62
CA LYS A 79 0.21 6.96 6.07
C LYS A 79 -0.01 6.94 7.60
ZN ZN B . -6.69 -6.32 -4.42
ZN ZN C . 8.53 3.52 -7.65
N GLY A 1 5.79 18.93 -1.67
CA GLY A 1 5.37 17.69 -0.89
C GLY A 1 5.67 16.34 -1.45
N SER A 2 6.65 16.24 -2.31
CA SER A 2 7.02 14.93 -2.92
C SER A 2 8.46 14.98 -3.43
N GLY A 3 8.90 13.93 -4.07
CA GLY A 3 10.30 13.90 -4.59
C GLY A 3 11.10 12.84 -3.85
N ASP A 4 10.44 12.02 -3.09
CA ASP A 4 11.14 10.95 -2.33
C ASP A 4 11.53 9.81 -3.27
N VAL A 5 12.31 8.86 -2.78
CA VAL A 5 12.71 7.72 -3.64
C VAL A 5 11.78 6.54 -3.36
N CYS A 6 10.90 6.25 -4.28
CA CYS A 6 9.95 5.11 -4.08
C CYS A 6 10.72 3.87 -3.63
N PHE A 7 10.69 3.57 -2.36
CA PHE A 7 11.41 2.38 -1.83
C PHE A 7 11.06 1.14 -2.67
N HIS A 8 9.91 1.16 -3.30
CA HIS A 8 9.50 -0.01 -4.13
C HIS A 8 10.49 -0.20 -5.28
N CYS A 9 10.95 0.88 -5.85
CA CYS A 9 11.94 0.79 -6.97
C CYS A 9 13.22 1.53 -6.57
N ASN A 10 13.19 2.20 -5.45
CA ASN A 10 14.39 2.95 -4.97
C ASN A 10 14.74 4.05 -5.97
N ARG A 11 13.77 4.54 -6.69
CA ARG A 11 14.03 5.64 -7.68
C ARG A 11 13.22 6.87 -7.28
N VAL A 12 13.63 8.02 -7.72
CA VAL A 12 12.88 9.27 -7.37
C VAL A 12 11.42 9.11 -7.77
N ILE A 13 10.51 9.54 -6.93
CA ILE A 13 9.06 9.40 -7.25
C ILE A 13 8.77 10.06 -8.61
N GLU A 14 8.00 9.40 -9.43
CA GLU A 14 7.67 9.97 -10.77
C GLU A 14 6.28 10.61 -10.71
N GLY A 15 5.62 10.50 -9.59
CA GLY A 15 4.27 11.10 -9.45
C GLY A 15 4.01 11.42 -7.97
N ASP A 16 2.96 10.88 -7.41
CA ASP A 16 2.66 11.15 -5.97
C ASP A 16 3.46 10.19 -5.10
N VAL A 17 3.77 10.59 -3.90
CA VAL A 17 4.54 9.71 -2.98
C VAL A 17 3.57 8.94 -2.09
N VAL A 18 3.39 7.67 -2.34
CA VAL A 18 2.46 6.87 -1.49
C VAL A 18 3.22 6.44 -0.25
N SER A 19 3.18 7.24 0.78
CA SER A 19 3.90 6.89 2.03
C SER A 19 3.31 5.63 2.67
N ALA A 20 3.95 4.52 2.48
CA ALA A 20 3.45 3.24 3.07
C ALA A 20 4.59 2.60 3.86
N LEU A 21 4.29 1.90 4.92
CA LEU A 21 5.37 1.28 5.74
C LEU A 21 6.34 2.37 6.18
N ASN A 22 5.87 3.60 6.23
CA ASN A 22 6.74 4.75 6.64
C ASN A 22 7.78 5.03 5.55
N LYS A 23 7.64 4.39 4.41
CA LYS A 23 8.61 4.63 3.30
C LYS A 23 7.88 5.29 2.14
N ALA A 24 8.60 5.73 1.14
CA ALA A 24 7.95 6.37 -0.03
C ALA A 24 7.71 5.30 -1.10
N TRP A 25 6.55 5.31 -1.73
CA TRP A 25 6.26 4.29 -2.77
C TRP A 25 5.70 4.96 -4.02
N CYS A 26 6.12 4.51 -5.18
CA CYS A 26 5.61 5.11 -6.45
C CYS A 26 4.18 4.66 -6.68
N VAL A 27 3.36 5.50 -7.26
CA VAL A 27 1.96 5.08 -7.53
C VAL A 27 1.99 4.07 -8.67
N ASN A 28 3.08 4.04 -9.38
CA ASN A 28 3.25 3.09 -10.52
C ASN A 28 3.79 1.77 -9.99
N CYS A 29 4.66 1.83 -9.01
CA CYS A 29 5.24 0.59 -8.43
C CYS A 29 4.30 0.04 -7.36
N PHE A 30 3.83 0.89 -6.49
CA PHE A 30 2.90 0.43 -5.42
C PHE A 30 1.61 -0.09 -6.05
N ALA A 31 1.40 -1.38 -5.98
CA ALA A 31 0.16 -1.97 -6.56
C ALA A 31 -0.33 -3.11 -5.66
N CYS A 32 -1.61 -3.18 -5.40
CA CYS A 32 -2.15 -4.26 -4.52
C CYS A 32 -1.53 -5.60 -4.93
N SER A 33 -0.62 -6.10 -4.14
CA SER A 33 0.04 -7.40 -4.47
C SER A 33 -0.98 -8.53 -4.34
N THR A 34 -2.19 -8.22 -3.93
CA THR A 34 -3.22 -9.28 -3.76
C THR A 34 -4.01 -9.44 -5.07
N CYS A 35 -3.90 -8.47 -5.96
CA CYS A 35 -4.63 -8.57 -7.26
C CYS A 35 -3.88 -7.80 -8.36
N ASN A 36 -2.71 -7.30 -8.05
CA ASN A 36 -1.91 -6.53 -9.05
C ASN A 36 -2.60 -5.21 -9.41
N THR A 37 -3.61 -4.82 -8.66
CA THR A 37 -4.31 -3.55 -8.97
C THR A 37 -3.38 -2.38 -8.63
N LYS A 38 -3.08 -1.54 -9.58
CA LYS A 38 -2.18 -0.38 -9.32
C LYS A 38 -2.71 0.39 -8.12
N LEU A 39 -1.84 0.72 -7.19
CA LEU A 39 -2.30 1.46 -5.98
C LEU A 39 -2.14 2.97 -6.20
N THR A 40 -3.12 3.73 -5.80
CA THR A 40 -3.05 5.21 -5.96
C THR A 40 -3.64 5.87 -4.71
N LEU A 41 -3.14 7.03 -4.35
CA LEU A 41 -3.68 7.73 -3.14
C LEU A 41 -5.20 7.95 -3.31
N LYS A 42 -5.66 7.88 -4.53
CA LYS A 42 -7.12 8.08 -4.80
C LYS A 42 -7.85 6.74 -4.61
N ASN A 43 -7.17 5.66 -4.89
CA ASN A 43 -7.80 4.31 -4.74
C ASN A 43 -7.84 3.92 -3.26
N LYS A 44 -8.72 3.01 -2.91
CA LYS A 44 -8.81 2.55 -1.49
C LYS A 44 -7.96 1.29 -1.32
N PHE A 45 -7.07 1.30 -0.36
CA PHE A 45 -6.19 0.10 -0.16
C PHE A 45 -5.79 -0.02 1.31
N VAL A 46 -5.08 -1.07 1.63
CA VAL A 46 -4.62 -1.29 3.03
C VAL A 46 -3.28 -2.03 2.99
N GLU A 47 -2.62 -2.20 4.12
CA GLU A 47 -1.32 -2.91 4.12
C GLU A 47 -1.51 -4.34 4.64
N PHE A 48 -0.78 -5.28 4.10
CA PHE A 48 -0.92 -6.69 4.56
C PHE A 48 0.38 -7.44 4.27
N ASP A 49 0.93 -8.09 5.26
CA ASP A 49 2.20 -8.84 5.04
C ASP A 49 3.24 -7.89 4.46
N MET A 50 3.16 -6.65 4.85
CA MET A 50 4.13 -5.62 4.33
C MET A 50 3.85 -5.40 2.85
N LYS A 51 2.71 -5.84 2.38
CA LYS A 51 2.35 -5.65 0.95
C LYS A 51 0.99 -4.95 0.88
N PRO A 52 0.79 -4.15 -0.13
CA PRO A 52 -0.47 -3.41 -0.29
C PRO A 52 -1.62 -4.37 -0.62
N VAL A 53 -2.79 -4.03 -0.18
CA VAL A 53 -3.99 -4.87 -0.46
C VAL A 53 -5.16 -3.93 -0.77
N CYS A 54 -5.67 -3.97 -1.97
CA CYS A 54 -6.81 -3.07 -2.34
C CYS A 54 -8.01 -3.41 -1.47
N LYS A 55 -8.83 -2.42 -1.18
CA LYS A 55 -10.02 -2.67 -0.32
C LYS A 55 -10.84 -3.84 -0.86
N LYS A 56 -10.77 -4.09 -2.15
CA LYS A 56 -11.54 -5.23 -2.72
C LYS A 56 -10.85 -6.54 -2.31
N CYS A 57 -9.55 -6.56 -2.31
CA CYS A 57 -8.81 -7.78 -1.89
C CYS A 57 -8.90 -7.89 -0.37
N TYR A 58 -8.78 -6.78 0.31
CA TYR A 58 -8.88 -6.78 1.79
C TYR A 58 -10.24 -7.34 2.17
N GLU A 59 -11.16 -7.29 1.25
CA GLU A 59 -12.53 -7.80 1.52
C GLU A 59 -12.61 -9.28 1.16
N LYS A 60 -11.70 -9.76 0.35
CA LYS A 60 -11.72 -11.20 -0.03
C LYS A 60 -11.41 -12.06 1.19
N PHE A 61 -10.90 -11.45 2.24
CA PHE A 61 -10.58 -12.21 3.48
C PHE A 61 -11.83 -12.24 4.37
N PRO A 62 -11.95 -13.27 5.17
CA PRO A 62 -13.10 -13.42 6.08
C PRO A 62 -13.21 -12.18 6.97
N LEU A 63 -14.42 -11.74 7.20
CA LEU A 63 -14.65 -10.53 8.04
C LEU A 63 -13.78 -10.57 9.31
N GLU A 64 -13.60 -11.74 9.88
CA GLU A 64 -12.77 -11.85 11.12
C GLU A 64 -11.28 -11.85 10.78
N LEU A 65 -10.93 -12.13 9.55
CA LEU A 65 -9.49 -12.14 9.17
C LEU A 65 -9.05 -10.75 8.71
N LYS A 66 -9.88 -10.08 7.94
CA LYS A 66 -9.51 -8.72 7.45
C LYS A 66 -9.11 -7.85 8.65
N LYS A 67 -9.94 -7.81 9.66
CA LYS A 67 -9.62 -7.00 10.87
C LYS A 67 -8.25 -7.41 11.40
N ARG A 68 -7.85 -8.64 11.16
CA ARG A 68 -6.52 -9.12 11.66
C ARG A 68 -5.44 -8.64 10.69
N LEU A 69 -5.75 -8.54 9.42
CA LEU A 69 -4.74 -8.07 8.43
C LEU A 69 -4.64 -6.55 8.50
N LYS A 70 -5.77 -5.88 8.61
CA LYS A 70 -5.74 -4.39 8.69
C LYS A 70 -4.95 -3.98 9.94
N LYS A 71 -4.90 -4.84 10.92
CA LYS A 71 -4.13 -4.52 12.16
C LYS A 71 -2.66 -4.34 11.79
N LEU A 72 -2.24 -4.96 10.72
CA LEU A 72 -0.83 -4.82 10.27
C LEU A 72 -0.62 -3.37 9.81
N ALA A 73 -1.43 -2.92 8.90
CA ALA A 73 -1.31 -1.51 8.42
C ALA A 73 -1.25 -0.58 9.63
N GLU A 74 -1.93 -0.95 10.69
CA GLU A 74 -1.93 -0.12 11.93
C GLU A 74 -0.59 -0.31 12.63
N THR A 75 -0.13 -1.54 12.71
CA THR A 75 1.17 -1.82 13.36
C THR A 75 2.29 -1.24 12.50
N LEU A 76 2.17 -1.37 11.20
CA LEU A 76 3.22 -0.81 10.29
C LEU A 76 3.13 0.71 10.34
N GLY A 77 2.25 1.31 9.56
CA GLY A 77 2.12 2.80 9.62
C GLY A 77 2.00 3.43 8.23
N ARG A 78 0.83 3.42 7.64
CA ARG A 78 0.66 4.06 6.31
C ARG A 78 0.76 5.58 6.49
N LYS A 79 1.96 6.10 6.52
CA LYS A 79 2.13 7.58 6.72
C LYS A 79 1.68 8.34 5.46
ZN ZN B . -6.37 -6.32 -4.63
ZN ZN C . 8.76 3.50 -7.63
N GLY A 1 5.46 14.71 -6.44
CA GLY A 1 5.64 15.55 -5.17
C GLY A 1 6.58 15.07 -4.11
N SER A 2 6.88 15.92 -3.14
CA SER A 2 7.82 15.51 -2.04
C SER A 2 9.22 15.29 -2.61
N GLY A 3 9.44 14.17 -3.25
CA GLY A 3 10.79 13.89 -3.84
C GLY A 3 11.41 12.66 -3.15
N ASP A 4 10.63 11.92 -2.40
CA ASP A 4 11.17 10.73 -1.71
C ASP A 4 11.52 9.64 -2.73
N VAL A 5 12.30 8.67 -2.34
CA VAL A 5 12.66 7.57 -3.29
C VAL A 5 11.72 6.40 -3.06
N CYS A 6 10.81 6.17 -3.97
CA CYS A 6 9.85 5.05 -3.80
C CYS A 6 10.60 3.76 -3.45
N PHE A 7 10.60 3.39 -2.20
CA PHE A 7 11.31 2.14 -1.76
C PHE A 7 10.95 0.98 -2.69
N HIS A 8 9.80 1.04 -3.31
CA HIS A 8 9.38 -0.06 -4.23
C HIS A 8 10.37 -0.16 -5.39
N CYS A 9 10.72 0.96 -5.98
CA CYS A 9 11.69 0.94 -7.12
C CYS A 9 12.99 1.61 -6.68
N ASN A 10 12.99 2.22 -5.52
CA ASN A 10 14.21 2.92 -5.00
C ASN A 10 14.56 4.07 -5.92
N ARG A 11 13.58 4.63 -6.58
CA ARG A 11 13.83 5.79 -7.49
C ARG A 11 13.05 7.01 -6.99
N VAL A 12 13.47 8.19 -7.36
CA VAL A 12 12.74 9.41 -6.91
C VAL A 12 11.27 9.29 -7.28
N ILE A 13 10.39 9.66 -6.39
CA ILE A 13 8.93 9.56 -6.67
C ILE A 13 8.60 10.35 -7.95
N GLU A 14 8.00 9.70 -8.91
CA GLU A 14 7.65 10.38 -10.19
C GLU A 14 6.23 10.94 -10.08
N GLY A 15 5.53 10.61 -9.03
CA GLY A 15 4.13 11.12 -8.86
C GLY A 15 3.89 11.46 -7.39
N ASP A 16 2.93 10.84 -6.77
CA ASP A 16 2.65 11.12 -5.34
C ASP A 16 3.35 10.07 -4.47
N VAL A 17 3.90 10.49 -3.37
CA VAL A 17 4.60 9.53 -2.46
C VAL A 17 3.57 8.74 -1.66
N VAL A 18 3.44 7.47 -1.94
CA VAL A 18 2.45 6.64 -1.19
C VAL A 18 3.18 6.06 0.02
N SER A 19 3.18 6.77 1.12
CA SER A 19 3.88 6.26 2.32
C SER A 19 3.29 4.92 2.74
N ALA A 20 4.05 3.88 2.60
CA ALA A 20 3.59 2.52 2.98
C ALA A 20 4.69 1.85 3.80
N LEU A 21 4.34 1.09 4.80
CA LEU A 21 5.37 0.43 5.64
C LEU A 21 6.31 1.50 6.21
N ASN A 22 5.83 2.73 6.30
CA ASN A 22 6.67 3.85 6.82
C ASN A 22 7.68 4.30 5.75
N LYS A 23 7.74 3.58 4.66
CA LYS A 23 8.68 3.96 3.56
C LYS A 23 7.91 4.74 2.50
N ALA A 24 8.59 5.29 1.53
CA ALA A 24 7.90 6.04 0.45
C ALA A 24 7.68 5.10 -0.72
N TRP A 25 6.52 5.11 -1.31
CA TRP A 25 6.26 4.18 -2.46
C TRP A 25 5.69 4.97 -3.65
N CYS A 26 5.97 4.52 -4.84
CA CYS A 26 5.46 5.23 -6.06
C CYS A 26 4.01 4.80 -6.31
N VAL A 27 3.21 5.67 -6.84
CA VAL A 27 1.79 5.28 -7.13
C VAL A 27 1.81 4.35 -8.34
N ASN A 28 2.90 4.37 -9.07
CA ASN A 28 3.04 3.50 -10.26
C ASN A 28 3.61 2.14 -9.85
N CYS A 29 4.47 2.13 -8.86
CA CYS A 29 5.07 0.85 -8.39
C CYS A 29 4.15 0.21 -7.35
N PHE A 30 3.68 1.00 -6.42
CA PHE A 30 2.79 0.46 -5.36
C PHE A 30 1.49 -0.03 -6.00
N ALA A 31 1.28 -1.33 -6.02
CA ALA A 31 0.05 -1.90 -6.63
C ALA A 31 -0.41 -3.11 -5.80
N CYS A 32 -1.69 -3.19 -5.52
CA CYS A 32 -2.23 -4.33 -4.71
C CYS A 32 -1.58 -5.64 -5.18
N SER A 33 -0.66 -6.17 -4.42
CA SER A 33 0.00 -7.44 -4.82
C SER A 33 -0.99 -8.60 -4.71
N THR A 34 -2.19 -8.32 -4.29
CA THR A 34 -3.21 -9.41 -4.16
C THR A 34 -4.00 -9.54 -5.47
N CYS A 35 -4.04 -8.51 -6.27
CA CYS A 35 -4.78 -8.58 -7.56
C CYS A 35 -4.08 -7.74 -8.63
N ASN A 36 -2.92 -7.21 -8.32
CA ASN A 36 -2.14 -6.38 -9.29
C ASN A 36 -2.82 -5.03 -9.55
N THR A 37 -3.83 -4.69 -8.79
CA THR A 37 -4.50 -3.37 -9.00
C THR A 37 -3.53 -2.25 -8.59
N LYS A 38 -3.24 -1.36 -9.50
CA LYS A 38 -2.31 -0.23 -9.18
C LYS A 38 -2.82 0.54 -7.96
N LEU A 39 -1.93 0.86 -7.05
CA LEU A 39 -2.35 1.61 -5.83
C LEU A 39 -2.08 3.10 -6.03
N THR A 40 -3.00 3.93 -5.62
CA THR A 40 -2.80 5.41 -5.77
C THR A 40 -3.36 6.10 -4.52
N LEU A 41 -2.83 7.26 -4.18
CA LEU A 41 -3.34 7.98 -2.98
C LEU A 41 -4.83 8.30 -3.21
N LYS A 42 -5.26 8.23 -4.44
CA LYS A 42 -6.69 8.49 -4.76
C LYS A 42 -7.51 7.25 -4.42
N ASN A 43 -6.91 6.09 -4.59
CA ASN A 43 -7.62 4.83 -4.27
C ASN A 43 -7.58 4.59 -2.75
N LYS A 44 -8.18 3.52 -2.29
CA LYS A 44 -8.18 3.24 -0.82
C LYS A 44 -7.85 1.77 -0.58
N PHE A 45 -6.60 1.41 -0.62
CA PHE A 45 -6.21 -0.02 -0.38
C PHE A 45 -5.67 -0.16 1.05
N VAL A 46 -5.00 -1.24 1.33
CA VAL A 46 -4.45 -1.45 2.70
C VAL A 46 -3.11 -2.18 2.63
N GLU A 47 -2.43 -2.32 3.73
CA GLU A 47 -1.11 -3.03 3.74
C GLU A 47 -1.30 -4.41 4.37
N PHE A 48 -0.71 -5.42 3.78
CA PHE A 48 -0.85 -6.80 4.33
C PHE A 48 0.42 -7.58 4.07
N ASP A 49 1.00 -8.16 5.10
CA ASP A 49 2.26 -8.93 4.90
C ASP A 49 3.30 -8.01 4.25
N MET A 50 3.24 -6.75 4.56
CA MET A 50 4.19 -5.77 3.97
C MET A 50 3.89 -5.60 2.48
N LYS A 51 2.72 -6.02 2.07
CA LYS A 51 2.32 -5.90 0.63
C LYS A 51 0.96 -5.20 0.57
N PRO A 52 0.78 -4.36 -0.42
CA PRO A 52 -0.48 -3.62 -0.58
C PRO A 52 -1.62 -4.58 -0.89
N VAL A 53 -2.81 -4.23 -0.47
CA VAL A 53 -4.00 -5.09 -0.74
C VAL A 53 -5.19 -4.17 -0.98
N CYS A 54 -5.74 -4.21 -2.15
CA CYS A 54 -6.89 -3.31 -2.47
C CYS A 54 -8.07 -3.64 -1.56
N LYS A 55 -8.87 -2.66 -1.25
CA LYS A 55 -10.04 -2.86 -0.36
C LYS A 55 -10.84 -4.08 -0.82
N LYS A 56 -10.84 -4.36 -2.10
CA LYS A 56 -11.59 -5.54 -2.62
C LYS A 56 -10.87 -6.82 -2.15
N CYS A 57 -9.56 -6.84 -2.27
CA CYS A 57 -8.79 -8.03 -1.82
C CYS A 57 -8.82 -8.07 -0.29
N TYR A 58 -8.71 -6.93 0.33
CA TYR A 58 -8.75 -6.87 1.83
C TYR A 58 -10.10 -7.42 2.28
N GLU A 59 -11.06 -7.43 1.40
CA GLU A 59 -12.41 -7.94 1.75
C GLU A 59 -12.45 -9.45 1.51
N LYS A 60 -11.54 -9.96 0.70
CA LYS A 60 -11.52 -11.42 0.42
C LYS A 60 -11.12 -12.18 1.70
N PHE A 61 -10.62 -11.48 2.68
CA PHE A 61 -10.22 -12.15 3.96
C PHE A 61 -11.44 -12.20 4.88
N PRO A 62 -11.50 -13.21 5.71
CA PRO A 62 -12.61 -13.36 6.67
C PRO A 62 -12.76 -12.10 7.52
N LEU A 63 -13.97 -11.69 7.76
CA LEU A 63 -14.23 -10.46 8.57
C LEU A 63 -13.32 -10.43 9.81
N GLU A 64 -13.09 -11.57 10.42
CA GLU A 64 -12.23 -11.60 11.64
C GLU A 64 -10.75 -11.55 11.25
N LEU A 65 -10.42 -11.86 10.03
CA LEU A 65 -8.98 -11.83 9.61
C LEU A 65 -8.60 -10.44 9.10
N LYS A 66 -9.44 -9.85 8.27
CA LYS A 66 -9.11 -8.50 7.73
C LYS A 66 -8.77 -7.56 8.89
N LYS A 67 -9.60 -7.52 9.91
CA LYS A 67 -9.32 -6.62 11.06
C LYS A 67 -7.91 -6.94 11.62
N ARG A 68 -7.46 -8.15 11.47
CA ARG A 68 -6.11 -8.51 11.98
C ARG A 68 -5.06 -8.07 10.95
N LEU A 69 -5.37 -8.20 9.69
CA LEU A 69 -4.41 -7.77 8.63
C LEU A 69 -4.34 -6.25 8.64
N LYS A 70 -5.46 -5.60 8.82
CA LYS A 70 -5.46 -4.11 8.87
C LYS A 70 -4.51 -3.66 9.97
N LYS A 71 -4.36 -4.47 10.99
CA LYS A 71 -3.45 -4.10 12.12
C LYS A 71 -2.04 -3.89 11.56
N LEU A 72 -1.73 -4.55 10.48
CA LEU A 72 -0.38 -4.38 9.86
C LEU A 72 -0.30 -3.00 9.23
N ALA A 73 -1.25 -2.67 8.40
CA ALA A 73 -1.25 -1.32 7.74
C ALA A 73 -1.29 -0.23 8.82
N GLU A 74 -1.74 -0.56 10.00
CA GLU A 74 -1.80 0.47 11.08
C GLU A 74 -0.43 0.57 11.76
N THR A 75 0.28 -0.51 11.84
CA THR A 75 1.63 -0.49 12.49
C THR A 75 2.70 -0.31 11.40
N LEU A 76 2.46 -0.83 10.23
CA LEU A 76 3.46 -0.70 9.13
C LEU A 76 2.93 0.26 8.07
N GLY A 77 1.79 -0.04 7.50
CA GLY A 77 1.20 0.83 6.44
C GLY A 77 1.26 2.30 6.88
N ARG A 78 1.51 3.20 5.96
CA ARG A 78 1.58 4.63 6.31
C ARG A 78 0.62 5.42 5.42
N LYS A 79 -0.04 4.76 4.50
CA LYS A 79 -1.01 5.45 3.59
C LYS A 79 -0.30 6.56 2.81
ZN ZN B . -6.48 -6.49 -4.75
ZN ZN C . 8.55 3.73 -7.41
N GLY A 1 5.59 18.60 -0.92
CA GLY A 1 6.78 17.77 -0.44
C GLY A 1 7.11 16.49 -1.13
N SER A 2 6.75 16.38 -2.39
CA SER A 2 7.05 15.13 -3.15
C SER A 2 8.50 15.15 -3.62
N GLY A 3 8.90 14.17 -4.40
CA GLY A 3 10.30 14.11 -4.89
C GLY A 3 11.05 13.02 -4.12
N ASP A 4 10.33 12.25 -3.33
CA ASP A 4 10.97 11.17 -2.54
C ASP A 4 11.35 10.00 -3.46
N VAL A 5 12.12 9.07 -2.96
CA VAL A 5 12.51 7.91 -3.80
C VAL A 5 11.57 6.73 -3.49
N CYS A 6 10.67 6.43 -4.39
CA CYS A 6 9.72 5.32 -4.17
C CYS A 6 10.47 4.08 -3.67
N PHE A 7 10.42 3.81 -2.39
CA PHE A 7 11.13 2.62 -1.83
C PHE A 7 10.76 1.37 -2.64
N HIS A 8 9.64 1.39 -3.31
CA HIS A 8 9.22 0.21 -4.12
C HIS A 8 10.20 0.00 -5.28
N CYS A 9 10.61 1.05 -5.93
CA CYS A 9 11.56 0.91 -7.08
C CYS A 9 12.88 1.61 -6.73
N ASN A 10 12.90 2.33 -5.63
CA ASN A 10 14.14 3.05 -5.20
C ASN A 10 14.47 4.14 -6.22
N ARG A 11 13.45 4.70 -6.84
CA ARG A 11 13.69 5.77 -7.85
C ARG A 11 12.89 7.02 -7.44
N VAL A 12 13.31 8.17 -7.88
CA VAL A 12 12.57 9.42 -7.54
C VAL A 12 11.09 9.26 -7.91
N ILE A 13 10.20 9.71 -7.06
CA ILE A 13 8.75 9.56 -7.36
C ILE A 13 8.44 10.18 -8.73
N GLU A 14 7.71 9.48 -9.55
CA GLU A 14 7.35 10.01 -10.90
C GLU A 14 5.97 10.67 -10.85
N GLY A 15 5.31 10.58 -9.72
CA GLY A 15 3.96 11.18 -9.59
C GLY A 15 3.72 11.54 -8.12
N ASP A 16 2.69 10.99 -7.53
CA ASP A 16 2.40 11.31 -6.09
C ASP A 16 3.20 10.35 -5.19
N VAL A 17 3.53 10.80 -4.01
CA VAL A 17 4.30 9.93 -3.07
C VAL A 17 3.33 9.18 -2.17
N VAL A 18 3.15 7.90 -2.40
CA VAL A 18 2.22 7.11 -1.55
C VAL A 18 2.97 6.69 -0.28
N SER A 19 2.93 7.51 0.73
CA SER A 19 3.65 7.18 2.00
C SER A 19 3.08 5.89 2.59
N ALA A 20 3.78 4.80 2.41
CA ALA A 20 3.31 3.49 2.96
C ALA A 20 4.45 2.88 3.79
N LEU A 21 4.13 2.17 4.83
CA LEU A 21 5.20 1.57 5.68
C LEU A 21 6.17 2.67 6.12
N ASN A 22 5.69 3.90 6.15
CA ASN A 22 6.56 5.06 6.56
C ASN A 22 7.56 5.37 5.46
N LYS A 23 7.48 4.67 4.35
CA LYS A 23 8.43 4.93 3.22
C LYS A 23 7.66 5.60 2.07
N ALA A 24 8.36 6.04 1.06
CA ALA A 24 7.68 6.67 -0.10
C ALA A 24 7.44 5.60 -1.16
N TRP A 25 6.27 5.57 -1.75
CA TRP A 25 6.00 4.52 -2.78
C TRP A 25 5.41 5.17 -4.04
N CYS A 26 5.83 4.72 -5.20
CA CYS A 26 5.31 5.28 -6.47
C CYS A 26 3.87 4.81 -6.67
N VAL A 27 3.05 5.64 -7.26
CA VAL A 27 1.63 5.22 -7.50
C VAL A 27 1.66 4.18 -8.62
N ASN A 28 2.74 4.15 -9.36
CA ASN A 28 2.88 3.19 -10.47
C ASN A 28 3.46 1.88 -9.95
N CYS A 29 4.33 1.96 -8.98
CA CYS A 29 4.95 0.72 -8.39
C CYS A 29 4.02 0.17 -7.31
N PHE A 30 3.53 1.03 -6.45
CA PHE A 30 2.62 0.57 -5.36
C PHE A 30 1.33 0.02 -5.96
N ALA A 31 1.16 -1.27 -5.91
CA ALA A 31 -0.07 -1.91 -6.48
C ALA A 31 -0.47 -3.09 -5.59
N CYS A 32 -1.74 -3.23 -5.29
CA CYS A 32 -2.20 -4.37 -4.43
C CYS A 32 -1.48 -5.65 -4.85
N SER A 33 -0.55 -6.10 -4.06
CA SER A 33 0.20 -7.35 -4.39
C SER A 33 -0.74 -8.55 -4.28
N THR A 34 -1.96 -8.33 -3.86
CA THR A 34 -2.92 -9.45 -3.72
C THR A 34 -3.68 -9.66 -5.04
N CYS A 35 -3.76 -8.66 -5.86
CA CYS A 35 -4.49 -8.81 -7.16
C CYS A 35 -3.81 -7.95 -8.25
N ASN A 36 -2.70 -7.34 -7.92
CA ASN A 36 -1.95 -6.49 -8.91
C ASN A 36 -2.72 -5.20 -9.21
N THR A 37 -3.74 -4.89 -8.46
CA THR A 37 -4.49 -3.63 -8.73
C THR A 37 -3.60 -2.43 -8.39
N LYS A 38 -3.36 -1.58 -9.35
CA LYS A 38 -2.49 -0.40 -9.11
C LYS A 38 -3.02 0.41 -7.91
N LEU A 39 -2.14 0.83 -7.04
CA LEU A 39 -2.56 1.61 -5.85
C LEU A 39 -2.38 3.10 -6.12
N THR A 40 -3.39 3.89 -5.86
CA THR A 40 -3.29 5.35 -6.09
C THR A 40 -3.84 6.10 -4.87
N LEU A 41 -3.47 7.34 -4.69
CA LEU A 41 -3.99 8.12 -3.53
C LEU A 41 -5.52 8.17 -3.61
N LYS A 42 -6.05 7.94 -4.78
CA LYS A 42 -7.53 7.96 -4.95
C LYS A 42 -8.09 6.61 -4.49
N ASN A 43 -7.34 5.56 -4.66
CA ASN A 43 -7.81 4.21 -4.23
C ASN A 43 -7.68 4.08 -2.71
N LYS A 44 -8.40 3.17 -2.12
CA LYS A 44 -8.32 2.98 -0.63
C LYS A 44 -7.98 1.52 -0.34
N PHE A 45 -6.71 1.19 -0.35
CA PHE A 45 -6.29 -0.22 -0.08
C PHE A 45 -5.75 -0.33 1.35
N VAL A 46 -5.10 -1.42 1.67
CA VAL A 46 -4.54 -1.60 3.05
C VAL A 46 -3.17 -2.28 2.96
N GLU A 47 -2.46 -2.36 4.06
CA GLU A 47 -1.12 -3.02 4.03
C GLU A 47 -1.23 -4.43 4.60
N PHE A 48 -0.45 -5.34 4.09
CA PHE A 48 -0.49 -6.75 4.59
C PHE A 48 0.85 -7.42 4.30
N ASP A 49 1.48 -7.96 5.30
CA ASP A 49 2.81 -8.63 5.08
C ASP A 49 3.73 -7.62 4.40
N MET A 50 3.57 -6.37 4.74
CA MET A 50 4.41 -5.29 4.13
C MET A 50 4.03 -5.13 2.67
N LYS A 51 2.93 -5.71 2.27
CA LYS A 51 2.47 -5.59 0.85
C LYS A 51 1.08 -4.98 0.84
N PRO A 52 0.80 -4.18 -0.14
CA PRO A 52 -0.51 -3.52 -0.26
C PRO A 52 -1.61 -4.54 -0.58
N VAL A 53 -2.80 -4.28 -0.13
CA VAL A 53 -3.94 -5.20 -0.39
C VAL A 53 -5.17 -4.33 -0.67
N CYS A 54 -5.71 -4.42 -1.86
CA CYS A 54 -6.90 -3.58 -2.20
C CYS A 54 -8.06 -3.93 -1.28
N LYS A 55 -8.89 -2.96 -0.99
CA LYS A 55 -10.06 -3.19 -0.09
C LYS A 55 -10.84 -4.44 -0.57
N LYS A 56 -10.80 -4.71 -1.85
CA LYS A 56 -11.52 -5.92 -2.37
C LYS A 56 -10.74 -7.17 -1.93
N CYS A 57 -9.45 -7.12 -2.01
CA CYS A 57 -8.62 -8.29 -1.57
C CYS A 57 -8.67 -8.35 -0.05
N TYR A 58 -8.62 -7.21 0.59
CA TYR A 58 -8.69 -7.18 2.08
C TYR A 58 -10.01 -7.81 2.52
N GLU A 59 -10.95 -7.87 1.62
CA GLU A 59 -12.28 -8.47 1.94
C GLU A 59 -12.24 -9.97 1.65
N LYS A 60 -11.33 -10.40 0.82
CA LYS A 60 -11.23 -11.85 0.49
C LYS A 60 -10.78 -12.63 1.73
N PHE A 61 -10.31 -11.94 2.74
CA PHE A 61 -9.86 -12.63 3.97
C PHE A 61 -11.03 -12.74 4.95
N PRO A 62 -11.02 -13.77 5.76
CA PRO A 62 -12.09 -13.97 6.76
C PRO A 62 -12.25 -12.73 7.63
N LEU A 63 -13.47 -12.40 7.94
CA LEU A 63 -13.76 -11.20 8.78
C LEU A 63 -12.82 -11.15 9.99
N GLU A 64 -12.50 -12.27 10.56
CA GLU A 64 -11.60 -12.31 11.75
C GLU A 64 -10.13 -12.15 11.31
N LEU A 65 -9.84 -12.40 10.06
CA LEU A 65 -8.43 -12.27 9.58
C LEU A 65 -8.18 -10.85 9.10
N LYS A 66 -9.11 -10.27 8.39
CA LYS A 66 -8.92 -8.88 7.89
C LYS A 66 -8.65 -7.95 9.07
N LYS A 67 -9.46 -8.04 10.10
CA LYS A 67 -9.24 -7.17 11.29
C LYS A 67 -7.82 -7.39 11.83
N ARG A 68 -7.28 -8.57 11.61
CA ARG A 68 -5.89 -8.86 12.08
C ARG A 68 -4.90 -8.36 11.02
N LEU A 69 -5.27 -8.49 9.77
CA LEU A 69 -4.40 -8.04 8.66
C LEU A 69 -4.30 -6.50 8.72
N LYS A 70 -5.42 -5.84 8.78
CA LYS A 70 -5.39 -4.34 8.85
C LYS A 70 -4.54 -3.91 10.06
N LYS A 71 -4.45 -4.77 11.05
CA LYS A 71 -3.62 -4.43 12.25
C LYS A 71 -2.18 -4.23 11.80
N LEU A 72 -1.79 -4.86 10.72
CA LEU A 72 -0.41 -4.72 10.21
C LEU A 72 -0.24 -3.31 9.65
N ALA A 73 -1.11 -2.90 8.77
CA ALA A 73 -1.02 -1.54 8.18
C ALA A 73 -0.93 -0.50 9.30
N GLU A 74 -1.49 -0.80 10.45
CA GLU A 74 -1.43 0.14 11.60
C GLU A 74 -0.05 0.08 12.25
N THR A 75 0.57 -1.07 12.22
CA THR A 75 1.92 -1.21 12.83
C THR A 75 2.99 -0.98 11.75
N LEU A 76 2.70 -1.31 10.52
CA LEU A 76 3.68 -1.11 9.42
C LEU A 76 3.79 0.38 9.10
N GLY A 77 2.71 1.00 8.70
CA GLY A 77 2.77 2.46 8.37
C GLY A 77 1.48 2.88 7.68
N ARG A 78 1.37 2.62 6.40
CA ARG A 78 0.14 3.02 5.64
C ARG A 78 -0.08 4.52 5.78
N LYS A 79 0.97 5.25 6.09
CA LYS A 79 0.84 6.72 6.25
C LYS A 79 2.23 7.37 6.10
ZN ZN B . -6.30 -6.76 -4.43
ZN ZN C . 8.45 3.66 -7.66
N GLY A 1 5.56 19.50 -2.66
CA GLY A 1 5.27 18.42 -1.62
C GLY A 1 5.58 16.99 -1.94
N SER A 2 6.53 16.76 -2.81
CA SER A 2 6.88 15.36 -3.17
C SER A 2 8.30 15.34 -3.75
N GLY A 3 8.78 14.18 -4.13
CA GLY A 3 10.16 14.06 -4.70
C GLY A 3 10.92 12.97 -3.95
N ASP A 4 10.23 12.18 -3.17
CA ASP A 4 10.90 11.09 -2.41
C ASP A 4 11.32 9.97 -3.36
N VAL A 5 12.13 9.06 -2.88
CA VAL A 5 12.58 7.92 -3.74
C VAL A 5 11.69 6.71 -3.44
N CYS A 6 10.82 6.37 -4.36
CA CYS A 6 9.91 5.20 -4.15
C CYS A 6 10.72 3.99 -3.68
N PHE A 7 10.67 3.71 -2.40
CA PHE A 7 11.43 2.54 -1.85
C PHE A 7 11.12 1.29 -2.68
N HIS A 8 9.99 1.27 -3.34
CA HIS A 8 9.62 0.09 -4.17
C HIS A 8 10.63 -0.09 -5.30
N CYS A 9 11.02 0.99 -5.94
CA CYS A 9 11.99 0.90 -7.07
C CYS A 9 13.27 1.65 -6.70
N ASN A 10 13.25 2.35 -5.58
CA ASN A 10 14.46 3.12 -5.14
C ASN A 10 14.73 4.24 -6.14
N ARG A 11 13.71 4.74 -6.79
CA ARG A 11 13.91 5.84 -7.78
C ARG A 11 13.05 7.03 -7.37
N VAL A 12 13.39 8.20 -7.83
CA VAL A 12 12.60 9.41 -7.48
C VAL A 12 11.13 9.18 -7.86
N ILE A 13 10.23 9.60 -7.02
CA ILE A 13 8.78 9.41 -7.29
C ILE A 13 8.43 10.04 -8.64
N GLU A 14 7.83 9.29 -9.52
CA GLU A 14 7.45 9.83 -10.86
C GLU A 14 6.00 10.34 -10.82
N GLY A 15 5.33 10.11 -9.73
CA GLY A 15 3.91 10.58 -9.60
C GLY A 15 3.66 11.04 -8.16
N ASP A 16 2.74 10.41 -7.48
CA ASP A 16 2.45 10.81 -6.08
C ASP A 16 3.22 9.91 -5.11
N VAL A 17 3.72 10.46 -4.05
CA VAL A 17 4.49 9.64 -3.06
C VAL A 17 3.50 8.84 -2.20
N VAL A 18 3.34 7.57 -2.48
CA VAL A 18 2.41 6.75 -1.67
C VAL A 18 3.12 6.33 -0.38
N SER A 19 3.02 7.13 0.64
CA SER A 19 3.71 6.79 1.92
C SER A 19 3.21 5.44 2.45
N ALA A 20 4.00 4.42 2.28
CA ALA A 20 3.60 3.06 2.76
C ALA A 20 4.71 2.52 3.66
N LEU A 21 4.34 1.86 4.73
CA LEU A 21 5.39 1.31 5.65
C LEU A 21 6.32 2.44 6.08
N ASN A 22 5.81 3.65 6.11
CA ASN A 22 6.64 4.84 6.51
C ASN A 22 7.64 5.17 5.39
N LYS A 23 7.69 4.36 4.36
CA LYS A 23 8.63 4.64 3.24
C LYS A 23 7.86 5.31 2.10
N ALA A 24 8.56 5.76 1.10
CA ALA A 24 7.88 6.40 -0.06
C ALA A 24 7.69 5.35 -1.15
N TRP A 25 6.54 5.30 -1.77
CA TRP A 25 6.31 4.27 -2.83
C TRP A 25 5.74 4.93 -4.08
N CYS A 26 6.09 4.42 -5.24
CA CYS A 26 5.58 4.99 -6.52
C CYS A 26 4.16 4.50 -6.75
N VAL A 27 3.32 5.31 -7.34
CA VAL A 27 1.93 4.86 -7.61
C VAL A 27 2.00 3.83 -8.74
N ASN A 28 3.10 3.82 -9.44
CA ASN A 28 3.29 2.86 -10.57
C ASN A 28 3.87 1.56 -10.02
N CYS A 29 4.75 1.66 -9.05
CA CYS A 29 5.36 0.44 -8.46
C CYS A 29 4.44 -0.12 -7.37
N PHE A 30 3.93 0.74 -6.53
CA PHE A 30 3.02 0.28 -5.45
C PHE A 30 1.72 -0.26 -6.06
N ALA A 31 1.51 -1.55 -5.99
CA ALA A 31 0.28 -2.15 -6.57
C ALA A 31 -0.18 -3.29 -5.66
N CYS A 32 -1.47 -3.36 -5.37
CA CYS A 32 -1.99 -4.44 -4.50
C CYS A 32 -1.36 -5.77 -4.89
N SER A 33 -0.46 -6.28 -4.09
CA SER A 33 0.21 -7.57 -4.41
C SER A 33 -0.79 -8.72 -4.26
N THR A 34 -2.00 -8.42 -3.85
CA THR A 34 -3.02 -9.49 -3.67
C THR A 34 -3.82 -9.66 -4.98
N CYS A 35 -3.72 -8.71 -5.87
CA CYS A 35 -4.49 -8.81 -7.16
C CYS A 35 -3.77 -8.02 -8.27
N ASN A 36 -2.60 -7.50 -7.98
CA ASN A 36 -1.83 -6.73 -9.00
C ASN A 36 -2.55 -5.41 -9.33
N THR A 37 -3.55 -5.04 -8.57
CA THR A 37 -4.26 -3.76 -8.86
C THR A 37 -3.32 -2.59 -8.55
N LYS A 38 -3.05 -1.78 -9.53
CA LYS A 38 -2.13 -0.61 -9.30
C LYS A 38 -2.63 0.19 -8.09
N LEU A 39 -1.74 0.54 -7.20
CA LEU A 39 -2.15 1.29 -5.99
C LEU A 39 -1.93 2.79 -6.18
N THR A 40 -2.82 3.58 -5.66
CA THR A 40 -2.69 5.07 -5.79
C THR A 40 -3.21 5.72 -4.51
N LEU A 41 -2.68 6.85 -4.14
CA LEU A 41 -3.14 7.54 -2.90
C LEU A 41 -4.65 7.81 -3.00
N LYS A 42 -5.16 7.90 -4.20
CA LYS A 42 -6.61 8.14 -4.38
C LYS A 42 -7.37 6.81 -4.29
N ASN A 43 -6.76 5.75 -4.72
CA ASN A 43 -7.42 4.41 -4.66
C ASN A 43 -7.49 3.94 -3.20
N LYS A 44 -8.37 3.01 -2.92
CA LYS A 44 -8.51 2.49 -1.53
C LYS A 44 -7.64 1.24 -1.39
N PHE A 45 -6.85 1.16 -0.35
CA PHE A 45 -5.96 -0.02 -0.18
C PHE A 45 -5.54 -0.14 1.29
N VAL A 46 -4.81 -1.18 1.61
CA VAL A 46 -4.33 -1.39 3.01
C VAL A 46 -2.96 -2.07 2.95
N GLU A 47 -2.30 -2.22 4.08
CA GLU A 47 -0.97 -2.89 4.08
C GLU A 47 -1.11 -4.27 4.74
N PHE A 48 -0.47 -5.26 4.19
CA PHE A 48 -0.56 -6.64 4.77
C PHE A 48 0.74 -7.37 4.51
N ASP A 49 1.35 -7.92 5.54
CA ASP A 49 2.63 -8.65 5.34
C ASP A 49 3.63 -7.71 4.65
N MET A 50 3.52 -6.44 4.95
CA MET A 50 4.43 -5.44 4.32
C MET A 50 4.11 -5.32 2.83
N LYS A 51 2.99 -5.86 2.42
CA LYS A 51 2.59 -5.78 0.99
C LYS A 51 1.23 -5.08 0.91
N PRO A 52 1.03 -4.32 -0.13
CA PRO A 52 -0.23 -3.58 -0.31
C PRO A 52 -1.37 -4.52 -0.64
N VAL A 53 -2.55 -4.21 -0.17
CA VAL A 53 -3.74 -5.06 -0.47
C VAL A 53 -4.92 -4.12 -0.75
N CYS A 54 -5.45 -4.18 -1.94
CA CYS A 54 -6.58 -3.27 -2.29
C CYS A 54 -7.77 -3.59 -1.39
N LYS A 55 -8.59 -2.60 -1.12
CA LYS A 55 -9.77 -2.81 -0.24
C LYS A 55 -10.58 -4.02 -0.71
N LYS A 56 -10.56 -4.30 -1.99
CA LYS A 56 -11.33 -5.48 -2.51
C LYS A 56 -10.62 -6.76 -2.04
N CYS A 57 -9.32 -6.78 -2.09
CA CYS A 57 -8.58 -7.99 -1.64
C CYS A 57 -8.62 -8.03 -0.11
N TYR A 58 -8.47 -6.89 0.52
CA TYR A 58 -8.53 -6.84 2.00
C TYR A 58 -9.90 -7.37 2.45
N GLU A 59 -10.85 -7.36 1.55
CA GLU A 59 -12.21 -7.85 1.88
C GLU A 59 -12.29 -9.35 1.59
N LYS A 60 -11.39 -9.86 0.80
CA LYS A 60 -11.40 -11.31 0.48
C LYS A 60 -11.06 -12.12 1.74
N PHE A 61 -10.55 -11.47 2.76
CA PHE A 61 -10.21 -12.19 4.03
C PHE A 61 -11.44 -12.16 4.94
N PRO A 62 -11.57 -13.18 5.77
CA PRO A 62 -12.69 -13.27 6.71
C PRO A 62 -12.75 -12.01 7.58
N LEU A 63 -13.94 -11.53 7.85
CA LEU A 63 -14.10 -10.31 8.69
C LEU A 63 -13.19 -10.36 9.91
N GLU A 64 -13.02 -11.52 10.49
CA GLU A 64 -12.15 -11.66 11.70
C GLU A 64 -10.67 -11.66 11.30
N LEU A 65 -10.36 -11.95 10.07
CA LEU A 65 -8.93 -11.99 9.64
C LEU A 65 -8.49 -10.59 9.15
N LYS A 66 -9.30 -9.95 8.35
CA LYS A 66 -8.92 -8.60 7.83
C LYS A 66 -8.54 -7.69 9.00
N LYS A 67 -9.34 -7.66 10.03
CA LYS A 67 -9.04 -6.80 11.20
C LYS A 67 -7.62 -7.10 11.71
N ARG A 68 -7.10 -8.27 11.41
CA ARG A 68 -5.72 -8.61 11.87
C ARG A 68 -4.69 -8.03 10.89
N LEU A 69 -4.97 -8.10 9.61
CA LEU A 69 -4.02 -7.56 8.62
C LEU A 69 -4.04 -6.04 8.68
N LYS A 70 -5.20 -5.45 8.73
CA LYS A 70 -5.29 -3.96 8.83
C LYS A 70 -4.57 -3.51 10.09
N LYS A 71 -4.46 -4.38 11.06
CA LYS A 71 -3.76 -4.04 12.32
C LYS A 71 -2.28 -3.77 12.01
N LEU A 72 -1.83 -4.20 10.85
CA LEU A 72 -0.42 -3.98 10.47
C LEU A 72 -0.30 -2.61 9.78
N ALA A 73 -1.08 -2.38 8.77
CA ALA A 73 -1.04 -1.07 8.04
C ALA A 73 -1.07 0.10 9.03
N GLU A 74 -1.78 -0.05 10.11
CA GLU A 74 -1.85 1.04 11.13
C GLU A 74 -0.57 1.05 11.96
N THR A 75 -0.01 -0.11 12.19
CA THR A 75 1.25 -0.19 12.99
C THR A 75 2.44 0.13 12.07
N LEU A 76 2.36 -0.25 10.83
CA LEU A 76 3.47 0.02 9.87
C LEU A 76 3.46 1.50 9.49
N GLY A 77 2.66 1.87 8.53
CA GLY A 77 2.60 3.31 8.10
C GLY A 77 1.94 3.42 6.73
N ARG A 78 0.68 3.06 6.64
CA ARG A 78 -0.03 3.14 5.33
C ARG A 78 -0.45 4.60 5.06
N LYS A 79 -0.30 5.05 3.85
CA LYS A 79 -0.68 6.46 3.50
C LYS A 79 0.10 7.45 4.38
ZN ZN B . -6.21 -6.55 -4.54
ZN ZN C . 8.77 3.49 -7.68
N GLY A 1 6.66 18.89 -1.21
CA GLY A 1 6.30 17.67 -0.36
C GLY A 1 6.54 16.30 -0.89
N SER A 2 7.46 16.18 -1.82
CA SER A 2 7.76 14.84 -2.41
C SER A 2 9.22 14.81 -2.88
N GLY A 3 9.63 13.71 -3.48
CA GLY A 3 11.03 13.59 -3.96
C GLY A 3 11.73 12.44 -3.24
N ASP A 4 10.98 11.65 -2.51
CA ASP A 4 11.58 10.52 -1.77
C ASP A 4 11.95 9.40 -2.75
N VAL A 5 12.63 8.39 -2.28
CA VAL A 5 13.02 7.26 -3.17
C VAL A 5 12.04 6.11 -2.94
N CYS A 6 11.15 5.88 -3.88
CA CYS A 6 10.16 4.76 -3.72
C CYS A 6 10.88 3.48 -3.33
N PHE A 7 10.82 3.11 -2.08
CA PHE A 7 11.49 1.87 -1.62
C PHE A 7 11.05 0.68 -2.48
N HIS A 8 9.91 0.79 -3.11
CA HIS A 8 9.42 -0.32 -3.98
C HIS A 8 10.40 -0.54 -5.14
N CYS A 9 10.97 0.53 -5.65
CA CYS A 9 11.95 0.40 -6.77
C CYS A 9 13.27 1.06 -6.39
N ASN A 10 13.31 1.70 -5.25
CA ASN A 10 14.55 2.38 -4.77
C ASN A 10 14.91 3.53 -5.73
N ARG A 11 13.93 4.09 -6.38
CA ARG A 11 14.20 5.21 -7.33
C ARG A 11 13.44 6.46 -6.86
N VAL A 12 13.89 7.61 -7.25
CA VAL A 12 13.20 8.87 -6.83
C VAL A 12 11.72 8.79 -7.23
N ILE A 13 10.84 9.26 -6.38
CA ILE A 13 9.39 9.21 -6.71
C ILE A 13 9.11 9.98 -7.99
N GLU A 14 8.32 9.41 -8.87
CA GLU A 14 8.00 10.11 -10.15
C GLU A 14 6.63 10.76 -10.05
N GLY A 15 5.95 10.56 -8.96
CA GLY A 15 4.60 11.15 -8.77
C GLY A 15 4.36 11.42 -7.29
N ASP A 16 3.24 10.98 -6.76
CA ASP A 16 2.96 11.20 -5.32
C ASP A 16 3.74 10.20 -4.48
N VAL A 17 4.08 10.56 -3.27
CA VAL A 17 4.84 9.65 -2.39
C VAL A 17 3.86 8.86 -1.51
N VAL A 18 3.62 7.62 -1.82
CA VAL A 18 2.68 6.81 -0.99
C VAL A 18 3.44 6.29 0.22
N SER A 19 3.45 7.04 1.29
CA SER A 19 4.18 6.60 2.51
C SER A 19 3.59 5.28 3.02
N ALA A 20 4.24 4.19 2.74
CA ALA A 20 3.75 2.86 3.21
C ALA A 20 4.84 2.20 4.05
N LEU A 21 4.46 1.53 5.11
CA LEU A 21 5.48 0.88 5.98
C LEU A 21 6.50 1.93 6.43
N ASN A 22 6.08 3.17 6.51
CA ASN A 22 7.00 4.29 6.92
C ASN A 22 8.00 4.57 5.80
N LYS A 23 7.93 3.84 4.73
CA LYS A 23 8.87 4.06 3.59
C LYS A 23 8.14 4.81 2.48
N ALA A 24 8.86 5.25 1.49
CA ALA A 24 8.21 5.97 0.35
C ALA A 24 7.92 4.96 -0.76
N TRP A 25 6.76 5.03 -1.36
CA TRP A 25 6.42 4.06 -2.44
C TRP A 25 5.90 4.81 -3.66
N CYS A 26 6.31 4.38 -4.83
CA CYS A 26 5.85 5.04 -6.10
C CYS A 26 4.38 4.69 -6.34
N VAL A 27 3.63 5.60 -6.89
CA VAL A 27 2.21 5.28 -7.20
C VAL A 27 2.19 4.32 -8.37
N ASN A 28 3.30 4.24 -9.07
CA ASN A 28 3.41 3.33 -10.24
C ASN A 28 3.85 1.94 -9.76
N CYS A 29 4.68 1.90 -8.74
CA CYS A 29 5.16 0.59 -8.22
C CYS A 29 4.17 0.05 -7.19
N PHE A 30 3.71 0.90 -6.31
CA PHE A 30 2.73 0.46 -5.26
C PHE A 30 1.43 0.01 -5.94
N ALA A 31 1.15 -1.28 -5.91
CA ALA A 31 -0.10 -1.80 -6.55
C ALA A 31 -0.58 -3.03 -5.77
N CYS A 32 -1.87 -3.18 -5.61
CA CYS A 32 -2.42 -4.37 -4.87
C CYS A 32 -1.61 -5.62 -5.21
N SER A 33 -0.74 -6.03 -4.32
CA SER A 33 0.10 -7.24 -4.60
C SER A 33 -0.81 -8.46 -4.79
N THR A 34 -2.08 -8.31 -4.48
CA THR A 34 -3.01 -9.46 -4.64
C THR A 34 -3.87 -9.28 -5.90
N CYS A 35 -3.77 -8.15 -6.55
CA CYS A 35 -4.59 -7.92 -7.80
C CYS A 35 -3.77 -7.14 -8.83
N ASN A 36 -2.57 -6.75 -8.49
CA ASN A 36 -1.74 -5.96 -9.45
C ASN A 36 -2.44 -4.63 -9.73
N THR A 37 -3.47 -4.32 -8.97
CA THR A 37 -4.20 -3.04 -9.17
C THR A 37 -3.32 -1.88 -8.73
N LYS A 38 -3.03 -0.98 -9.63
CA LYS A 38 -2.15 0.17 -9.28
C LYS A 38 -2.71 0.90 -8.06
N LEU A 39 -1.88 1.12 -7.06
CA LEU A 39 -2.34 1.83 -5.84
C LEU A 39 -2.15 3.34 -6.02
N THR A 40 -3.16 4.11 -5.76
CA THR A 40 -3.04 5.59 -5.92
C THR A 40 -3.85 6.28 -4.81
N LEU A 41 -3.60 7.55 -4.59
CA LEU A 41 -4.36 8.30 -3.54
C LEU A 41 -5.84 8.26 -3.87
N LYS A 42 -6.17 7.97 -5.11
CA LYS A 42 -7.59 7.89 -5.53
C LYS A 42 -8.15 6.52 -5.14
N ASN A 43 -7.32 5.50 -5.22
CA ASN A 43 -7.78 4.13 -4.86
C ASN A 43 -7.77 3.98 -3.34
N LYS A 44 -8.51 3.05 -2.82
CA LYS A 44 -8.55 2.85 -1.34
C LYS A 44 -8.14 1.41 -1.01
N PHE A 45 -6.86 1.13 -0.97
CA PHE A 45 -6.40 -0.24 -0.66
C PHE A 45 -5.86 -0.27 0.78
N VAL A 46 -5.19 -1.32 1.16
CA VAL A 46 -4.66 -1.42 2.55
C VAL A 46 -3.32 -2.17 2.54
N GLU A 47 -2.64 -2.23 3.65
CA GLU A 47 -1.34 -2.96 3.70
C GLU A 47 -1.55 -4.33 4.32
N PHE A 48 -0.91 -5.33 3.78
CA PHE A 48 -1.06 -6.71 4.32
C PHE A 48 0.23 -7.48 4.07
N ASP A 49 0.79 -8.08 5.10
CA ASP A 49 2.05 -8.84 4.92
C ASP A 49 3.10 -7.89 4.34
N MET A 50 3.01 -6.64 4.71
CA MET A 50 3.98 -5.62 4.20
C MET A 50 3.74 -5.40 2.70
N LYS A 51 2.61 -5.82 2.21
CA LYS A 51 2.29 -5.65 0.77
C LYS A 51 0.90 -5.01 0.65
N PRO A 52 0.70 -4.24 -0.39
CA PRO A 52 -0.59 -3.57 -0.61
C PRO A 52 -1.68 -4.59 -0.90
N VAL A 53 -2.89 -4.28 -0.53
CA VAL A 53 -4.03 -5.20 -0.79
C VAL A 53 -5.27 -4.36 -1.09
N CYS A 54 -5.85 -4.53 -2.24
CA CYS A 54 -7.04 -3.70 -2.60
C CYS A 54 -8.18 -4.00 -1.62
N LYS A 55 -9.01 -3.02 -1.37
CA LYS A 55 -10.14 -3.21 -0.43
C LYS A 55 -10.92 -4.47 -0.80
N LYS A 56 -10.92 -4.83 -2.06
CA LYS A 56 -11.64 -6.07 -2.48
C LYS A 56 -10.88 -7.28 -1.93
N CYS A 57 -9.58 -7.26 -2.01
CA CYS A 57 -8.78 -8.40 -1.46
C CYS A 57 -8.89 -8.37 0.06
N TYR A 58 -8.74 -7.22 0.64
CA TYR A 58 -8.85 -7.08 2.12
C TYR A 58 -10.20 -7.64 2.56
N GLU A 59 -11.14 -7.69 1.64
CA GLU A 59 -12.49 -8.21 1.99
C GLU A 59 -12.53 -9.73 1.78
N LYS A 60 -11.66 -10.24 0.95
CA LYS A 60 -11.65 -11.71 0.70
C LYS A 60 -11.24 -12.44 1.98
N PHE A 61 -10.69 -11.73 2.92
CA PHE A 61 -10.27 -12.36 4.20
C PHE A 61 -11.47 -12.39 5.14
N PRO A 62 -11.51 -13.38 6.01
CA PRO A 62 -12.62 -13.51 6.98
C PRO A 62 -12.78 -12.22 7.78
N LEU A 63 -14.00 -11.83 8.00
CA LEU A 63 -14.30 -10.58 8.77
C LEU A 63 -13.39 -10.47 10.00
N GLU A 64 -13.13 -11.57 10.66
CA GLU A 64 -12.26 -11.54 11.87
C GLU A 64 -10.78 -11.46 11.48
N LEU A 65 -10.45 -11.82 10.27
CA LEU A 65 -9.02 -11.77 9.84
C LEU A 65 -8.70 -10.39 9.27
N LYS A 66 -9.58 -9.84 8.47
CA LYS A 66 -9.31 -8.49 7.88
C LYS A 66 -8.97 -7.51 9.01
N LYS A 67 -9.81 -7.43 10.00
CA LYS A 67 -9.53 -6.51 11.15
C LYS A 67 -8.14 -6.81 11.72
N ARG A 68 -7.69 -8.04 11.59
CA ARG A 68 -6.35 -8.40 12.11
C ARG A 68 -5.28 -7.94 11.10
N LEU A 69 -5.52 -8.16 9.84
CA LEU A 69 -4.53 -7.74 8.81
C LEU A 69 -4.51 -6.22 8.74
N LYS A 70 -5.65 -5.60 8.82
CA LYS A 70 -5.69 -4.10 8.78
C LYS A 70 -4.87 -3.59 9.97
N LYS A 71 -4.75 -4.38 11.01
CA LYS A 71 -3.96 -3.96 12.18
C LYS A 71 -2.49 -3.78 11.76
N LEU A 72 -2.15 -4.28 10.60
CA LEU A 72 -0.76 -4.15 10.12
C LEU A 72 -0.59 -2.77 9.45
N ALA A 73 -1.38 -2.50 8.44
CA ALA A 73 -1.29 -1.19 7.73
C ALA A 73 -1.22 -0.03 8.73
N GLU A 74 -1.94 -0.13 9.81
CA GLU A 74 -1.91 0.97 10.83
C GLU A 74 -0.61 0.87 11.64
N THR A 75 -0.12 -0.33 11.86
CA THR A 75 1.14 -0.50 12.64
C THR A 75 2.33 -0.25 11.71
N LEU A 76 2.23 -0.67 10.47
CA LEU A 76 3.35 -0.47 9.50
C LEU A 76 3.39 1.00 9.07
N GLY A 77 2.24 1.60 8.84
CA GLY A 77 2.21 3.03 8.43
C GLY A 77 1.81 3.13 6.95
N ARG A 78 0.64 2.65 6.61
CA ARG A 78 0.18 2.72 5.19
C ARG A 78 -0.50 4.07 4.94
N LYS A 79 0.06 4.88 4.09
CA LYS A 79 -0.55 6.21 3.80
C LYS A 79 -0.53 6.44 2.28
ZN ZN B . -6.55 -7.21 -4.70
ZN ZN C . 8.87 3.29 -7.34
N GLY A 1 6.30 19.96 -3.32
CA GLY A 1 6.66 18.81 -2.38
C GLY A 1 7.02 17.49 -2.95
N SER A 2 6.91 16.44 -2.16
CA SER A 2 7.25 15.07 -2.65
C SER A 2 8.71 15.03 -3.12
N GLY A 3 9.07 14.01 -3.85
CA GLY A 3 10.49 13.90 -4.34
C GLY A 3 11.19 12.77 -3.59
N ASP A 4 10.45 12.00 -2.84
CA ASP A 4 11.05 10.87 -2.07
C ASP A 4 11.43 9.75 -3.03
N VAL A 5 12.18 8.79 -2.56
CA VAL A 5 12.57 7.64 -3.44
C VAL A 5 11.61 6.47 -3.20
N CYS A 6 10.73 6.22 -4.13
CA CYS A 6 9.75 5.11 -3.96
C CYS A 6 10.49 3.84 -3.51
N PHE A 7 10.43 3.53 -2.24
CA PHE A 7 11.12 2.31 -1.72
C PHE A 7 10.77 1.09 -2.59
N HIS A 8 9.65 1.14 -3.26
CA HIS A 8 9.26 0.00 -4.14
C HIS A 8 10.30 -0.17 -5.26
N CYS A 9 10.66 0.91 -5.90
CA CYS A 9 11.68 0.82 -7.00
C CYS A 9 12.97 1.52 -6.54
N ASN A 10 12.93 2.16 -5.40
CA ASN A 10 14.13 2.88 -4.87
C ASN A 10 14.54 3.99 -5.83
N ARG A 11 13.58 4.54 -6.55
CA ARG A 11 13.89 5.64 -7.51
C ARG A 11 13.09 6.88 -7.09
N VAL A 12 13.53 8.04 -7.50
CA VAL A 12 12.79 9.29 -7.13
C VAL A 12 11.33 9.14 -7.54
N ILE A 13 10.42 9.57 -6.70
CA ILE A 13 8.97 9.45 -7.03
C ILE A 13 8.69 10.10 -8.39
N GLU A 14 7.96 9.42 -9.24
CA GLU A 14 7.65 9.97 -10.58
C GLU A 14 6.27 10.66 -10.54
N GLY A 15 5.60 10.56 -9.43
CA GLY A 15 4.25 11.19 -9.30
C GLY A 15 3.98 11.51 -7.84
N ASP A 16 2.94 10.94 -7.28
CA ASP A 16 2.61 11.21 -5.85
C ASP A 16 3.34 10.20 -4.97
N VAL A 17 3.69 10.60 -3.76
CA VAL A 17 4.39 9.68 -2.83
C VAL A 17 3.36 8.88 -2.03
N VAL A 18 3.24 7.61 -2.29
CA VAL A 18 2.25 6.79 -1.52
C VAL A 18 2.92 6.31 -0.23
N SER A 19 2.81 7.09 0.80
CA SER A 19 3.45 6.70 2.10
C SER A 19 2.92 5.33 2.54
N ALA A 20 3.73 4.32 2.42
CA ALA A 20 3.32 2.96 2.85
C ALA A 20 4.43 2.33 3.67
N LEU A 21 4.09 1.58 4.68
CA LEU A 21 5.14 0.95 5.55
C LEU A 21 6.08 2.04 6.07
N ASN A 22 5.58 3.25 6.19
CA ASN A 22 6.41 4.38 6.69
C ASN A 22 7.45 4.76 5.63
N LYS A 23 7.40 4.14 4.48
CA LYS A 23 8.37 4.47 3.39
C LYS A 23 7.62 5.18 2.27
N ALA A 24 8.33 5.66 1.28
CA ALA A 24 7.67 6.34 0.14
C ALA A 24 7.46 5.32 -0.98
N TRP A 25 6.31 5.30 -1.59
CA TRP A 25 6.06 4.30 -2.68
C TRP A 25 5.50 5.01 -3.92
N CYS A 26 5.89 4.55 -5.08
CA CYS A 26 5.39 5.16 -6.34
C CYS A 26 3.95 4.72 -6.58
N VAL A 27 3.14 5.57 -7.16
CA VAL A 27 1.73 5.17 -7.44
C VAL A 27 1.77 4.16 -8.59
N ASN A 28 2.86 4.15 -9.31
CA ASN A 28 3.01 3.20 -10.46
C ASN A 28 3.57 1.88 -9.95
N CYS A 29 4.42 1.93 -8.96
CA CYS A 29 5.03 0.67 -8.42
C CYS A 29 4.10 0.09 -7.37
N PHE A 30 3.60 0.91 -6.48
CA PHE A 30 2.69 0.41 -5.41
C PHE A 30 1.40 -0.13 -6.05
N ALA A 31 1.22 -1.41 -6.01
CA ALA A 31 0.00 -2.04 -6.60
C ALA A 31 -0.45 -3.21 -5.72
N CYS A 32 -1.72 -3.30 -5.45
CA CYS A 32 -2.24 -4.43 -4.59
C CYS A 32 -1.55 -5.74 -5.00
N SER A 33 -0.65 -6.22 -4.18
CA SER A 33 0.06 -7.48 -4.51
C SER A 33 -0.91 -8.66 -4.39
N THR A 34 -2.13 -8.40 -4.00
CA THR A 34 -3.13 -9.50 -3.87
C THR A 34 -3.87 -9.69 -5.20
N CYS A 35 -3.92 -8.68 -6.03
CA CYS A 35 -4.63 -8.81 -7.34
C CYS A 35 -3.92 -7.97 -8.41
N ASN A 36 -2.80 -7.39 -8.07
CA ASN A 36 -2.03 -6.57 -9.06
C ASN A 36 -2.75 -5.24 -9.36
N THR A 37 -3.78 -4.91 -8.62
CA THR A 37 -4.49 -3.63 -8.88
C THR A 37 -3.55 -2.46 -8.53
N LYS A 38 -3.26 -1.61 -9.48
CA LYS A 38 -2.35 -0.45 -9.21
C LYS A 38 -2.88 0.36 -8.03
N LEU A 39 -2.03 0.71 -7.11
CA LEU A 39 -2.46 1.51 -5.93
C LEU A 39 -2.25 3.00 -6.22
N THR A 40 -3.15 3.83 -5.76
CA THR A 40 -3.02 5.30 -5.99
C THR A 40 -3.62 6.05 -4.81
N LEU A 41 -3.27 7.30 -4.65
CA LEU A 41 -3.82 8.10 -3.51
C LEU A 41 -5.35 8.15 -3.62
N LYS A 42 -5.87 7.96 -4.81
CA LYS A 42 -7.34 7.97 -5.00
C LYS A 42 -7.90 6.62 -4.59
N ASN A 43 -7.16 5.57 -4.81
CA ASN A 43 -7.63 4.20 -4.44
C ASN A 43 -7.57 4.05 -2.92
N LYS A 44 -8.43 3.22 -2.37
CA LYS A 44 -8.43 3.01 -0.89
C LYS A 44 -8.05 1.56 -0.59
N PHE A 45 -6.78 1.24 -0.61
CA PHE A 45 -6.34 -0.16 -0.34
C PHE A 45 -5.80 -0.25 1.09
N VAL A 46 -5.12 -1.32 1.41
CA VAL A 46 -4.58 -1.49 2.79
C VAL A 46 -3.24 -2.23 2.73
N GLU A 47 -2.53 -2.31 3.83
CA GLU A 47 -1.21 -3.03 3.84
C GLU A 47 -1.42 -4.43 4.43
N PHE A 48 -0.82 -5.42 3.85
CA PHE A 48 -0.95 -6.81 4.37
C PHE A 48 0.33 -7.58 4.07
N ASP A 49 0.89 -8.22 5.07
CA ASP A 49 2.15 -8.98 4.84
C ASP A 49 3.20 -8.02 4.27
N MET A 50 3.12 -6.78 4.67
CA MET A 50 4.09 -5.75 4.18
C MET A 50 3.83 -5.50 2.69
N LYS A 51 2.68 -5.90 2.22
CA LYS A 51 2.34 -5.68 0.78
C LYS A 51 0.95 -5.04 0.71
N PRO A 52 0.73 -4.24 -0.30
CA PRO A 52 -0.56 -3.55 -0.48
C PRO A 52 -1.66 -4.56 -0.78
N VAL A 53 -2.86 -4.24 -0.37
CA VAL A 53 -4.02 -5.14 -0.63
C VAL A 53 -5.24 -4.26 -0.90
N CYS A 54 -5.78 -4.36 -2.08
CA CYS A 54 -6.96 -3.51 -2.43
C CYS A 54 -8.13 -3.86 -1.52
N LYS A 55 -8.95 -2.88 -1.21
CA LYS A 55 -10.12 -3.11 -0.31
C LYS A 55 -10.90 -4.35 -0.79
N LYS A 56 -10.87 -4.63 -2.07
CA LYS A 56 -11.59 -5.84 -2.58
C LYS A 56 -10.84 -7.08 -2.13
N CYS A 57 -9.53 -7.07 -2.22
CA CYS A 57 -8.73 -8.25 -1.77
C CYS A 57 -8.75 -8.28 -0.24
N TYR A 58 -8.65 -7.14 0.38
CA TYR A 58 -8.70 -7.08 1.87
C TYR A 58 -10.04 -7.64 2.32
N GLU A 59 -11.00 -7.68 1.42
CA GLU A 59 -12.34 -8.21 1.77
C GLU A 59 -12.37 -9.72 1.52
N LYS A 60 -11.47 -10.21 0.71
CA LYS A 60 -11.44 -11.68 0.42
C LYS A 60 -11.07 -12.44 1.69
N PHE A 61 -10.57 -11.75 2.68
CA PHE A 61 -10.20 -12.43 3.96
C PHE A 61 -11.43 -12.45 4.86
N PRO A 62 -11.52 -13.44 5.71
CA PRO A 62 -12.65 -13.56 6.64
C PRO A 62 -12.79 -12.28 7.47
N LEU A 63 -14.00 -11.85 7.69
CA LEU A 63 -14.26 -10.61 8.48
C LEU A 63 -13.37 -10.58 9.73
N GLU A 64 -13.16 -11.69 10.36
CA GLU A 64 -12.33 -11.72 11.60
C GLU A 64 -10.84 -11.68 11.23
N LEU A 65 -10.50 -12.02 10.01
CA LEU A 65 -9.06 -12.01 9.61
C LEU A 65 -8.68 -10.62 9.08
N LYS A 66 -9.52 -10.03 8.26
CA LYS A 66 -9.18 -8.68 7.71
C LYS A 66 -8.85 -7.73 8.86
N LYS A 67 -9.69 -7.66 9.84
CA LYS A 67 -9.42 -6.77 11.00
C LYS A 67 -8.05 -7.10 11.61
N ARG A 68 -7.61 -8.33 11.47
CA ARG A 68 -6.28 -8.71 12.03
C ARG A 68 -5.19 -8.29 11.05
N LEU A 69 -5.44 -8.40 9.78
CA LEU A 69 -4.41 -8.00 8.76
C LEU A 69 -4.35 -6.48 8.72
N LYS A 70 -5.48 -5.82 8.80
CA LYS A 70 -5.48 -4.34 8.78
C LYS A 70 -4.64 -3.84 9.95
N LYS A 71 -4.56 -4.63 11.00
CA LYS A 71 -3.74 -4.23 12.19
C LYS A 71 -2.30 -4.03 11.73
N LEU A 72 -1.93 -4.66 10.65
CA LEU A 72 -0.54 -4.50 10.12
C LEU A 72 -0.39 -3.10 9.55
N ALA A 73 -1.18 -2.75 8.58
CA ALA A 73 -1.10 -1.38 7.98
C ALA A 73 -1.21 -0.30 9.06
N GLU A 74 -1.80 -0.62 10.18
CA GLU A 74 -1.95 0.40 11.26
C GLU A 74 -0.59 0.68 11.91
N THR A 75 0.33 -0.24 11.78
CA THR A 75 1.69 -0.05 12.39
C THR A 75 2.75 -0.26 11.30
N LEU A 76 2.45 -1.12 10.36
CA LEU A 76 3.41 -1.40 9.25
C LEU A 76 2.86 -0.81 7.96
N GLY A 77 2.10 0.26 8.06
CA GLY A 77 1.52 0.89 6.84
C GLY A 77 1.42 2.39 7.06
N ARG A 78 1.76 3.17 6.06
CA ARG A 78 1.68 4.66 6.19
C ARG A 78 2.74 5.15 7.20
N LYS A 79 3.14 6.39 7.08
CA LYS A 79 4.16 6.95 8.02
C LYS A 79 3.44 7.61 9.20
ZN ZN B . -6.44 -6.71 -4.67
ZN ZN C . 8.53 3.58 -7.55
N GLY A 1 3.56 14.24 -5.52
CA GLY A 1 4.78 15.05 -5.97
C GLY A 1 5.65 15.69 -4.95
N SER A 2 5.80 15.07 -3.81
CA SER A 2 6.66 15.66 -2.75
C SER A 2 8.13 15.61 -3.20
N GLY A 3 8.59 14.46 -3.60
CA GLY A 3 10.01 14.34 -4.06
C GLY A 3 10.70 13.19 -3.31
N ASP A 4 9.94 12.39 -2.61
CA ASP A 4 10.54 11.26 -1.85
C ASP A 4 11.00 10.17 -2.84
N VAL A 5 11.82 9.26 -2.38
CA VAL A 5 12.30 8.17 -3.28
C VAL A 5 11.43 6.94 -3.04
N CYS A 6 10.58 6.62 -3.98
CA CYS A 6 9.70 5.43 -3.83
C CYS A 6 10.52 4.22 -3.38
N PHE A 7 10.46 3.88 -2.12
CA PHE A 7 11.24 2.71 -1.62
C PHE A 7 10.97 1.48 -2.50
N HIS A 8 9.86 1.46 -3.18
CA HIS A 8 9.54 0.30 -4.06
C HIS A 8 10.57 0.20 -5.19
N CYS A 9 10.90 1.31 -5.80
CA CYS A 9 11.90 1.29 -6.91
C CYS A 9 13.15 2.07 -6.50
N ASN A 10 13.11 2.72 -5.37
CA ASN A 10 14.28 3.50 -4.88
C ASN A 10 14.55 4.67 -5.83
N ARG A 11 13.52 5.17 -6.46
CA ARG A 11 13.69 6.32 -7.40
C ARG A 11 12.80 7.47 -6.95
N VAL A 12 13.13 8.67 -7.34
CA VAL A 12 12.30 9.85 -6.94
C VAL A 12 10.84 9.60 -7.34
N ILE A 13 9.93 9.96 -6.49
CA ILE A 13 8.49 9.75 -6.80
C ILE A 13 8.13 10.41 -8.14
N GLU A 14 7.61 9.65 -9.06
CA GLU A 14 7.24 10.22 -10.39
C GLU A 14 5.79 10.70 -10.35
N GLY A 15 5.09 10.42 -9.28
CA GLY A 15 3.67 10.85 -9.16
C GLY A 15 3.38 11.25 -7.72
N ASP A 16 2.51 10.54 -7.05
CA ASP A 16 2.19 10.87 -5.64
C ASP A 16 2.92 9.92 -4.70
N VAL A 17 3.41 10.42 -3.60
CA VAL A 17 4.16 9.57 -2.64
C VAL A 17 3.15 8.73 -1.83
N VAL A 18 3.05 7.46 -2.11
CA VAL A 18 2.11 6.60 -1.36
C VAL A 18 2.80 6.14 -0.07
N SER A 19 2.66 6.89 0.98
CA SER A 19 3.31 6.52 2.27
C SER A 19 2.86 5.13 2.71
N ALA A 20 3.70 4.15 2.52
CA ALA A 20 3.36 2.76 2.92
C ALA A 20 4.51 2.19 3.74
N LEU A 21 4.21 1.35 4.71
CA LEU A 21 5.30 0.77 5.55
C LEU A 21 6.15 1.91 6.13
N ASN A 22 5.57 3.08 6.25
CA ASN A 22 6.31 4.26 6.80
C ASN A 22 7.33 4.75 5.76
N LYS A 23 7.34 4.15 4.60
CA LYS A 23 8.29 4.59 3.53
C LYS A 23 7.50 5.26 2.40
N ALA A 24 8.19 5.81 1.43
CA ALA A 24 7.49 6.45 0.29
C ALA A 24 7.37 5.43 -0.84
N TRP A 25 6.22 5.33 -1.45
CA TRP A 25 6.06 4.33 -2.56
C TRP A 25 5.48 5.02 -3.80
N CYS A 26 5.89 4.58 -4.96
CA CYS A 26 5.37 5.19 -6.22
C CYS A 26 3.96 4.66 -6.50
N VAL A 27 3.12 5.47 -7.08
CA VAL A 27 1.74 4.99 -7.40
C VAL A 27 1.86 4.01 -8.57
N ASN A 28 2.96 4.06 -9.26
CA ASN A 28 3.19 3.16 -10.42
C ASN A 28 3.82 1.85 -9.93
N CYS A 29 4.64 1.93 -8.92
CA CYS A 29 5.31 0.71 -8.39
C CYS A 29 4.39 0.06 -7.35
N PHE A 30 3.85 0.84 -6.46
CA PHE A 30 2.96 0.28 -5.42
C PHE A 30 1.70 -0.31 -6.07
N ALA A 31 1.57 -1.61 -6.04
CA ALA A 31 0.38 -2.27 -6.66
C ALA A 31 -0.09 -3.41 -5.75
N CYS A 32 -1.38 -3.51 -5.51
CA CYS A 32 -1.91 -4.59 -4.63
C CYS A 32 -1.20 -5.92 -4.95
N SER A 33 -0.37 -6.38 -4.05
CA SER A 33 0.35 -7.66 -4.28
C SER A 33 -0.62 -8.83 -4.14
N THR A 34 -1.86 -8.56 -3.81
CA THR A 34 -2.86 -9.65 -3.65
C THR A 34 -3.61 -9.88 -4.97
N CYS A 35 -3.61 -8.91 -5.84
CA CYS A 35 -4.32 -9.08 -7.15
C CYS A 35 -3.57 -8.33 -8.26
N ASN A 36 -2.42 -7.78 -7.94
CA ASN A 36 -1.61 -7.05 -8.97
C ASN A 36 -2.32 -5.76 -9.39
N THR A 37 -3.33 -5.34 -8.67
CA THR A 37 -4.03 -4.08 -9.04
C THR A 37 -3.14 -2.88 -8.71
N LYS A 38 -2.81 -2.09 -9.69
CA LYS A 38 -1.95 -0.90 -9.42
C LYS A 38 -2.56 -0.11 -8.26
N LEU A 39 -1.76 0.32 -7.33
CA LEU A 39 -2.30 1.07 -6.17
C LEU A 39 -2.40 2.56 -6.50
N THR A 40 -3.56 3.14 -6.31
CA THR A 40 -3.73 4.60 -6.63
C THR A 40 -4.41 5.31 -5.46
N LEU A 41 -4.25 6.60 -5.37
CA LEU A 41 -4.89 7.37 -4.25
C LEU A 41 -6.40 7.41 -4.47
N LYS A 42 -6.83 7.31 -5.70
CA LYS A 42 -8.29 7.33 -6.00
C LYS A 42 -8.89 6.02 -5.51
N ASN A 43 -8.16 4.94 -5.66
CA ASN A 43 -8.65 3.63 -5.19
C ASN A 43 -8.22 3.45 -3.72
N LYS A 44 -8.81 2.52 -3.01
CA LYS A 44 -8.43 2.34 -1.58
C LYS A 44 -7.85 0.94 -1.33
N PHE A 45 -6.73 0.89 -0.65
CA PHE A 45 -6.07 -0.41 -0.35
C PHE A 45 -5.70 -0.47 1.13
N VAL A 46 -5.00 -1.49 1.52
CA VAL A 46 -4.55 -1.64 2.93
C VAL A 46 -3.17 -2.30 2.93
N GLU A 47 -2.46 -2.26 4.04
CA GLU A 47 -1.11 -2.90 4.08
C GLU A 47 -1.22 -4.26 4.73
N PHE A 48 -0.66 -5.27 4.12
CA PHE A 48 -0.72 -6.64 4.69
C PHE A 48 0.60 -7.35 4.44
N ASP A 49 1.20 -7.91 5.47
CA ASP A 49 2.49 -8.61 5.30
C ASP A 49 3.49 -7.66 4.63
N MET A 50 3.37 -6.39 4.93
CA MET A 50 4.28 -5.39 4.32
C MET A 50 3.98 -5.29 2.81
N LYS A 51 2.81 -5.70 2.41
CA LYS A 51 2.45 -5.63 0.97
C LYS A 51 1.05 -5.00 0.85
N PRO A 52 0.85 -4.24 -0.20
CA PRO A 52 -0.44 -3.56 -0.43
C PRO A 52 -1.54 -4.57 -0.73
N VAL A 53 -2.71 -4.32 -0.23
CA VAL A 53 -3.86 -5.23 -0.49
C VAL A 53 -5.07 -4.34 -0.81
N CYS A 54 -5.54 -4.40 -2.02
CA CYS A 54 -6.70 -3.55 -2.42
C CYS A 54 -7.91 -3.89 -1.55
N LYS A 55 -8.73 -2.91 -1.26
CA LYS A 55 -9.92 -3.15 -0.41
C LYS A 55 -10.68 -4.39 -0.90
N LYS A 56 -10.62 -4.67 -2.19
CA LYS A 56 -11.32 -5.88 -2.72
C LYS A 56 -10.58 -7.13 -2.21
N CYS A 57 -9.28 -7.10 -2.24
CA CYS A 57 -8.49 -8.26 -1.75
C CYS A 57 -8.59 -8.28 -0.22
N TYR A 58 -8.56 -7.12 0.38
CA TYR A 58 -8.68 -7.04 1.87
C TYR A 58 -10.05 -7.58 2.27
N GLU A 59 -10.95 -7.64 1.32
CA GLU A 59 -12.32 -8.16 1.61
C GLU A 59 -12.33 -9.67 1.38
N LYS A 60 -11.40 -10.16 0.61
CA LYS A 60 -11.35 -11.64 0.34
C LYS A 60 -11.01 -12.38 1.64
N PHE A 61 -10.54 -11.67 2.64
CA PHE A 61 -10.20 -12.34 3.92
C PHE A 61 -11.45 -12.34 4.81
N PRO A 62 -11.56 -13.35 5.64
CA PRO A 62 -12.71 -13.48 6.56
C PRO A 62 -12.84 -12.20 7.40
N LEU A 63 -14.06 -11.78 7.61
CA LEU A 63 -14.31 -10.54 8.41
C LEU A 63 -13.42 -10.51 9.66
N GLU A 64 -13.22 -11.62 10.30
CA GLU A 64 -12.38 -11.66 11.53
C GLU A 64 -10.89 -11.65 11.17
N LEU A 65 -10.56 -12.01 9.96
CA LEU A 65 -9.12 -12.04 9.56
C LEU A 65 -8.69 -10.68 9.03
N LYS A 66 -9.52 -10.05 8.23
CA LYS A 66 -9.13 -8.71 7.67
C LYS A 66 -8.74 -7.78 8.80
N LYS A 67 -9.54 -7.71 9.83
CA LYS A 67 -9.22 -6.83 10.99
C LYS A 67 -7.82 -7.16 11.52
N ARG A 68 -7.34 -8.35 11.25
CA ARG A 68 -5.97 -8.73 11.73
C ARG A 68 -4.94 -8.13 10.78
N LEU A 69 -5.20 -8.17 9.50
CA LEU A 69 -4.25 -7.60 8.51
C LEU A 69 -4.27 -6.08 8.64
N LYS A 70 -5.44 -5.50 8.73
CA LYS A 70 -5.53 -4.02 8.87
C LYS A 70 -4.77 -3.62 10.14
N LYS A 71 -4.63 -4.53 11.08
CA LYS A 71 -3.88 -4.21 12.33
C LYS A 71 -2.42 -3.93 11.98
N LEU A 72 -2.02 -4.28 10.78
CA LEU A 72 -0.61 -4.04 10.36
C LEU A 72 -0.51 -2.66 9.71
N ALA A 73 -1.34 -2.40 8.74
CA ALA A 73 -1.32 -1.07 8.04
C ALA A 73 -1.44 0.07 9.04
N GLU A 74 -2.00 -0.17 10.21
CA GLU A 74 -2.14 0.92 11.21
C GLU A 74 -0.83 1.07 11.99
N THR A 75 0.00 0.07 11.97
CA THR A 75 1.30 0.13 12.70
C THR A 75 2.45 0.30 11.69
N LEU A 76 2.35 -0.37 10.57
CA LEU A 76 3.43 -0.25 9.54
C LEU A 76 2.94 0.61 8.39
N GLY A 77 1.76 0.34 7.90
CA GLY A 77 1.21 1.16 6.76
C GLY A 77 1.13 2.62 7.17
N ARG A 78 1.34 3.51 6.23
CA ARG A 78 1.28 4.98 6.52
C ARG A 78 2.40 5.38 7.49
N LYS A 79 3.08 6.46 7.21
CA LYS A 79 4.17 6.91 8.12
C LYS A 79 3.58 7.61 9.33
ZN ZN B . -6.11 -6.80 -4.60
ZN ZN C . 8.60 3.84 -7.44
N GLY A 1 5.35 19.48 -1.93
CA GLY A 1 5.09 18.34 -0.95
C GLY A 1 5.40 16.94 -1.35
N SER A 2 6.33 16.77 -2.26
CA SER A 2 6.69 15.39 -2.72
C SER A 2 8.12 15.40 -3.27
N GLY A 3 8.60 14.26 -3.68
CA GLY A 3 10.00 14.18 -4.22
C GLY A 3 10.76 13.07 -3.50
N ASP A 4 10.07 12.25 -2.75
CA ASP A 4 10.74 11.15 -2.01
C ASP A 4 11.15 10.04 -2.98
N VAL A 5 11.97 9.12 -2.53
CA VAL A 5 12.40 8.00 -3.41
C VAL A 5 11.52 6.79 -3.13
N CYS A 6 10.63 6.46 -4.04
CA CYS A 6 9.73 5.30 -3.83
C CYS A 6 10.55 4.08 -3.40
N PHE A 7 10.55 3.77 -2.13
CA PHE A 7 11.32 2.60 -1.62
C PHE A 7 11.01 1.36 -2.46
N HIS A 8 9.87 1.32 -3.10
CA HIS A 8 9.50 0.15 -3.94
C HIS A 8 10.51 0.02 -5.10
N CYS A 9 10.91 1.13 -5.66
CA CYS A 9 11.89 1.09 -6.79
C CYS A 9 13.14 1.87 -6.39
N ASN A 10 13.09 2.54 -5.27
CA ASN A 10 14.27 3.33 -4.79
C ASN A 10 14.58 4.45 -5.79
N ARG A 11 13.57 4.93 -6.48
CA ARG A 11 13.77 6.03 -7.46
C ARG A 11 12.92 7.23 -7.05
N VAL A 12 13.27 8.41 -7.50
CA VAL A 12 12.47 9.61 -7.14
C VAL A 12 11.02 9.39 -7.53
N ILE A 13 10.10 9.76 -6.66
CA ILE A 13 8.65 9.56 -6.97
C ILE A 13 8.31 10.21 -8.31
N GLU A 14 7.74 9.47 -9.21
CA GLU A 14 7.36 10.03 -10.54
C GLU A 14 5.93 10.55 -10.50
N GLY A 15 5.24 10.32 -9.42
CA GLY A 15 3.84 10.81 -9.29
C GLY A 15 3.56 11.22 -7.85
N ASP A 16 2.65 10.56 -7.18
CA ASP A 16 2.33 10.92 -5.77
C ASP A 16 3.09 9.97 -4.84
N VAL A 17 3.59 10.48 -3.75
CA VAL A 17 4.33 9.63 -2.78
C VAL A 17 3.34 8.82 -1.95
N VAL A 18 3.22 7.55 -2.20
CA VAL A 18 2.27 6.71 -1.42
C VAL A 18 2.97 6.28 -0.13
N SER A 19 2.86 7.07 0.91
CA SER A 19 3.53 6.72 2.20
C SER A 19 2.99 5.39 2.71
N ALA A 20 3.77 4.36 2.59
CA ALA A 20 3.34 3.00 3.07
C ALA A 20 4.47 2.39 3.88
N LEU A 21 4.13 1.63 4.91
CA LEU A 21 5.20 1.01 5.75
C LEU A 21 6.14 2.09 6.27
N ASN A 22 5.65 3.30 6.39
CA ASN A 22 6.50 4.43 6.89
C ASN A 22 7.54 4.81 5.83
N LYS A 23 7.43 4.24 4.65
CA LYS A 23 8.40 4.57 3.56
C LYS A 23 7.64 5.25 2.42
N ALA A 24 8.35 5.74 1.44
CA ALA A 24 7.68 6.41 0.29
C ALA A 24 7.50 5.37 -0.82
N TRP A 25 6.34 5.31 -1.43
CA TRP A 25 6.13 4.31 -2.51
C TRP A 25 5.56 4.99 -3.76
N CYS A 26 5.92 4.50 -4.92
CA CYS A 26 5.41 5.09 -6.19
C CYS A 26 4.00 4.61 -6.44
N VAL A 27 3.17 5.42 -7.03
CA VAL A 27 1.79 4.97 -7.34
C VAL A 27 1.88 3.96 -8.50
N ASN A 28 2.99 3.99 -9.18
CA ASN A 28 3.20 3.06 -10.32
C ASN A 28 3.80 1.74 -9.80
N CYS A 29 4.66 1.83 -8.83
CA CYS A 29 5.28 0.60 -8.27
C CYS A 29 4.35 -0.01 -7.23
N PHE A 30 3.81 0.81 -6.37
CA PHE A 30 2.89 0.29 -5.31
C PHE A 30 1.61 -0.24 -5.97
N ALA A 31 1.43 -1.53 -5.94
CA ALA A 31 0.21 -2.13 -6.56
C ALA A 31 -0.27 -3.30 -5.70
N CYS A 32 -1.55 -3.38 -5.45
CA CYS A 32 -2.11 -4.50 -4.61
C CYS A 32 -1.44 -5.82 -5.00
N SER A 33 -0.58 -6.33 -4.17
CA SER A 33 0.10 -7.62 -4.49
C SER A 33 -0.89 -8.77 -4.43
N THR A 34 -2.13 -8.46 -4.09
CA THR A 34 -3.16 -9.54 -4.00
C THR A 34 -3.90 -9.66 -5.33
N CYS A 35 -3.85 -8.65 -6.16
CA CYS A 35 -4.55 -8.71 -7.48
C CYS A 35 -3.81 -7.86 -8.51
N ASN A 36 -2.62 -7.41 -8.19
CA ASN A 36 -1.81 -6.59 -9.13
C ASN A 36 -2.55 -5.28 -9.46
N THR A 37 -3.56 -4.94 -8.70
CA THR A 37 -4.29 -3.67 -8.98
C THR A 37 -3.37 -2.48 -8.62
N LYS A 38 -3.05 -1.66 -9.59
CA LYS A 38 -2.18 -0.50 -9.31
C LYS A 38 -2.70 0.26 -8.09
N LEU A 39 -1.85 0.53 -7.14
CA LEU A 39 -2.30 1.25 -5.92
C LEU A 39 -2.15 2.76 -6.11
N THR A 40 -3.15 3.51 -5.71
CA THR A 40 -3.10 4.99 -5.85
C THR A 40 -3.71 5.62 -4.60
N LEU A 41 -3.23 6.77 -4.21
CA LEU A 41 -3.79 7.45 -3.00
C LEU A 41 -5.28 7.71 -3.20
N LYS A 42 -5.72 7.68 -4.44
CA LYS A 42 -7.18 7.90 -4.73
C LYS A 42 -7.92 6.58 -4.55
N ASN A 43 -7.26 5.48 -4.82
CA ASN A 43 -7.93 4.15 -4.68
C ASN A 43 -7.89 3.71 -3.21
N LYS A 44 -8.73 2.77 -2.84
CA LYS A 44 -8.74 2.27 -1.44
C LYS A 44 -7.84 1.05 -1.35
N PHE A 45 -7.01 0.98 -0.33
CA PHE A 45 -6.09 -0.19 -0.20
C PHE A 45 -5.66 -0.36 1.25
N VAL A 46 -4.99 -1.44 1.54
CA VAL A 46 -4.50 -1.70 2.93
C VAL A 46 -3.18 -2.49 2.84
N GLU A 47 -2.45 -2.60 3.91
CA GLU A 47 -1.16 -3.36 3.87
C GLU A 47 -1.37 -4.74 4.49
N PHE A 48 -0.66 -5.71 4.00
CA PHE A 48 -0.78 -7.07 4.55
C PHE A 48 0.54 -7.81 4.39
N ASP A 49 1.26 -7.96 5.48
CA ASP A 49 2.58 -8.66 5.42
C ASP A 49 3.54 -7.77 4.64
N MET A 50 3.37 -6.48 4.77
CA MET A 50 4.25 -5.51 4.05
C MET A 50 3.86 -5.50 2.57
N LYS A 51 2.77 -6.13 2.23
CA LYS A 51 2.31 -6.13 0.81
C LYS A 51 0.96 -5.41 0.75
N PRO A 52 0.79 -4.57 -0.23
CA PRO A 52 -0.45 -3.80 -0.39
C PRO A 52 -1.60 -4.73 -0.78
N VAL A 53 -2.78 -4.41 -0.34
CA VAL A 53 -3.97 -5.22 -0.68
C VAL A 53 -5.13 -4.26 -0.96
N CYS A 54 -5.64 -4.26 -2.15
CA CYS A 54 -6.75 -3.34 -2.50
C CYS A 54 -7.96 -3.66 -1.62
N LYS A 55 -8.75 -2.67 -1.31
CA LYS A 55 -9.95 -2.89 -0.45
C LYS A 55 -10.75 -4.09 -0.96
N LYS A 56 -10.73 -4.32 -2.26
CA LYS A 56 -11.49 -5.48 -2.81
C LYS A 56 -10.79 -6.78 -2.37
N CYS A 57 -9.49 -6.81 -2.43
CA CYS A 57 -8.75 -8.02 -2.00
C CYS A 57 -8.78 -8.09 -0.49
N TYR A 58 -8.68 -6.96 0.17
CA TYR A 58 -8.74 -6.94 1.66
C TYR A 58 -10.09 -7.49 2.08
N GLU A 59 -11.04 -7.48 1.20
CA GLU A 59 -12.40 -8.00 1.53
C GLU A 59 -12.45 -9.49 1.19
N LYS A 60 -11.56 -9.96 0.35
CA LYS A 60 -11.57 -11.41 -0.01
C LYS A 60 -11.17 -12.24 1.22
N PHE A 61 -10.61 -11.60 2.22
CA PHE A 61 -10.22 -12.34 3.45
C PHE A 61 -11.44 -12.41 4.39
N PRO A 62 -11.49 -13.44 5.20
CA PRO A 62 -12.59 -13.61 6.15
C PRO A 62 -12.73 -12.37 7.03
N LEU A 63 -13.94 -11.96 7.29
CA LEU A 63 -14.19 -10.75 8.13
C LEU A 63 -13.28 -10.77 9.37
N GLU A 64 -13.05 -11.91 9.94
CA GLU A 64 -12.20 -11.99 11.16
C GLU A 64 -10.71 -11.92 10.78
N LEU A 65 -10.38 -12.21 9.54
CA LEU A 65 -8.94 -12.16 9.13
C LEU A 65 -8.59 -10.75 8.65
N LYS A 66 -9.42 -10.14 7.87
CA LYS A 66 -9.12 -8.77 7.36
C LYS A 66 -8.75 -7.87 8.54
N LYS A 67 -9.57 -7.85 9.57
CA LYS A 67 -9.26 -7.02 10.76
C LYS A 67 -7.87 -7.37 11.29
N ARG A 68 -7.42 -8.57 11.05
CA ARG A 68 -6.07 -8.98 11.52
C ARG A 68 -5.00 -8.44 10.57
N LEU A 69 -5.27 -8.47 9.28
CA LEU A 69 -4.29 -7.95 8.30
C LEU A 69 -4.24 -6.43 8.40
N LYS A 70 -5.39 -5.80 8.47
CA LYS A 70 -5.41 -4.32 8.59
C LYS A 70 -4.67 -3.92 9.87
N LYS A 71 -4.65 -4.80 10.85
CA LYS A 71 -3.92 -4.48 12.11
C LYS A 71 -2.46 -4.21 11.78
N LEU A 72 -2.00 -4.77 10.68
CA LEU A 72 -0.59 -4.55 10.27
C LEU A 72 -0.48 -3.16 9.65
N ALA A 73 -1.26 -2.90 8.64
CA ALA A 73 -1.22 -1.56 7.98
C ALA A 73 -1.46 -0.44 8.99
N GLU A 74 -2.14 -0.72 10.07
CA GLU A 74 -2.42 0.33 11.10
C GLU A 74 -1.10 0.81 11.69
N THR A 75 -0.09 -0.02 11.71
CA THR A 75 1.23 0.38 12.26
C THR A 75 2.30 0.19 11.19
N LEU A 76 2.06 -0.70 10.26
CA LEU A 76 3.05 -0.95 9.17
C LEU A 76 2.45 -0.56 7.82
N GLY A 77 1.61 0.45 7.80
CA GLY A 77 0.99 0.87 6.52
C GLY A 77 0.57 2.34 6.61
N ARG A 78 0.33 2.98 5.49
CA ARG A 78 -0.08 4.41 5.51
C ARG A 78 0.93 5.22 6.34
N LYS A 79 2.16 5.29 5.87
CA LYS A 79 3.20 6.04 6.62
C LYS A 79 3.46 5.35 7.97
ZN ZN B . -6.35 -6.56 -4.80
ZN ZN C . 8.64 3.68 -7.36
N GLY A 1 5.57 14.90 -7.16
CA GLY A 1 5.54 14.85 -5.63
C GLY A 1 6.54 15.62 -4.85
N SER A 2 6.77 15.24 -3.62
CA SER A 2 7.77 15.97 -2.78
C SER A 2 9.18 15.78 -3.38
N GLY A 3 9.41 14.68 -4.03
CA GLY A 3 10.75 14.44 -4.65
C GLY A 3 11.42 13.25 -3.96
N ASP A 4 10.68 12.51 -3.17
CA ASP A 4 11.27 11.34 -2.46
C ASP A 4 11.57 10.22 -3.46
N VAL A 5 12.35 9.26 -3.07
CA VAL A 5 12.67 8.12 -3.99
C VAL A 5 11.73 6.96 -3.68
N CYS A 6 10.80 6.68 -4.55
CA CYS A 6 9.85 5.57 -4.31
C CYS A 6 10.61 4.30 -3.91
N PHE A 7 10.64 3.98 -2.65
CA PHE A 7 11.35 2.76 -2.18
C PHE A 7 10.92 1.55 -3.02
N HIS A 8 9.76 1.61 -3.62
CA HIS A 8 9.28 0.48 -4.45
C HIS A 8 10.20 0.28 -5.66
N CYS A 9 10.59 1.37 -6.30
CA CYS A 9 11.49 1.25 -7.48
C CYS A 9 12.83 1.94 -7.18
N ASN A 10 12.92 2.61 -6.06
CA ASN A 10 14.18 3.31 -5.68
C ASN A 10 14.45 4.46 -6.66
N ARG A 11 13.41 5.01 -7.22
CA ARG A 11 13.58 6.13 -8.19
C ARG A 11 12.82 7.35 -7.69
N VAL A 12 13.20 8.52 -8.12
CA VAL A 12 12.49 9.76 -7.68
C VAL A 12 10.99 9.61 -7.94
N ILE A 13 10.17 10.06 -7.03
CA ILE A 13 8.70 9.94 -7.21
C ILE A 13 8.28 10.61 -8.52
N GLU A 14 7.66 9.86 -9.39
CA GLU A 14 7.22 10.43 -10.70
C GLU A 14 5.79 10.97 -10.56
N GLY A 15 5.16 10.73 -9.44
CA GLY A 15 3.77 11.23 -9.24
C GLY A 15 3.63 11.70 -7.79
N ASP A 16 2.77 11.08 -7.03
CA ASP A 16 2.58 11.49 -5.61
C ASP A 16 3.34 10.53 -4.70
N VAL A 17 3.94 11.05 -3.66
CA VAL A 17 4.71 10.17 -2.72
C VAL A 17 3.73 9.44 -1.82
N VAL A 18 3.48 8.18 -2.09
CA VAL A 18 2.53 7.40 -1.23
C VAL A 18 3.31 6.87 -0.03
N SER A 19 3.35 7.63 1.04
CA SER A 19 4.09 7.19 2.25
C SER A 19 3.58 5.83 2.70
N ALA A 20 4.34 4.79 2.46
CA ALA A 20 3.93 3.42 2.87
C ALA A 20 5.08 2.77 3.64
N LEU A 21 4.77 2.03 4.68
CA LEU A 21 5.84 1.38 5.49
C LEU A 21 6.84 2.45 5.96
N ASN A 22 6.36 3.66 6.11
CA ASN A 22 7.25 4.78 6.56
C ASN A 22 8.20 5.17 5.42
N LYS A 23 8.07 4.55 4.28
CA LYS A 23 8.96 4.89 3.12
C LYS A 23 8.14 5.60 2.06
N ALA A 24 8.79 6.09 1.03
CA ALA A 24 8.05 6.78 -0.07
C ALA A 24 7.75 5.76 -1.16
N TRP A 25 6.56 5.75 -1.70
CA TRP A 25 6.22 4.77 -2.76
C TRP A 25 5.59 5.48 -3.97
N CYS A 26 5.92 5.03 -5.15
CA CYS A 26 5.35 5.66 -6.38
C CYS A 26 3.90 5.22 -6.53
N VAL A 27 3.05 6.07 -7.05
CA VAL A 27 1.63 5.67 -7.23
C VAL A 27 1.58 4.68 -8.39
N ASN A 28 2.63 4.66 -9.18
CA ASN A 28 2.71 3.72 -10.34
C ASN A 28 3.26 2.38 -9.87
N CYS A 29 4.18 2.41 -8.95
CA CYS A 29 4.77 1.15 -8.43
C CYS A 29 3.89 0.60 -7.30
N PHE A 30 3.48 1.46 -6.42
CA PHE A 30 2.61 1.03 -5.28
C PHE A 30 1.28 0.49 -5.84
N ALA A 31 1.08 -0.80 -5.73
CA ALA A 31 -0.18 -1.41 -6.26
C ALA A 31 -0.56 -2.63 -5.43
N CYS A 32 -1.83 -2.79 -5.13
CA CYS A 32 -2.28 -3.97 -4.32
C CYS A 32 -1.58 -5.23 -4.82
N SER A 33 -0.65 -5.75 -4.07
CA SER A 33 0.07 -6.98 -4.49
C SER A 33 -0.88 -8.19 -4.41
N THR A 34 -2.09 -7.97 -3.98
CA THR A 34 -3.05 -9.11 -3.87
C THR A 34 -3.85 -9.24 -5.18
N CYS A 35 -3.93 -8.19 -5.94
CA CYS A 35 -4.68 -8.26 -7.23
C CYS A 35 -4.03 -7.36 -8.28
N ASN A 36 -2.90 -6.78 -7.95
CA ASN A 36 -2.17 -5.89 -8.92
C ASN A 36 -2.93 -4.57 -9.14
N THR A 37 -3.94 -4.30 -8.35
CA THR A 37 -4.68 -3.02 -8.54
C THR A 37 -3.76 -1.85 -8.19
N LYS A 38 -3.55 -0.96 -9.11
CA LYS A 38 -2.65 0.21 -8.85
C LYS A 38 -3.11 0.97 -7.61
N LEU A 39 -2.18 1.43 -6.81
CA LEU A 39 -2.54 2.17 -5.57
C LEU A 39 -2.17 3.65 -5.73
N THR A 40 -3.02 4.53 -5.26
CA THR A 40 -2.74 5.99 -5.36
C THR A 40 -3.33 6.69 -4.13
N LEU A 41 -3.20 7.99 -4.05
CA LEU A 41 -3.75 8.72 -2.87
C LEU A 41 -5.26 8.89 -3.04
N LYS A 42 -5.83 8.34 -4.08
CA LYS A 42 -7.29 8.47 -4.32
C LYS A 42 -8.01 7.21 -3.83
N ASN A 43 -7.40 6.05 -4.01
CA ASN A 43 -8.05 4.79 -3.58
C ASN A 43 -7.90 4.61 -2.06
N LYS A 44 -8.42 3.53 -1.53
CA LYS A 44 -8.30 3.27 -0.07
C LYS A 44 -8.00 1.79 0.15
N PHE A 45 -6.74 1.42 0.10
CA PHE A 45 -6.36 -0.01 0.30
C PHE A 45 -5.80 -0.20 1.71
N VAL A 46 -5.14 -1.30 1.95
CA VAL A 46 -4.56 -1.57 3.31
C VAL A 46 -3.23 -2.32 3.16
N GLU A 47 -2.52 -2.52 4.25
CA GLU A 47 -1.22 -3.25 4.15
C GLU A 47 -1.39 -4.68 4.66
N PHE A 48 -0.67 -5.59 4.10
CA PHE A 48 -0.75 -7.01 4.55
C PHE A 48 0.56 -7.71 4.26
N ASP A 49 1.28 -8.07 5.29
CA ASP A 49 2.60 -8.75 5.10
C ASP A 49 3.55 -7.76 4.46
N MET A 50 3.40 -6.50 4.81
CA MET A 50 4.28 -5.44 4.24
C MET A 50 3.93 -5.24 2.76
N LYS A 51 2.78 -5.71 2.36
CA LYS A 51 2.35 -5.55 0.93
C LYS A 51 0.95 -4.92 0.93
N PRO A 52 0.71 -4.07 -0.03
CA PRO A 52 -0.59 -3.39 -0.13
C PRO A 52 -1.69 -4.37 -0.49
N VAL A 53 -2.88 -4.14 -0.01
CA VAL A 53 -4.02 -5.02 -0.33
C VAL A 53 -5.25 -4.14 -0.54
N CYS A 54 -5.80 -4.14 -1.72
CA CYS A 54 -6.98 -3.27 -1.99
C CYS A 54 -8.15 -3.66 -1.10
N LYS A 55 -8.96 -2.69 -0.75
CA LYS A 55 -10.12 -2.97 0.13
C LYS A 55 -10.90 -4.18 -0.40
N LYS A 56 -10.88 -4.40 -1.68
CA LYS A 56 -11.59 -5.59 -2.26
C LYS A 56 -10.83 -6.86 -1.85
N CYS A 57 -9.54 -6.84 -1.98
CA CYS A 57 -8.74 -8.04 -1.58
C CYS A 57 -8.79 -8.15 -0.06
N TYR A 58 -8.69 -7.04 0.62
CA TYR A 58 -8.77 -7.04 2.11
C TYR A 58 -10.09 -7.68 2.53
N GLU A 59 -11.04 -7.70 1.63
CA GLU A 59 -12.37 -8.30 1.94
C GLU A 59 -12.34 -9.80 1.61
N LYS A 60 -11.43 -10.21 0.77
CA LYS A 60 -11.35 -11.65 0.40
C LYS A 60 -10.91 -12.47 1.62
N PHE A 61 -10.43 -11.81 2.65
CA PHE A 61 -10.00 -12.55 3.87
C PHE A 61 -11.19 -12.66 4.83
N PRO A 62 -11.21 -13.70 5.62
CA PRO A 62 -12.29 -13.94 6.58
C PRO A 62 -12.46 -12.72 7.48
N LEU A 63 -13.68 -12.36 7.77
CA LEU A 63 -13.97 -11.18 8.64
C LEU A 63 -13.04 -11.17 9.87
N GLU A 64 -12.76 -12.31 10.42
CA GLU A 64 -11.89 -12.38 11.63
C GLU A 64 -10.41 -12.25 11.23
N LEU A 65 -10.09 -12.50 9.98
CA LEU A 65 -8.67 -12.40 9.54
C LEU A 65 -8.36 -10.96 9.09
N LYS A 66 -9.23 -10.36 8.32
CA LYS A 66 -8.98 -8.97 7.84
C LYS A 66 -8.65 -8.07 9.04
N LYS A 67 -9.47 -8.11 10.05
CA LYS A 67 -9.20 -7.26 11.26
C LYS A 67 -7.78 -7.52 11.76
N ARG A 68 -7.26 -8.69 11.50
CA ARG A 68 -5.87 -9.01 11.96
C ARG A 68 -4.87 -8.50 10.91
N LEU A 69 -5.22 -8.59 9.66
CA LEU A 69 -4.31 -8.10 8.58
C LEU A 69 -4.24 -6.58 8.64
N LYS A 70 -5.36 -5.93 8.77
CA LYS A 70 -5.37 -4.44 8.84
C LYS A 70 -4.55 -4.02 10.07
N LYS A 71 -4.47 -4.88 11.05
CA LYS A 71 -3.68 -4.56 12.28
C LYS A 71 -2.23 -4.32 11.87
N LEU A 72 -1.80 -4.95 10.80
CA LEU A 72 -0.40 -4.77 10.33
C LEU A 72 -0.24 -3.34 9.83
N ALA A 73 -1.06 -2.94 8.88
CA ALA A 73 -0.96 -1.56 8.34
C ALA A 73 -0.99 -0.54 9.49
N GLU A 74 -1.60 -0.91 10.59
CA GLU A 74 -1.66 0.03 11.75
C GLU A 74 -0.40 -0.16 12.60
N THR A 75 0.12 -1.37 12.64
CA THR A 75 1.35 -1.63 13.44
C THR A 75 2.57 -1.20 12.63
N LEU A 76 2.52 -1.33 11.33
CA LEU A 76 3.68 -0.93 10.49
C LEU A 76 3.61 0.58 10.20
N GLY A 77 2.91 0.97 9.19
CA GLY A 77 2.80 2.42 8.85
C GLY A 77 2.62 2.57 7.35
N ARG A 78 1.67 1.86 6.79
CA ARG A 78 1.43 1.93 5.32
C ARG A 78 0.04 2.49 5.06
N LYS A 79 -0.06 3.49 4.21
CA LYS A 79 -1.37 4.11 3.88
C LYS A 79 -1.86 4.94 5.09
ZN ZN B . -6.42 -6.30 -4.43
ZN ZN C . 8.37 4.04 -7.79
N GLY A 1 4.42 14.22 -5.55
CA GLY A 1 5.75 14.84 -5.96
C GLY A 1 6.64 15.44 -4.92
N SER A 2 6.68 14.86 -3.75
CA SER A 2 7.54 15.42 -2.67
C SER A 2 9.01 15.30 -3.07
N GLY A 3 9.41 14.17 -3.58
CA GLY A 3 10.82 13.97 -4.02
C GLY A 3 11.45 12.81 -3.24
N ASP A 4 10.65 12.06 -2.52
CA ASP A 4 11.19 10.91 -1.75
C ASP A 4 11.60 9.78 -2.71
N VAL A 5 12.37 8.84 -2.23
CA VAL A 5 12.79 7.71 -3.10
C VAL A 5 11.86 6.53 -2.85
N CYS A 6 11.00 6.23 -3.79
CA CYS A 6 10.05 5.10 -3.61
C CYS A 6 10.80 3.85 -3.16
N PHE A 7 10.72 3.54 -1.89
CA PHE A 7 11.43 2.33 -1.36
C PHE A 7 11.08 1.10 -2.22
N HIS A 8 9.97 1.14 -2.91
CA HIS A 8 9.57 -0.01 -3.77
C HIS A 8 10.59 -0.19 -4.91
N CYS A 9 11.02 0.90 -5.50
CA CYS A 9 12.02 0.79 -6.61
C CYS A 9 13.31 1.50 -6.20
N ASN A 10 13.31 2.17 -5.07
CA ASN A 10 14.52 2.89 -4.59
C ASN A 10 14.86 4.03 -5.55
N ARG A 11 13.86 4.57 -6.22
CA ARG A 11 14.12 5.69 -7.17
C ARG A 11 13.28 6.90 -6.75
N VAL A 12 13.68 8.08 -7.16
CA VAL A 12 12.92 9.30 -6.80
C VAL A 12 11.45 9.14 -7.19
N ILE A 13 10.55 9.57 -6.36
CA ILE A 13 9.10 9.44 -6.67
C ILE A 13 8.78 10.19 -7.98
N GLU A 14 8.24 9.50 -8.94
CA GLU A 14 7.90 10.16 -10.24
C GLU A 14 6.45 10.66 -10.18
N GLY A 15 5.74 10.33 -9.15
CA GLY A 15 4.32 10.77 -9.02
C GLY A 15 4.04 11.19 -7.57
N ASP A 16 3.07 10.58 -6.94
CA ASP A 16 2.76 10.94 -5.53
C ASP A 16 3.46 9.96 -4.59
N VAL A 17 3.99 10.46 -3.50
CA VAL A 17 4.70 9.59 -2.53
C VAL A 17 3.66 8.82 -1.69
N VAL A 18 3.47 7.56 -1.97
CA VAL A 18 2.48 6.76 -1.18
C VAL A 18 3.17 6.29 0.10
N SER A 19 3.10 7.08 1.14
CA SER A 19 3.75 6.70 2.42
C SER A 19 3.22 5.33 2.90
N ALA A 20 4.01 4.31 2.73
CA ALA A 20 3.58 2.95 3.17
C ALA A 20 4.69 2.36 4.04
N LEU A 21 4.34 1.68 5.11
CA LEU A 21 5.37 1.09 6.00
C LEU A 21 6.33 2.20 6.47
N ASN A 22 5.83 3.42 6.55
CA ASN A 22 6.68 4.58 6.98
C ASN A 22 7.68 4.92 5.87
N LYS A 23 7.70 4.16 4.81
CA LYS A 23 8.64 4.44 3.70
C LYS A 23 7.88 5.14 2.56
N ALA A 24 8.58 5.61 1.57
CA ALA A 24 7.90 6.27 0.42
C ALA A 24 7.70 5.23 -0.68
N TRP A 25 6.54 5.21 -1.29
CA TRP A 25 6.30 4.20 -2.36
C TRP A 25 5.77 4.90 -3.63
N CYS A 26 6.21 4.45 -4.78
CA CYS A 26 5.76 5.07 -6.06
C CYS A 26 4.33 4.64 -6.35
N VAL A 27 3.54 5.50 -6.94
CA VAL A 27 2.15 5.10 -7.27
C VAL A 27 2.22 4.12 -8.44
N ASN A 28 3.35 4.09 -9.09
CA ASN A 28 3.56 3.18 -10.24
C ASN A 28 4.06 1.82 -9.73
N CYS A 29 4.85 1.83 -8.69
CA CYS A 29 5.39 0.57 -8.13
C CYS A 29 4.40 -0.01 -7.13
N PHE A 30 3.87 0.83 -6.26
CA PHE A 30 2.90 0.35 -5.24
C PHE A 30 1.63 -0.16 -5.94
N ALA A 31 1.40 -1.44 -5.90
CA ALA A 31 0.18 -2.02 -6.56
C ALA A 31 -0.29 -3.24 -5.78
N CYS A 32 -1.59 -3.41 -5.63
CA CYS A 32 -2.14 -4.59 -4.87
C CYS A 32 -1.32 -5.84 -5.21
N SER A 33 -0.43 -6.24 -4.34
CA SER A 33 0.39 -7.45 -4.62
C SER A 33 -0.51 -8.67 -4.74
N THR A 34 -1.76 -8.52 -4.40
CA THR A 34 -2.72 -9.67 -4.48
C THR A 34 -3.57 -9.54 -5.75
N CYS A 35 -3.44 -8.46 -6.48
CA CYS A 35 -4.25 -8.28 -7.72
C CYS A 35 -3.43 -7.54 -8.79
N ASN A 36 -2.24 -7.12 -8.47
CA ASN A 36 -1.42 -6.36 -9.45
C ASN A 36 -2.12 -5.04 -9.77
N THR A 37 -3.16 -4.73 -9.04
CA THR A 37 -3.89 -3.45 -9.28
C THR A 37 -3.03 -2.28 -8.84
N LYS A 38 -2.74 -1.38 -9.74
CA LYS A 38 -1.88 -0.21 -9.39
C LYS A 38 -2.47 0.54 -8.19
N LEU A 39 -1.67 0.81 -7.20
CA LEU A 39 -2.17 1.54 -6.01
C LEU A 39 -1.96 3.04 -6.21
N THR A 40 -2.99 3.81 -6.02
CA THR A 40 -2.87 5.29 -6.20
C THR A 40 -3.55 5.99 -5.02
N LEU A 41 -3.20 7.22 -4.76
CA LEU A 41 -3.84 7.96 -3.64
C LEU A 41 -5.35 8.04 -3.90
N LYS A 42 -5.75 7.73 -5.10
CA LYS A 42 -7.19 7.75 -5.46
C LYS A 42 -7.82 6.41 -5.10
N ASN A 43 -7.08 5.34 -5.27
CA ASN A 43 -7.62 3.99 -4.93
C ASN A 43 -7.69 3.84 -3.40
N LYS A 44 -8.40 2.85 -2.93
CA LYS A 44 -8.51 2.64 -1.46
C LYS A 44 -8.10 1.22 -1.11
N PHE A 45 -6.82 0.95 -1.07
CA PHE A 45 -6.34 -0.42 -0.73
C PHE A 45 -5.83 -0.43 0.71
N VAL A 46 -5.10 -1.45 1.09
CA VAL A 46 -4.59 -1.52 2.49
C VAL A 46 -3.21 -2.20 2.50
N GLU A 47 -2.56 -2.23 3.64
CA GLU A 47 -1.22 -2.88 3.71
C GLU A 47 -1.38 -4.24 4.40
N PHE A 48 -0.73 -5.24 3.89
CA PHE A 48 -0.83 -6.60 4.50
C PHE A 48 0.50 -7.33 4.32
N ASP A 49 1.07 -7.84 5.39
CA ASP A 49 2.36 -8.56 5.27
C ASP A 49 3.38 -7.61 4.63
N MET A 50 3.23 -6.34 4.90
CA MET A 50 4.17 -5.32 4.32
C MET A 50 3.93 -5.21 2.82
N LYS A 51 2.80 -5.69 2.36
CA LYS A 51 2.48 -5.61 0.91
C LYS A 51 1.08 -5.01 0.75
N PRO A 52 0.89 -4.28 -0.32
CA PRO A 52 -0.41 -3.63 -0.59
C PRO A 52 -1.49 -4.68 -0.87
N VAL A 53 -2.70 -4.39 -0.52
CA VAL A 53 -3.81 -5.34 -0.78
C VAL A 53 -5.06 -4.53 -1.12
N CYS A 54 -5.60 -4.71 -2.28
CA CYS A 54 -6.80 -3.92 -2.69
C CYS A 54 -7.96 -4.22 -1.74
N LYS A 55 -8.82 -3.27 -1.54
CA LYS A 55 -9.98 -3.47 -0.62
C LYS A 55 -10.72 -4.76 -1.01
N LYS A 56 -10.66 -5.14 -2.26
CA LYS A 56 -11.32 -6.40 -2.68
C LYS A 56 -10.58 -7.57 -2.07
N CYS A 57 -9.27 -7.51 -2.06
CA CYS A 57 -8.47 -8.62 -1.45
C CYS A 57 -8.60 -8.52 0.06
N TYR A 58 -8.49 -7.33 0.59
CA TYR A 58 -8.64 -7.15 2.07
C TYR A 58 -9.97 -7.76 2.50
N GLU A 59 -10.90 -7.87 1.58
CA GLU A 59 -12.21 -8.45 1.90
C GLU A 59 -12.17 -9.97 1.69
N LYS A 60 -11.24 -10.44 0.91
CA LYS A 60 -11.12 -11.91 0.66
C LYS A 60 -10.74 -12.61 1.97
N PHE A 61 -10.28 -11.86 2.94
CA PHE A 61 -9.90 -12.47 4.25
C PHE A 61 -11.13 -12.51 5.14
N PRO A 62 -11.17 -13.48 6.03
CA PRO A 62 -12.30 -13.63 6.96
C PRO A 62 -12.55 -12.33 7.72
N LEU A 63 -13.79 -11.98 7.91
CA LEU A 63 -14.15 -10.72 8.63
C LEU A 63 -13.28 -10.56 9.89
N GLU A 64 -13.02 -11.64 10.58
CA GLU A 64 -12.19 -11.54 11.83
C GLU A 64 -10.70 -11.42 11.48
N LEU A 65 -10.32 -11.79 10.28
CA LEU A 65 -8.89 -11.70 9.90
C LEU A 65 -8.58 -10.32 9.32
N LYS A 66 -9.44 -9.82 8.46
CA LYS A 66 -9.19 -8.48 7.86
C LYS A 66 -8.92 -7.46 8.97
N LYS A 67 -9.78 -7.42 9.96
CA LYS A 67 -9.57 -6.45 11.08
C LYS A 67 -8.16 -6.64 11.66
N ARG A 68 -7.62 -7.83 11.55
CA ARG A 68 -6.25 -8.09 12.08
C ARG A 68 -5.23 -7.63 11.03
N LEU A 69 -5.49 -7.89 9.77
CA LEU A 69 -4.55 -7.46 8.70
C LEU A 69 -4.56 -5.93 8.63
N LYS A 70 -5.71 -5.33 8.72
CA LYS A 70 -5.80 -3.85 8.68
C LYS A 70 -5.03 -3.30 9.88
N LYS A 71 -4.87 -4.10 10.90
CA LYS A 71 -4.11 -3.64 12.10
C LYS A 71 -2.64 -3.47 11.73
N LEU A 72 -2.25 -3.97 10.58
CA LEU A 72 -0.83 -3.83 10.15
C LEU A 72 -0.66 -2.48 9.45
N ALA A 73 -1.42 -2.24 8.41
CA ALA A 73 -1.30 -0.95 7.66
C ALA A 73 -1.27 0.24 8.63
N GLU A 74 -2.00 0.17 9.71
CA GLU A 74 -2.00 1.29 10.69
C GLU A 74 -0.71 1.25 11.51
N THR A 75 -0.21 0.07 11.80
CA THR A 75 1.04 -0.04 12.59
C THR A 75 2.24 0.16 11.66
N LEU A 76 2.13 -0.29 10.44
CA LEU A 76 3.26 -0.13 9.47
C LEU A 76 3.29 1.30 8.93
N GLY A 77 2.14 1.84 8.62
CA GLY A 77 2.08 3.24 8.08
C GLY A 77 0.91 3.36 7.11
N ARG A 78 1.13 3.03 5.86
CA ARG A 78 0.03 3.11 4.85
C ARG A 78 -0.51 4.54 4.79
N LYS A 79 0.27 5.50 5.21
CA LYS A 79 -0.19 6.93 5.18
C LYS A 79 -1.39 7.11 6.13
ZN ZN B . -6.25 -7.46 -4.72
ZN ZN C . 8.90 3.51 -7.21
N GLY A 1 3.72 17.87 -1.15
CA GLY A 1 4.86 17.21 -0.38
C GLY A 1 5.52 15.99 -0.94
N SER A 2 5.41 15.78 -2.22
CA SER A 2 6.05 14.58 -2.85
C SER A 2 7.53 14.86 -3.09
N GLY A 3 8.21 13.94 -3.72
CA GLY A 3 9.67 14.14 -4.00
C GLY A 3 10.48 13.10 -3.21
N ASP A 4 9.80 12.20 -2.55
CA ASP A 4 10.51 11.15 -1.76
C ASP A 4 11.03 10.06 -2.71
N VAL A 5 11.82 9.15 -2.20
CA VAL A 5 12.34 8.05 -3.07
C VAL A 5 11.47 6.81 -2.86
N CYS A 6 10.64 6.50 -3.81
CA CYS A 6 9.74 5.31 -3.67
C CYS A 6 10.57 4.09 -3.24
N PHE A 7 10.50 3.74 -1.98
CA PHE A 7 11.26 2.57 -1.47
C PHE A 7 10.99 1.34 -2.36
N HIS A 8 9.88 1.34 -3.06
CA HIS A 8 9.56 0.19 -3.95
C HIS A 8 10.62 0.08 -5.06
N CYS A 9 11.02 1.18 -5.63
CA CYS A 9 12.04 1.15 -6.71
C CYS A 9 13.28 1.92 -6.26
N ASN A 10 13.21 2.58 -5.14
CA ASN A 10 14.37 3.37 -4.62
C ASN A 10 14.66 4.53 -5.57
N ARG A 11 13.65 5.05 -6.22
CA ARG A 11 13.84 6.18 -7.17
C ARG A 11 12.95 7.35 -6.74
N VAL A 12 13.31 8.54 -7.11
CA VAL A 12 12.47 9.73 -6.74
C VAL A 12 11.02 9.47 -7.18
N ILE A 13 10.08 9.82 -6.34
CA ILE A 13 8.65 9.60 -6.70
C ILE A 13 8.30 10.38 -7.96
N GLU A 14 7.65 9.75 -8.90
CA GLU A 14 7.28 10.45 -10.17
C GLU A 14 5.84 10.94 -10.10
N GLY A 15 5.17 10.67 -9.01
CA GLY A 15 3.75 11.12 -8.85
C GLY A 15 3.46 11.41 -7.37
N ASP A 16 2.51 10.73 -6.80
CA ASP A 16 2.18 10.96 -5.37
C ASP A 16 2.95 9.98 -4.49
N VAL A 17 3.37 10.41 -3.34
CA VAL A 17 4.13 9.51 -2.43
C VAL A 17 3.14 8.65 -1.62
N VAL A 18 3.03 7.39 -1.97
CA VAL A 18 2.10 6.50 -1.22
C VAL A 18 2.80 6.02 0.04
N SER A 19 2.67 6.76 1.12
CA SER A 19 3.34 6.37 2.39
C SER A 19 2.87 4.98 2.83
N ALA A 20 3.68 3.98 2.61
CA ALA A 20 3.32 2.60 3.02
C ALA A 20 4.45 2.02 3.87
N LEU A 21 4.13 1.25 4.88
CA LEU A 21 5.20 0.67 5.74
C LEU A 21 6.09 1.80 6.28
N ASN A 22 5.54 2.97 6.40
CA ASN A 22 6.33 4.15 6.91
C ASN A 22 7.35 4.58 5.86
N LYS A 23 7.31 3.98 4.70
CA LYS A 23 8.27 4.36 3.62
C LYS A 23 7.51 5.05 2.50
N ALA A 24 8.21 5.59 1.55
CA ALA A 24 7.53 6.26 0.39
C ALA A 24 7.40 5.25 -0.74
N TRP A 25 6.26 5.18 -1.38
CA TRP A 25 6.09 4.19 -2.49
C TRP A 25 5.54 4.90 -3.74
N CYS A 26 6.02 4.50 -4.89
CA CYS A 26 5.55 5.12 -6.16
C CYS A 26 4.14 4.64 -6.47
N VAL A 27 3.32 5.48 -7.07
CA VAL A 27 1.96 5.03 -7.43
C VAL A 27 2.06 4.06 -8.60
N ASN A 28 3.19 4.10 -9.27
CA ASN A 28 3.42 3.19 -10.43
C ASN A 28 3.99 1.86 -9.93
N CYS A 29 4.81 1.92 -8.91
CA CYS A 29 5.41 0.67 -8.36
C CYS A 29 4.46 0.05 -7.35
N PHE A 30 3.92 0.86 -6.47
CA PHE A 30 2.97 0.33 -5.44
C PHE A 30 1.73 -0.21 -6.13
N ALA A 31 1.55 -1.50 -6.12
CA ALA A 31 0.35 -2.12 -6.76
C ALA A 31 -0.12 -3.30 -5.92
N CYS A 32 -1.41 -3.41 -5.71
CA CYS A 32 -1.94 -4.54 -4.89
C CYS A 32 -1.24 -5.85 -5.26
N SER A 33 -0.37 -6.33 -4.40
CA SER A 33 0.36 -7.59 -4.70
C SER A 33 -0.61 -8.77 -4.64
N THR A 34 -1.85 -8.51 -4.32
CA THR A 34 -2.85 -9.62 -4.24
C THR A 34 -3.57 -9.77 -5.58
N CYS A 35 -3.59 -8.74 -6.39
CA CYS A 35 -4.28 -8.85 -7.72
C CYS A 35 -3.53 -8.01 -8.76
N ASN A 36 -2.40 -7.45 -8.40
CA ASN A 36 -1.59 -6.64 -9.37
C ASN A 36 -2.32 -5.32 -9.69
N THR A 37 -3.35 -4.99 -8.97
CA THR A 37 -4.06 -3.71 -9.26
C THR A 37 -3.16 -2.54 -8.90
N LYS A 38 -2.85 -1.69 -9.84
CA LYS A 38 -1.97 -0.52 -9.54
C LYS A 38 -2.54 0.24 -8.35
N LEU A 39 -1.71 0.56 -7.39
CA LEU A 39 -2.20 1.28 -6.18
C LEU A 39 -2.07 2.79 -6.38
N THR A 40 -3.08 3.54 -5.99
CA THR A 40 -3.05 5.02 -6.14
C THR A 40 -3.83 5.65 -4.99
N LEU A 41 -3.46 6.84 -4.59
CA LEU A 41 -4.18 7.53 -3.47
C LEU A 41 -5.68 7.61 -3.82
N LYS A 42 -6.00 7.66 -5.09
CA LYS A 42 -7.41 7.74 -5.51
C LYS A 42 -8.06 6.36 -5.37
N ASN A 43 -7.28 5.32 -5.52
CA ASN A 43 -7.83 3.95 -5.39
C ASN A 43 -7.87 3.54 -3.91
N LYS A 44 -8.70 2.60 -3.57
CA LYS A 44 -8.79 2.14 -2.16
C LYS A 44 -7.87 0.93 -1.98
N PHE A 45 -7.13 0.88 -0.90
CA PHE A 45 -6.19 -0.27 -0.69
C PHE A 45 -5.82 -0.38 0.79
N VAL A 46 -5.08 -1.40 1.13
CA VAL A 46 -4.65 -1.61 2.54
C VAL A 46 -3.26 -2.26 2.54
N GLU A 47 -2.63 -2.34 3.68
CA GLU A 47 -1.28 -2.98 3.75
C GLU A 47 -1.41 -4.36 4.40
N PHE A 48 -0.74 -5.34 3.88
CA PHE A 48 -0.83 -6.71 4.46
C PHE A 48 0.50 -7.44 4.26
N ASP A 49 1.08 -7.93 5.33
CA ASP A 49 2.38 -8.64 5.19
C ASP A 49 3.38 -7.72 4.51
N MET A 50 3.25 -6.44 4.76
CA MET A 50 4.17 -5.44 4.13
C MET A 50 3.89 -5.36 2.62
N LYS A 51 2.77 -5.90 2.21
CA LYS A 51 2.41 -5.86 0.77
C LYS A 51 1.04 -5.18 0.63
N PRO A 52 0.87 -4.39 -0.39
CA PRO A 52 -0.38 -3.66 -0.61
C PRO A 52 -1.49 -4.63 -1.01
N VAL A 53 -2.68 -4.37 -0.56
CA VAL A 53 -3.83 -5.23 -0.93
C VAL A 53 -5.02 -4.32 -1.24
N CYS A 54 -5.52 -4.37 -2.45
CA CYS A 54 -6.66 -3.49 -2.83
C CYS A 54 -7.88 -3.84 -1.97
N LYS A 55 -8.73 -2.88 -1.74
CA LYS A 55 -9.94 -3.12 -0.91
C LYS A 55 -10.68 -4.37 -1.40
N LYS A 56 -10.60 -4.66 -2.67
CA LYS A 56 -11.29 -5.87 -3.20
C LYS A 56 -10.58 -7.13 -2.67
N CYS A 57 -9.28 -7.14 -2.74
CA CYS A 57 -8.51 -8.32 -2.23
C CYS A 57 -8.59 -8.32 -0.70
N TYR A 58 -8.53 -7.15 -0.10
CA TYR A 58 -8.62 -7.05 1.38
C TYR A 58 -9.97 -7.61 1.82
N GLU A 59 -10.90 -7.67 0.90
CA GLU A 59 -12.26 -8.19 1.24
C GLU A 59 -12.28 -9.70 1.00
N LYS A 60 -11.35 -10.22 0.25
CA LYS A 60 -11.32 -11.68 0.00
C LYS A 60 -10.91 -12.42 1.28
N PHE A 61 -10.39 -11.69 2.25
CA PHE A 61 -10.01 -12.33 3.54
C PHE A 61 -11.24 -12.43 4.42
N PRO A 62 -11.29 -13.41 5.29
CA PRO A 62 -12.41 -13.60 6.21
C PRO A 62 -12.64 -12.31 7.01
N LEU A 63 -13.87 -11.95 7.20
CA LEU A 63 -14.21 -10.72 7.98
C LEU A 63 -13.36 -10.62 9.25
N GLU A 64 -13.11 -11.73 9.89
CA GLU A 64 -12.29 -11.71 11.15
C GLU A 64 -10.79 -11.60 10.82
N LEU A 65 -10.41 -11.93 9.62
CA LEU A 65 -8.96 -11.85 9.24
C LEU A 65 -8.62 -10.46 8.73
N LYS A 66 -9.42 -9.91 7.86
CA LYS A 66 -9.14 -8.55 7.30
C LYS A 66 -8.90 -7.58 8.45
N LYS A 67 -9.75 -7.58 9.44
CA LYS A 67 -9.57 -6.65 10.60
C LYS A 67 -8.18 -6.88 11.22
N ARG A 68 -7.64 -8.06 11.06
CA ARG A 68 -6.29 -8.34 11.62
C ARG A 68 -5.22 -7.87 10.63
N LEU A 69 -5.49 -8.02 9.36
CA LEU A 69 -4.50 -7.58 8.32
C LEU A 69 -4.45 -6.05 8.31
N LYS A 70 -5.59 -5.41 8.38
CA LYS A 70 -5.60 -3.92 8.40
C LYS A 70 -4.82 -3.44 9.62
N LYS A 71 -4.76 -4.27 10.65
CA LYS A 71 -3.99 -3.88 11.86
C LYS A 71 -2.55 -3.58 11.45
N LEU A 72 -2.10 -4.20 10.40
CA LEU A 72 -0.71 -3.96 9.90
C LEU A 72 -0.69 -2.59 9.23
N ALA A 73 -1.60 -2.36 8.32
CA ALA A 73 -1.68 -1.04 7.62
C ALA A 73 -1.86 0.09 8.64
N GLU A 74 -2.21 -0.24 9.86
CA GLU A 74 -2.41 0.80 10.89
C GLU A 74 -1.07 1.14 11.55
N THR A 75 -0.20 0.17 11.66
CA THR A 75 1.13 0.41 12.28
C THR A 75 2.20 0.51 11.19
N LEU A 76 1.99 -0.16 10.08
CA LEU A 76 2.98 -0.12 8.97
C LEU A 76 2.46 0.78 7.86
N GLY A 77 1.31 0.46 7.33
CA GLY A 77 0.72 1.28 6.23
C GLY A 77 0.49 2.71 6.73
N ARG A 78 0.64 3.69 5.88
CA ARG A 78 0.42 5.10 6.28
C ARG A 78 1.20 5.39 7.58
N LYS A 79 2.48 5.07 7.60
CA LYS A 79 3.29 5.32 8.82
C LYS A 79 2.81 4.41 9.96
ZN ZN B . -6.14 -6.71 -5.10
ZN ZN C . 8.78 3.73 -7.33
N GLY A 1 4.51 13.63 -4.69
CA GLY A 1 5.34 14.84 -5.08
C GLY A 1 6.25 15.47 -4.06
N SER A 2 6.36 14.87 -2.91
CA SER A 2 7.24 15.44 -1.85
C SER A 2 8.70 15.35 -2.29
N GLY A 3 9.06 14.28 -2.96
CA GLY A 3 10.47 14.12 -3.43
C GLY A 3 11.12 12.92 -2.73
N ASP A 4 10.33 12.12 -2.06
CA ASP A 4 10.89 10.94 -1.35
C ASP A 4 11.33 9.88 -2.36
N VAL A 5 12.11 8.93 -1.93
CA VAL A 5 12.56 7.85 -2.87
C VAL A 5 11.66 6.64 -2.69
N CYS A 6 10.80 6.38 -3.64
CA CYS A 6 9.87 5.22 -3.54
C CYS A 6 10.65 3.97 -3.13
N PHE A 7 10.58 3.60 -1.88
CA PHE A 7 11.33 2.39 -1.40
C PHE A 7 11.06 1.21 -2.34
N HIS A 8 9.95 1.23 -3.04
CA HIS A 8 9.62 0.11 -3.97
C HIS A 8 10.69 0.04 -5.07
N CYS A 9 11.02 1.17 -5.65
CA CYS A 9 12.06 1.19 -6.73
C CYS A 9 13.31 1.92 -6.22
N ASN A 10 13.22 2.51 -5.06
CA ASN A 10 14.38 3.25 -4.48
C ASN A 10 14.74 4.43 -5.39
N ARG A 11 13.77 4.98 -6.07
CA ARG A 11 14.04 6.14 -6.96
C ARG A 11 13.17 7.31 -6.52
N VAL A 12 13.54 8.52 -6.88
CA VAL A 12 12.73 9.71 -6.47
C VAL A 12 11.29 9.50 -6.91
N ILE A 13 10.35 9.85 -6.06
CA ILE A 13 8.91 9.66 -6.40
C ILE A 13 8.60 10.35 -7.74
N GLU A 14 8.09 9.60 -8.69
CA GLU A 14 7.78 10.18 -10.03
C GLU A 14 6.33 10.69 -10.02
N GLY A 15 5.60 10.42 -8.97
CA GLY A 15 4.18 10.88 -8.89
C GLY A 15 3.85 11.27 -7.45
N ASP A 16 2.97 10.52 -6.82
CA ASP A 16 2.61 10.84 -5.41
C ASP A 16 3.31 9.87 -4.47
N VAL A 17 3.76 10.35 -3.34
CA VAL A 17 4.46 9.47 -2.37
C VAL A 17 3.42 8.64 -1.60
N VAL A 18 3.31 7.37 -1.93
CA VAL A 18 2.34 6.51 -1.21
C VAL A 18 2.98 5.99 0.07
N SER A 19 2.84 6.72 1.15
CA SER A 19 3.45 6.29 2.44
C SER A 19 2.95 4.89 2.81
N ALA A 20 3.78 3.90 2.63
CA ALA A 20 3.38 2.50 2.97
C ALA A 20 4.50 1.87 3.79
N LEU A 21 4.18 1.00 4.72
CA LEU A 21 5.22 0.36 5.56
C LEU A 21 6.08 1.45 6.20
N ASN A 22 5.53 2.63 6.36
CA ASN A 22 6.29 3.77 6.96
C ASN A 22 7.32 4.28 5.97
N LYS A 23 7.37 3.70 4.79
CA LYS A 23 8.34 4.16 3.76
C LYS A 23 7.59 4.89 2.65
N ALA A 24 8.30 5.46 1.71
CA ALA A 24 7.64 6.17 0.59
C ALA A 24 7.52 5.19 -0.58
N TRP A 25 6.39 5.15 -1.24
CA TRP A 25 6.23 4.20 -2.39
C TRP A 25 5.68 4.95 -3.61
N CYS A 26 6.08 4.53 -4.78
CA CYS A 26 5.60 5.19 -6.03
C CYS A 26 4.19 4.72 -6.35
N VAL A 27 3.37 5.55 -6.93
CA VAL A 27 1.99 5.12 -7.28
C VAL A 27 2.11 4.17 -8.49
N ASN A 28 3.23 4.22 -9.16
CA ASN A 28 3.46 3.36 -10.34
C ASN A 28 4.06 2.02 -9.88
N CYS A 29 4.87 2.05 -8.85
CA CYS A 29 5.49 0.80 -8.34
C CYS A 29 4.55 0.13 -7.34
N PHE A 30 4.00 0.90 -6.44
CA PHE A 30 3.08 0.32 -5.42
C PHE A 30 1.83 -0.22 -6.12
N ALA A 31 1.67 -1.52 -6.13
CA ALA A 31 0.48 -2.14 -6.79
C ALA A 31 -0.05 -3.28 -5.92
N CYS A 32 -1.34 -3.33 -5.70
CA CYS A 32 -1.92 -4.42 -4.84
C CYS A 32 -1.30 -5.76 -5.22
N SER A 33 -0.44 -6.28 -4.40
CA SER A 33 0.21 -7.58 -4.70
C SER A 33 -0.80 -8.71 -4.54
N THR A 34 -2.02 -8.39 -4.16
CA THR A 34 -3.05 -9.44 -3.99
C THR A 34 -3.84 -9.62 -5.29
N CYS A 35 -3.71 -8.69 -6.20
CA CYS A 35 -4.45 -8.80 -7.50
C CYS A 35 -3.69 -8.05 -8.61
N ASN A 36 -2.51 -7.56 -8.30
CA ASN A 36 -1.69 -6.83 -9.32
C ASN A 36 -2.36 -5.50 -9.69
N THR A 37 -3.33 -5.07 -8.95
CA THR A 37 -4.00 -3.77 -9.28
C THR A 37 -3.07 -2.62 -8.89
N LYS A 38 -2.68 -1.81 -9.86
CA LYS A 38 -1.77 -0.67 -9.54
C LYS A 38 -2.38 0.12 -8.38
N LEU A 39 -1.58 0.51 -7.43
CA LEU A 39 -2.14 1.26 -6.27
C LEU A 39 -2.16 2.76 -6.59
N THR A 40 -3.31 3.38 -6.43
CA THR A 40 -3.43 4.84 -6.73
C THR A 40 -4.06 5.57 -5.54
N LEU A 41 -3.72 6.81 -5.34
CA LEU A 41 -4.30 7.58 -4.20
C LEU A 41 -5.81 7.77 -4.42
N LYS A 42 -6.25 7.62 -5.65
CA LYS A 42 -7.71 7.77 -5.94
C LYS A 42 -8.44 6.50 -5.50
N ASN A 43 -7.80 5.37 -5.66
CA ASN A 43 -8.42 4.09 -5.25
C ASN A 43 -8.10 3.84 -3.77
N LYS A 44 -8.69 2.84 -3.16
CA LYS A 44 -8.43 2.58 -1.71
C LYS A 44 -7.87 1.18 -1.48
N PHE A 45 -6.73 1.10 -0.81
CA PHE A 45 -6.10 -0.23 -0.54
C PHE A 45 -5.77 -0.33 0.95
N VAL A 46 -5.04 -1.35 1.31
CA VAL A 46 -4.62 -1.54 2.74
C VAL A 46 -3.25 -2.24 2.75
N GLU A 47 -2.56 -2.23 3.86
CA GLU A 47 -1.23 -2.90 3.91
C GLU A 47 -1.39 -4.27 4.55
N PHE A 48 -0.92 -5.30 3.89
CA PHE A 48 -1.04 -6.68 4.46
C PHE A 48 0.24 -7.45 4.21
N ASP A 49 0.79 -8.05 5.23
CA ASP A 49 2.06 -8.83 5.06
C ASP A 49 3.11 -7.90 4.44
N MET A 50 3.04 -6.64 4.76
CA MET A 50 4.02 -5.65 4.20
C MET A 50 3.77 -5.51 2.70
N LYS A 51 2.59 -5.85 2.26
CA LYS A 51 2.26 -5.73 0.81
C LYS A 51 0.91 -5.03 0.67
N PRO A 52 0.76 -4.25 -0.37
CA PRO A 52 -0.49 -3.52 -0.62
C PRO A 52 -1.62 -4.50 -0.95
N VAL A 53 -2.78 -4.21 -0.46
CA VAL A 53 -3.96 -5.08 -0.74
C VAL A 53 -5.15 -4.17 -1.05
N CYS A 54 -5.62 -4.18 -2.26
CA CYS A 54 -6.75 -3.30 -2.64
C CYS A 54 -7.97 -3.64 -1.77
N LYS A 55 -8.75 -2.65 -1.44
CA LYS A 55 -9.95 -2.90 -0.58
C LYS A 55 -10.74 -4.11 -1.10
N LYS A 56 -10.70 -4.37 -2.38
CA LYS A 56 -11.42 -5.55 -2.93
C LYS A 56 -10.70 -6.82 -2.47
N CYS A 57 -9.40 -6.80 -2.49
CA CYS A 57 -8.62 -7.99 -2.03
C CYS A 57 -8.71 -8.04 -0.50
N TYR A 58 -8.65 -6.89 0.13
CA TYR A 58 -8.75 -6.84 1.61
C TYR A 58 -10.13 -7.39 2.02
N GLU A 59 -11.03 -7.41 1.08
CA GLU A 59 -12.40 -7.92 1.37
C GLU A 59 -12.43 -9.44 1.12
N LYS A 60 -11.50 -9.93 0.36
CA LYS A 60 -11.45 -11.39 0.07
C LYS A 60 -11.10 -12.15 1.35
N PHE A 61 -10.62 -11.46 2.35
CA PHE A 61 -10.26 -12.13 3.63
C PHE A 61 -11.50 -12.17 4.53
N PRO A 62 -11.59 -13.19 5.36
CA PRO A 62 -12.72 -13.34 6.28
C PRO A 62 -12.90 -12.08 7.13
N LEU A 63 -14.11 -11.68 7.34
CA LEU A 63 -14.39 -10.45 8.15
C LEU A 63 -13.52 -10.42 9.41
N GLU A 64 -13.31 -11.55 10.01
CA GLU A 64 -12.49 -11.60 11.26
C GLU A 64 -10.99 -11.54 10.92
N LEU A 65 -10.63 -11.85 9.70
CA LEU A 65 -9.19 -11.82 9.32
C LEU A 65 -8.81 -10.42 8.82
N LYS A 66 -9.62 -9.83 7.98
CA LYS A 66 -9.30 -8.47 7.45
C LYS A 66 -9.00 -7.53 8.62
N LYS A 67 -9.84 -7.51 9.62
CA LYS A 67 -9.60 -6.62 10.79
C LYS A 67 -8.24 -6.96 11.42
N ARG A 68 -7.79 -8.17 11.24
CA ARG A 68 -6.46 -8.57 11.80
C ARG A 68 -5.36 -8.15 10.82
N LEU A 69 -5.66 -8.09 9.56
CA LEU A 69 -4.63 -7.70 8.55
C LEU A 69 -4.52 -6.18 8.52
N LYS A 70 -5.64 -5.50 8.56
CA LYS A 70 -5.60 -4.00 8.56
C LYS A 70 -4.76 -3.52 9.75
N LYS A 71 -4.73 -4.29 10.80
CA LYS A 71 -3.92 -3.90 11.99
C LYS A 71 -2.47 -3.70 11.55
N LEU A 72 -2.06 -4.39 10.52
CA LEU A 72 -0.67 -4.23 10.02
C LEU A 72 -0.54 -2.84 9.39
N ALA A 73 -1.45 -2.50 8.52
CA ALA A 73 -1.41 -1.15 7.88
C ALA A 73 -1.53 -0.06 8.95
N GLU A 74 -2.04 -0.40 10.11
CA GLU A 74 -2.19 0.60 11.19
C GLU A 74 -0.86 0.77 11.94
N THR A 75 -0.03 -0.25 11.92
CA THR A 75 1.27 -0.17 12.62
C THR A 75 2.40 -0.05 11.58
N LEU A 76 2.22 -0.66 10.44
CA LEU A 76 3.28 -0.62 9.38
C LEU A 76 2.83 0.34 8.27
N GLY A 77 1.63 0.16 7.77
CA GLY A 77 1.13 1.04 6.68
C GLY A 77 1.16 2.50 7.12
N ARG A 78 1.47 3.40 6.21
CA ARG A 78 1.52 4.85 6.54
C ARG A 78 2.67 5.13 7.53
N LYS A 79 3.36 6.21 7.34
CA LYS A 79 4.50 6.57 8.25
C LYS A 79 3.97 7.47 9.38
ZN ZN B . -6.20 -6.51 -4.85
ZN ZN C . 8.84 3.82 -7.22
N GLY A 1 5.08 14.84 -7.06
CA GLY A 1 4.90 14.79 -5.54
C GLY A 1 5.85 15.55 -4.68
N SER A 2 6.02 15.12 -3.45
CA SER A 2 6.95 15.82 -2.52
C SER A 2 8.38 15.72 -3.05
N GLY A 3 8.70 14.62 -3.70
CA GLY A 3 10.08 14.43 -4.24
C GLY A 3 10.76 13.27 -3.53
N ASP A 4 10.01 12.49 -2.79
CA ASP A 4 10.62 11.33 -2.06
C ASP A 4 11.00 10.24 -3.06
N VAL A 5 11.80 9.30 -2.64
CA VAL A 5 12.19 8.18 -3.56
C VAL A 5 11.28 6.99 -3.29
N CYS A 6 10.38 6.70 -4.20
CA CYS A 6 9.45 5.56 -4.00
C CYS A 6 10.24 4.32 -3.58
N PHE A 7 10.22 3.99 -2.32
CA PHE A 7 10.97 2.79 -1.83
C PHE A 7 10.65 1.57 -2.71
N HIS A 8 9.52 1.58 -3.35
CA HIS A 8 9.14 0.44 -4.22
C HIS A 8 10.16 0.31 -5.37
N CYS A 9 10.47 1.42 -6.01
CA CYS A 9 11.45 1.38 -7.13
C CYS A 9 12.73 2.11 -6.72
N ASN A 10 12.69 2.75 -5.57
CA ASN A 10 13.89 3.50 -5.07
C ASN A 10 14.22 4.64 -6.04
N ARG A 11 13.22 5.16 -6.72
CA ARG A 11 13.45 6.28 -7.68
C ARG A 11 12.62 7.48 -7.22
N VAL A 12 13.00 8.66 -7.64
CA VAL A 12 12.22 9.88 -7.24
C VAL A 12 10.74 9.69 -7.60
N ILE A 13 9.85 10.07 -6.72
CA ILE A 13 8.40 9.90 -6.99
C ILE A 13 8.05 10.54 -8.35
N GLU A 14 7.50 9.78 -9.25
CA GLU A 14 7.12 10.33 -10.58
C GLU A 14 5.69 10.86 -10.53
N GLY A 15 5.00 10.62 -9.44
CA GLY A 15 3.59 11.11 -9.32
C GLY A 15 3.34 11.55 -7.88
N ASP A 16 2.46 10.88 -7.18
CA ASP A 16 2.17 11.26 -5.77
C ASP A 16 2.90 10.30 -4.82
N VAL A 17 3.41 10.81 -3.74
CA VAL A 17 4.13 9.94 -2.77
C VAL A 17 3.11 9.13 -1.95
N VAL A 18 3.02 7.85 -2.21
CA VAL A 18 2.05 7.01 -1.45
C VAL A 18 2.74 6.52 -0.17
N SER A 19 2.63 7.27 0.89
CA SER A 19 3.28 6.87 2.16
C SER A 19 2.79 5.48 2.59
N ALA A 20 3.60 4.48 2.42
CA ALA A 20 3.20 3.10 2.82
C ALA A 20 4.33 2.48 3.64
N LEU A 21 3.99 1.67 4.61
CA LEU A 21 5.05 1.04 5.47
C LEU A 21 5.96 2.14 6.04
N ASN A 22 5.43 3.34 6.16
CA ASN A 22 6.24 4.48 6.70
C ASN A 22 7.26 4.93 5.66
N LYS A 23 7.21 4.35 4.48
CA LYS A 23 8.18 4.75 3.41
C LYS A 23 7.41 5.45 2.29
N ALA A 24 8.12 5.97 1.31
CA ALA A 24 7.43 6.66 0.19
C ALA A 24 7.25 5.65 -0.95
N TRP A 25 6.09 5.62 -1.56
CA TRP A 25 5.87 4.63 -2.66
C TRP A 25 5.28 5.35 -3.88
N CYS A 26 5.62 4.88 -5.06
CA CYS A 26 5.08 5.51 -6.30
C CYS A 26 3.65 5.04 -6.53
N VAL A 27 2.81 5.88 -7.07
CA VAL A 27 1.41 5.43 -7.33
C VAL A 27 1.45 4.46 -8.51
N ASN A 28 2.54 4.48 -9.23
CA ASN A 28 2.70 3.58 -10.41
C ASN A 28 3.30 2.24 -9.94
N CYS A 29 4.17 2.30 -8.98
CA CYS A 29 4.81 1.04 -8.47
C CYS A 29 3.91 0.41 -7.40
N PHE A 30 3.41 1.22 -6.50
CA PHE A 30 2.53 0.68 -5.42
C PHE A 30 1.24 0.14 -6.04
N ALA A 31 1.07 -1.15 -6.02
CA ALA A 31 -0.17 -1.76 -6.60
C ALA A 31 -0.58 -2.96 -5.75
N CYS A 32 -1.85 -3.09 -5.43
CA CYS A 32 -2.32 -4.23 -4.60
C CYS A 32 -1.62 -5.52 -5.04
N SER A 33 -0.70 -6.00 -4.26
CA SER A 33 0.03 -7.25 -4.62
C SER A 33 -0.92 -8.45 -4.52
N THR A 34 -2.14 -8.21 -4.13
CA THR A 34 -3.11 -9.34 -4.00
C THR A 34 -3.91 -9.49 -5.31
N CYS A 35 -3.97 -8.45 -6.10
CA CYS A 35 -4.73 -8.55 -7.39
C CYS A 35 -4.06 -7.68 -8.47
N ASN A 36 -2.91 -7.12 -8.15
CA ASN A 36 -2.17 -6.27 -9.14
C ASN A 36 -2.92 -4.96 -9.40
N THR A 37 -3.92 -4.64 -8.62
CA THR A 37 -4.66 -3.36 -8.84
C THR A 37 -3.74 -2.19 -8.48
N LYS A 38 -3.48 -1.32 -9.42
CA LYS A 38 -2.59 -0.16 -9.15
C LYS A 38 -3.10 0.61 -7.92
N LEU A 39 -2.22 0.97 -7.02
CA LEU A 39 -2.64 1.71 -5.81
C LEU A 39 -2.44 3.22 -6.03
N THR A 40 -3.37 4.01 -5.61
CA THR A 40 -3.26 5.49 -5.79
C THR A 40 -3.80 6.19 -4.54
N LEU A 41 -3.35 7.39 -4.27
CA LEU A 41 -3.87 8.12 -3.07
C LEU A 41 -5.38 8.28 -3.20
N LYS A 42 -5.90 8.09 -4.39
CA LYS A 42 -7.35 8.21 -4.64
C LYS A 42 -8.03 6.89 -4.25
N ASN A 43 -7.35 5.79 -4.47
CA ASN A 43 -7.92 4.46 -4.12
C ASN A 43 -7.89 4.28 -2.60
N LYS A 44 -8.57 3.28 -2.09
CA LYS A 44 -8.58 3.04 -0.63
C LYS A 44 -8.20 1.58 -0.35
N PHE A 45 -6.93 1.28 -0.38
CA PHE A 45 -6.48 -0.12 -0.13
C PHE A 45 -5.92 -0.22 1.30
N VAL A 46 -5.21 -1.28 1.60
CA VAL A 46 -4.65 -1.45 2.97
C VAL A 46 -3.26 -2.08 2.89
N GLU A 47 -2.56 -2.17 4.01
CA GLU A 47 -1.21 -2.79 4.00
C GLU A 47 -1.31 -4.21 4.58
N PHE A 48 -0.63 -5.15 3.97
CA PHE A 48 -0.69 -6.56 4.46
C PHE A 48 0.62 -7.28 4.12
N ASP A 49 1.24 -7.89 5.10
CA ASP A 49 2.53 -8.59 4.84
C ASP A 49 3.50 -7.60 4.18
N MET A 50 3.39 -6.35 4.55
CA MET A 50 4.28 -5.31 3.96
C MET A 50 3.93 -5.14 2.49
N LYS A 51 2.77 -5.61 2.09
CA LYS A 51 2.33 -5.48 0.67
C LYS A 51 0.94 -4.85 0.66
N PRO A 52 0.67 -4.05 -0.33
CA PRO A 52 -0.63 -3.38 -0.46
C PRO A 52 -1.74 -4.40 -0.75
N VAL A 53 -2.90 -4.16 -0.24
CA VAL A 53 -4.04 -5.08 -0.50
C VAL A 53 -5.29 -4.22 -0.73
N CYS A 54 -5.85 -4.27 -1.91
CA CYS A 54 -7.04 -3.43 -2.21
C CYS A 54 -8.20 -3.83 -1.31
N LYS A 55 -9.02 -2.88 -0.96
CA LYS A 55 -10.18 -3.17 -0.06
C LYS A 55 -10.95 -4.39 -0.58
N LYS A 56 -10.93 -4.63 -1.87
CA LYS A 56 -11.64 -5.82 -2.42
C LYS A 56 -10.85 -7.08 -2.04
N CYS A 57 -9.54 -7.01 -2.12
CA CYS A 57 -8.70 -8.18 -1.76
C CYS A 57 -8.69 -8.31 -0.24
N TYR A 58 -8.59 -7.21 0.45
CA TYR A 58 -8.61 -7.26 1.94
C TYR A 58 -9.92 -7.89 2.40
N GLU A 59 -10.90 -7.89 1.53
CA GLU A 59 -12.22 -8.48 1.89
C GLU A 59 -12.22 -9.97 1.51
N LYS A 60 -11.32 -10.38 0.66
CA LYS A 60 -11.27 -11.82 0.27
C LYS A 60 -10.89 -12.66 1.48
N PHE A 61 -10.38 -12.04 2.50
CA PHE A 61 -10.01 -12.80 3.73
C PHE A 61 -11.22 -12.86 4.66
N PRO A 62 -11.34 -13.92 5.42
CA PRO A 62 -12.45 -14.08 6.36
C PRO A 62 -12.54 -12.86 7.28
N LEU A 63 -13.75 -12.44 7.56
CA LEU A 63 -13.96 -11.24 8.44
C LEU A 63 -13.00 -11.27 9.64
N GLU A 64 -12.79 -12.41 10.23
CA GLU A 64 -11.88 -12.48 11.41
C GLU A 64 -10.41 -12.49 10.96
N LEU A 65 -10.15 -12.83 9.73
CA LEU A 65 -8.74 -12.86 9.25
C LEU A 65 -8.32 -11.47 8.76
N LYS A 66 -9.19 -10.78 8.06
CA LYS A 66 -8.85 -9.42 7.55
C LYS A 66 -8.33 -8.58 8.72
N LYS A 67 -9.05 -8.52 9.79
CA LYS A 67 -8.61 -7.71 10.97
C LYS A 67 -7.19 -8.11 11.36
N ARG A 68 -6.76 -9.29 10.99
CA ARG A 68 -5.37 -9.73 11.33
C ARG A 68 -4.37 -9.00 10.43
N LEU A 69 -4.68 -8.91 9.16
CA LEU A 69 -3.76 -8.20 8.21
C LEU A 69 -3.87 -6.70 8.46
N LYS A 70 -5.06 -6.23 8.69
CA LYS A 70 -5.23 -4.77 8.97
C LYS A 70 -4.42 -4.42 10.23
N LYS A 71 -4.20 -5.40 11.07
CA LYS A 71 -3.40 -5.16 12.31
C LYS A 71 -2.00 -4.71 11.91
N LEU A 72 -1.65 -4.94 10.67
CA LEU A 72 -0.30 -4.53 10.18
C LEU A 72 -0.39 -3.09 9.67
N ALA A 73 -1.30 -2.82 8.77
CA ALA A 73 -1.45 -1.44 8.22
C ALA A 73 -1.61 -0.43 9.36
N GLU A 74 -2.15 -0.86 10.48
CA GLU A 74 -2.31 0.09 11.62
C GLU A 74 -0.99 0.18 12.39
N THR A 75 -0.28 -0.92 12.48
CA THR A 75 1.03 -0.90 13.19
C THR A 75 2.07 -0.27 12.28
N LEU A 76 1.96 -0.52 10.99
CA LEU A 76 2.92 0.06 10.02
C LEU A 76 2.20 1.06 9.12
N GLY A 77 1.42 0.55 8.17
CA GLY A 77 0.66 1.45 7.25
C GLY A 77 1.51 2.64 6.80
N ARG A 78 0.88 3.75 6.57
CA ARG A 78 1.62 4.98 6.12
C ARG A 78 2.50 5.49 7.27
N LYS A 79 3.27 6.52 7.03
CA LYS A 79 4.14 7.08 8.09
C LYS A 79 3.29 7.86 9.09
ZN ZN B . -6.47 -6.53 -4.60
ZN ZN C . 8.23 4.04 -7.59
N GLY A 1 5.24 14.28 -6.90
CA GLY A 1 4.95 14.34 -5.41
C GLY A 1 5.86 15.13 -4.52
N SER A 2 6.02 14.73 -3.29
CA SER A 2 6.91 15.46 -2.36
C SER A 2 8.36 15.36 -2.85
N GLY A 3 8.72 14.25 -3.45
CA GLY A 3 10.11 14.08 -3.96
C GLY A 3 10.80 12.95 -3.20
N ASP A 4 10.05 12.17 -2.46
CA ASP A 4 10.66 11.05 -1.69
C ASP A 4 11.14 9.97 -2.66
N VAL A 5 11.91 9.03 -2.18
CA VAL A 5 12.41 7.94 -3.05
C VAL A 5 11.52 6.72 -2.85
N CYS A 6 10.70 6.40 -3.82
CA CYS A 6 9.79 5.23 -3.69
C CYS A 6 10.60 4.00 -3.25
N PHE A 7 10.52 3.66 -1.99
CA PHE A 7 11.28 2.47 -1.48
C PHE A 7 11.00 1.25 -2.35
N HIS A 8 9.89 1.25 -3.03
CA HIS A 8 9.54 0.10 -3.91
C HIS A 8 10.57 -0.04 -5.03
N CYS A 9 11.05 1.08 -5.53
CA CYS A 9 12.07 1.03 -6.63
C CYS A 9 13.33 1.80 -6.19
N ASN A 10 13.27 2.45 -5.06
CA ASN A 10 14.44 3.21 -4.54
C ASN A 10 14.74 4.38 -5.49
N ARG A 11 13.74 4.88 -6.17
CA ARG A 11 13.96 6.02 -7.11
C ARG A 11 13.07 7.19 -6.69
N VAL A 12 13.42 8.38 -7.10
CA VAL A 12 12.60 9.58 -6.74
C VAL A 12 11.15 9.33 -7.15
N ILE A 13 10.22 9.73 -6.32
CA ILE A 13 8.78 9.52 -6.66
C ILE A 13 8.45 10.18 -8.00
N GLU A 14 7.91 9.42 -8.91
CA GLU A 14 7.56 9.97 -10.25
C GLU A 14 6.11 10.47 -10.23
N GLY A 15 5.40 10.20 -9.17
CA GLY A 15 3.99 10.64 -9.06
C GLY A 15 3.69 11.02 -7.61
N ASP A 16 2.60 10.52 -7.06
CA ASP A 16 2.27 10.86 -5.64
C ASP A 16 3.02 9.91 -4.71
N VAL A 17 3.44 10.41 -3.58
CA VAL A 17 4.19 9.55 -2.62
C VAL A 17 3.19 8.72 -1.80
N VAL A 18 3.07 7.46 -2.12
CA VAL A 18 2.12 6.59 -1.37
C VAL A 18 2.81 6.12 -0.09
N SER A 19 2.69 6.87 0.97
CA SER A 19 3.35 6.48 2.25
C SER A 19 2.84 5.12 2.70
N ALA A 20 3.63 4.10 2.51
CA ALA A 20 3.23 2.73 2.93
C ALA A 20 4.34 2.14 3.81
N LEU A 21 3.98 1.38 4.81
CA LEU A 21 5.02 0.79 5.71
C LEU A 21 5.90 1.92 6.26
N ASN A 22 5.36 3.11 6.33
CA ASN A 22 6.13 4.29 6.84
C ASN A 22 7.19 4.70 5.82
N LYS A 23 7.20 4.05 4.67
CA LYS A 23 8.20 4.41 3.62
C LYS A 23 7.47 5.10 2.46
N ALA A 24 8.21 5.60 1.51
CA ALA A 24 7.57 6.27 0.34
C ALA A 24 7.42 5.24 -0.77
N TRP A 25 6.29 5.20 -1.43
CA TRP A 25 6.10 4.20 -2.53
C TRP A 25 5.55 4.89 -3.78
N CYS A 26 6.00 4.46 -4.94
CA CYS A 26 5.52 5.06 -6.22
C CYS A 26 4.11 4.55 -6.50
N VAL A 27 3.29 5.37 -7.10
CA VAL A 27 1.91 4.91 -7.43
C VAL A 27 2.02 3.92 -8.58
N ASN A 28 3.14 3.94 -9.26
CA ASN A 28 3.37 3.02 -10.40
C ASN A 28 3.96 1.71 -9.87
N CYS A 29 4.81 1.80 -8.89
CA CYS A 29 5.44 0.57 -8.31
C CYS A 29 4.48 -0.03 -7.29
N PHE A 30 3.92 0.78 -6.44
CA PHE A 30 2.98 0.27 -5.41
C PHE A 30 1.71 -0.26 -6.09
N ALA A 31 1.52 -1.55 -6.09
CA ALA A 31 0.33 -2.15 -6.72
C ALA A 31 -0.17 -3.32 -5.87
N CYS A 32 -1.46 -3.38 -5.63
CA CYS A 32 -2.01 -4.50 -4.79
C CYS A 32 -1.34 -5.82 -5.16
N SER A 33 -0.52 -6.33 -4.29
CA SER A 33 0.18 -7.62 -4.58
C SER A 33 -0.82 -8.77 -4.49
N THR A 34 -2.05 -8.47 -4.16
CA THR A 34 -3.08 -9.55 -4.04
C THR A 34 -3.84 -9.69 -5.37
N CYS A 35 -3.81 -8.69 -6.21
CA CYS A 35 -4.54 -8.77 -7.51
C CYS A 35 -3.79 -7.99 -8.58
N ASN A 36 -2.62 -7.48 -8.26
CA ASN A 36 -1.81 -6.71 -9.26
C ASN A 36 -2.49 -5.38 -9.61
N THR A 37 -3.52 -5.01 -8.88
CA THR A 37 -4.20 -3.72 -9.18
C THR A 37 -3.28 -2.56 -8.80
N LYS A 38 -2.96 -1.70 -9.74
CA LYS A 38 -2.07 -0.55 -9.45
C LYS A 38 -2.61 0.20 -8.22
N LEU A 39 -1.76 0.51 -7.28
CA LEU A 39 -2.20 1.21 -6.06
C LEU A 39 -2.03 2.73 -6.22
N THR A 40 -2.98 3.49 -5.75
CA THR A 40 -2.90 4.98 -5.84
C THR A 40 -3.47 5.58 -4.56
N LEU A 41 -2.96 6.71 -4.15
CA LEU A 41 -3.49 7.36 -2.90
C LEU A 41 -4.98 7.64 -3.07
N LYS A 42 -5.45 7.72 -4.29
CA LYS A 42 -6.89 7.98 -4.54
C LYS A 42 -7.66 6.67 -4.41
N ASN A 43 -7.04 5.57 -4.75
CA ASN A 43 -7.73 4.26 -4.67
C ASN A 43 -7.75 3.78 -3.21
N LYS A 44 -8.60 2.84 -2.90
CA LYS A 44 -8.67 2.31 -1.51
C LYS A 44 -7.79 1.07 -1.40
N PHE A 45 -6.89 1.03 -0.45
CA PHE A 45 -5.99 -0.15 -0.30
C PHE A 45 -5.58 -0.34 1.15
N VAL A 46 -4.87 -1.38 1.44
CA VAL A 46 -4.40 -1.65 2.83
C VAL A 46 -3.04 -2.36 2.77
N GLU A 47 -2.38 -2.53 3.89
CA GLU A 47 -1.06 -3.22 3.90
C GLU A 47 -1.22 -4.62 4.49
N PHE A 48 -0.59 -5.59 3.89
CA PHE A 48 -0.70 -7.00 4.41
C PHE A 48 0.60 -7.74 4.13
N ASP A 49 1.19 -8.31 5.15
CA ASP A 49 2.47 -9.05 4.96
C ASP A 49 3.48 -8.10 4.32
N MET A 50 3.38 -6.84 4.65
CA MET A 50 4.31 -5.81 4.07
C MET A 50 4.01 -5.65 2.58
N LYS A 51 2.89 -6.15 2.15
CA LYS A 51 2.50 -6.02 0.71
C LYS A 51 1.14 -5.33 0.65
N PRO A 52 0.96 -4.51 -0.36
CA PRO A 52 -0.30 -3.76 -0.53
C PRO A 52 -1.45 -4.70 -0.91
N VAL A 53 -2.63 -4.38 -0.46
CA VAL A 53 -3.82 -5.20 -0.80
C VAL A 53 -4.98 -4.24 -1.06
N CYS A 54 -5.51 -4.25 -2.26
CA CYS A 54 -6.62 -3.31 -2.60
C CYS A 54 -7.83 -3.64 -1.71
N LYS A 55 -8.62 -2.64 -1.41
CA LYS A 55 -9.82 -2.87 -0.54
C LYS A 55 -10.65 -4.04 -1.09
N LYS A 56 -10.62 -4.25 -2.38
CA LYS A 56 -11.39 -5.38 -2.96
C LYS A 56 -10.75 -6.70 -2.51
N CYS A 57 -9.45 -6.77 -2.56
CA CYS A 57 -8.75 -8.00 -2.11
C CYS A 57 -8.86 -8.08 -0.60
N TYR A 58 -8.68 -6.96 0.06
CA TYR A 58 -8.81 -6.91 1.54
C TYR A 58 -10.22 -7.34 1.92
N GLU A 59 -11.12 -7.28 0.98
CA GLU A 59 -12.54 -7.68 1.24
C GLU A 59 -12.69 -9.17 0.97
N LYS A 60 -11.83 -9.74 0.18
CA LYS A 60 -11.92 -11.19 -0.14
C LYS A 60 -11.57 -12.02 1.10
N PHE A 61 -10.96 -11.41 2.09
CA PHE A 61 -10.61 -12.15 3.33
C PHE A 61 -11.81 -12.14 4.26
N PRO A 62 -11.94 -13.18 5.07
CA PRO A 62 -13.04 -13.28 6.03
C PRO A 62 -13.10 -12.04 6.92
N LEU A 63 -14.28 -11.58 7.20
CA LEU A 63 -14.45 -10.36 8.05
C LEU A 63 -13.54 -10.44 9.29
N GLU A 64 -13.35 -11.61 9.83
CA GLU A 64 -12.50 -11.76 11.04
C GLU A 64 -11.02 -11.74 10.64
N LEU A 65 -10.70 -12.01 9.39
CA LEU A 65 -9.28 -12.01 8.97
C LEU A 65 -8.86 -10.61 8.52
N LYS A 66 -9.69 -9.95 7.74
CA LYS A 66 -9.32 -8.58 7.26
C LYS A 66 -8.95 -7.71 8.47
N LYS A 67 -9.78 -7.70 9.47
CA LYS A 67 -9.48 -6.87 10.68
C LYS A 67 -8.09 -7.24 11.22
N ARG A 68 -7.66 -8.45 10.96
CA ARG A 68 -6.31 -8.88 11.44
C ARG A 68 -5.25 -8.39 10.46
N LEU A 69 -5.55 -8.43 9.18
CA LEU A 69 -4.57 -7.96 8.17
C LEU A 69 -4.42 -6.45 8.25
N LYS A 70 -5.53 -5.74 8.29
CA LYS A 70 -5.45 -4.26 8.41
C LYS A 70 -4.71 -3.91 9.70
N LYS A 71 -4.76 -4.78 10.68
CA LYS A 71 -4.04 -4.52 11.95
C LYS A 71 -2.56 -4.32 11.64
N LEU A 72 -2.11 -4.91 10.57
CA LEU A 72 -0.67 -4.76 10.18
C LEU A 72 -0.47 -3.34 9.64
N ALA A 73 -1.23 -2.97 8.65
CA ALA A 73 -1.10 -1.59 8.07
C ALA A 73 -1.31 -0.53 9.15
N GLU A 74 -2.05 -0.86 10.18
CA GLU A 74 -2.30 0.13 11.28
C GLU A 74 -0.99 0.44 12.01
N THR A 75 -0.02 -0.42 11.87
CA THR A 75 1.29 -0.19 12.53
C THR A 75 2.41 -0.30 11.49
N LEU A 76 2.16 -1.04 10.43
CA LEU A 76 3.19 -1.20 9.36
C LEU A 76 2.61 -0.70 8.04
N GLY A 77 1.88 0.39 8.07
CA GLY A 77 1.28 0.93 6.81
C GLY A 77 1.63 2.41 6.68
N ARG A 78 0.64 3.25 6.58
CA ARG A 78 0.89 4.71 6.45
C ARG A 78 1.71 5.21 7.65
N LYS A 79 2.58 6.17 7.44
CA LYS A 79 3.40 6.70 8.56
C LYS A 79 2.50 7.40 9.59
ZN ZN B . -6.27 -6.56 -4.92
ZN ZN C . 8.79 3.63 -7.32
N GLY A 1 6.99 19.88 -4.17
CA GLY A 1 7.24 18.81 -3.10
C GLY A 1 7.59 17.43 -3.51
N SER A 2 7.43 16.48 -2.63
CA SER A 2 7.76 15.05 -2.97
C SER A 2 9.23 14.95 -3.38
N GLY A 3 9.60 13.87 -4.03
CA GLY A 3 11.01 13.69 -4.46
C GLY A 3 11.66 12.56 -3.65
N ASP A 4 10.87 11.86 -2.88
CA ASP A 4 11.42 10.74 -2.06
C ASP A 4 11.80 9.58 -2.97
N VAL A 5 12.53 8.62 -2.44
CA VAL A 5 12.93 7.45 -3.26
C VAL A 5 11.96 6.30 -3.00
N CYS A 6 11.10 6.01 -3.95
CA CYS A 6 10.11 4.91 -3.76
C CYS A 6 10.83 3.65 -3.26
N PHE A 7 10.76 3.39 -1.99
CA PHE A 7 11.44 2.18 -1.42
C PHE A 7 11.08 0.93 -2.24
N HIS A 8 9.96 0.95 -2.91
CA HIS A 8 9.54 -0.22 -3.73
C HIS A 8 10.58 -0.44 -4.84
N CYS A 9 11.08 0.62 -5.41
CA CYS A 9 12.10 0.48 -6.50
C CYS A 9 13.38 1.19 -6.06
N ASN A 10 13.33 1.89 -4.95
CA ASN A 10 14.53 2.61 -4.44
C ASN A 10 14.97 3.68 -5.44
N ARG A 11 14.03 4.18 -6.21
CA ARG A 11 14.37 5.25 -7.21
C ARG A 11 13.58 6.51 -6.86
N VAL A 12 14.03 7.64 -7.31
CA VAL A 12 13.31 8.91 -7.01
C VAL A 12 11.85 8.79 -7.45
N ILE A 13 10.93 9.25 -6.64
CA ILE A 13 9.49 9.15 -7.01
C ILE A 13 9.25 9.78 -8.38
N GLU A 14 8.54 9.09 -9.24
CA GLU A 14 8.25 9.63 -10.60
C GLU A 14 6.90 10.34 -10.60
N GLY A 15 6.19 10.28 -9.50
CA GLY A 15 4.86 10.95 -9.42
C GLY A 15 4.56 11.31 -7.96
N ASP A 16 3.49 10.80 -7.42
CA ASP A 16 3.15 11.10 -6.00
C ASP A 16 3.85 10.11 -5.08
N VAL A 17 4.16 10.52 -3.88
CA VAL A 17 4.83 9.61 -2.91
C VAL A 17 3.77 8.88 -2.08
N VAL A 18 3.60 7.61 -2.31
CA VAL A 18 2.59 6.84 -1.52
C VAL A 18 3.23 6.40 -0.21
N SER A 19 3.14 7.21 0.80
CA SER A 19 3.75 6.85 2.12
C SER A 19 3.18 5.52 2.62
N ALA A 20 3.93 4.47 2.50
CA ALA A 20 3.45 3.13 2.97
C ALA A 20 4.52 2.53 3.88
N LEU A 21 4.12 1.84 4.92
CA LEU A 21 5.11 1.23 5.85
C LEU A 21 6.07 2.33 6.35
N ASN A 22 5.59 3.56 6.37
CA ASN A 22 6.44 4.70 6.82
C ASN A 22 7.52 5.00 5.77
N LYS A 23 7.50 4.30 4.67
CA LYS A 23 8.51 4.54 3.61
C LYS A 23 7.83 5.23 2.42
N ALA A 24 8.59 5.63 1.44
CA ALA A 24 7.99 6.28 0.25
C ALA A 24 7.78 5.22 -0.83
N TRP A 25 6.64 5.23 -1.47
CA TRP A 25 6.40 4.19 -2.53
C TRP A 25 5.88 4.87 -3.81
N CYS A 26 6.28 4.36 -4.94
CA CYS A 26 5.83 4.94 -6.24
C CYS A 26 4.39 4.52 -6.52
N VAL A 27 3.61 5.36 -7.13
CA VAL A 27 2.21 4.97 -7.44
C VAL A 27 2.26 3.94 -8.56
N ASN A 28 3.36 3.87 -9.24
CA ASN A 28 3.55 2.88 -10.34
C ASN A 28 4.06 1.57 -9.77
N CYS A 29 4.90 1.63 -8.77
CA CYS A 29 5.45 0.40 -8.16
C CYS A 29 4.48 -0.13 -7.10
N PHE A 30 3.95 0.75 -6.29
CA PHE A 30 3.00 0.32 -5.24
C PHE A 30 1.70 -0.20 -5.88
N ALA A 31 1.48 -1.48 -5.81
CA ALA A 31 0.25 -2.07 -6.41
C ALA A 31 -0.22 -3.23 -5.53
N CYS A 32 -1.50 -3.31 -5.26
CA CYS A 32 -2.04 -4.41 -4.40
C CYS A 32 -1.37 -5.73 -4.79
N SER A 33 -0.47 -6.21 -3.97
CA SER A 33 0.23 -7.48 -4.28
C SER A 33 -0.75 -8.66 -4.17
N THR A 34 -1.97 -8.37 -3.79
CA THR A 34 -2.98 -9.47 -3.66
C THR A 34 -3.73 -9.64 -4.99
N CYS A 35 -3.62 -8.69 -5.87
CA CYS A 35 -4.32 -8.80 -7.19
C CYS A 35 -3.58 -7.99 -8.26
N ASN A 36 -2.44 -7.44 -7.93
CA ASN A 36 -1.63 -6.65 -8.90
C ASN A 36 -2.35 -5.34 -9.26
N THR A 37 -3.37 -4.97 -8.53
CA THR A 37 -4.07 -3.68 -8.85
C THR A 37 -3.16 -2.51 -8.49
N LYS A 38 -2.84 -1.69 -9.45
CA LYS A 38 -1.95 -0.53 -9.20
C LYS A 38 -2.50 0.30 -8.03
N LEU A 39 -1.65 0.71 -7.13
CA LEU A 39 -2.12 1.53 -5.97
C LEU A 39 -1.86 3.01 -6.23
N THR A 40 -2.86 3.82 -6.09
CA THR A 40 -2.70 5.29 -6.31
C THR A 40 -3.28 6.04 -5.11
N LEU A 41 -2.88 7.27 -4.90
CA LEU A 41 -3.42 8.05 -3.75
C LEU A 41 -4.93 8.24 -3.93
N LYS A 42 -5.45 7.84 -5.06
CA LYS A 42 -6.90 8.00 -5.32
C LYS A 42 -7.66 6.76 -4.83
N ASN A 43 -7.06 5.60 -4.96
CA ASN A 43 -7.74 4.35 -4.50
C ASN A 43 -7.72 4.27 -2.98
N LYS A 44 -8.35 3.26 -2.43
CA LYS A 44 -8.36 3.09 -0.95
C LYS A 44 -8.01 1.64 -0.61
N PHE A 45 -6.74 1.32 -0.58
CA PHE A 45 -6.32 -0.08 -0.26
C PHE A 45 -5.82 -0.16 1.17
N VAL A 46 -5.16 -1.24 1.53
CA VAL A 46 -4.64 -1.38 2.93
C VAL A 46 -3.29 -2.11 2.90
N GLU A 47 -2.62 -2.19 4.02
CA GLU A 47 -1.30 -2.89 4.07
C GLU A 47 -1.49 -4.28 4.67
N PHE A 48 -0.78 -5.25 4.16
CA PHE A 48 -0.89 -6.64 4.69
C PHE A 48 0.43 -7.37 4.45
N ASP A 49 0.99 -7.95 5.48
CA ASP A 49 2.29 -8.66 5.32
C ASP A 49 3.31 -7.70 4.71
N MET A 50 3.18 -6.44 5.04
CA MET A 50 4.11 -5.41 4.50
C MET A 50 3.85 -5.24 3.01
N LYS A 51 2.73 -5.72 2.54
CA LYS A 51 2.38 -5.57 1.10
C LYS A 51 1.00 -4.95 1.00
N PRO A 52 0.78 -4.16 -0.02
CA PRO A 52 -0.51 -3.48 -0.23
C PRO A 52 -1.61 -4.50 -0.52
N VAL A 53 -2.81 -4.19 -0.15
CA VAL A 53 -3.96 -5.09 -0.40
C VAL A 53 -5.18 -4.23 -0.72
N CYS A 54 -5.68 -4.30 -1.93
CA CYS A 54 -6.84 -3.47 -2.31
C CYS A 54 -8.05 -3.82 -1.45
N LYS A 55 -8.87 -2.84 -1.17
CA LYS A 55 -10.08 -3.08 -0.33
C LYS A 55 -10.84 -4.32 -0.83
N LYS A 56 -10.75 -4.61 -2.12
CA LYS A 56 -11.45 -5.81 -2.66
C LYS A 56 -10.70 -7.06 -2.18
N CYS A 57 -9.40 -7.03 -2.22
CA CYS A 57 -8.60 -8.20 -1.74
C CYS A 57 -8.67 -8.23 -0.22
N TYR A 58 -8.58 -7.08 0.40
CA TYR A 58 -8.66 -7.02 1.89
C TYR A 58 -10.00 -7.60 2.33
N GLU A 59 -10.94 -7.66 1.41
CA GLU A 59 -12.29 -8.20 1.75
C GLU A 59 -12.30 -9.71 1.50
N LYS A 60 -11.35 -10.21 0.74
CA LYS A 60 -11.30 -11.67 0.46
C LYS A 60 -10.98 -12.43 1.76
N PHE A 61 -10.51 -11.72 2.75
CA PHE A 61 -10.19 -12.38 4.05
C PHE A 61 -11.44 -12.38 4.92
N PRO A 62 -11.54 -13.35 5.81
CA PRO A 62 -12.70 -13.45 6.71
C PRO A 62 -12.87 -12.14 7.49
N LEU A 63 -14.10 -11.72 7.66
CA LEU A 63 -14.39 -10.45 8.39
C LEU A 63 -13.55 -10.36 9.67
N GLU A 64 -13.34 -11.45 10.35
CA GLU A 64 -12.54 -11.43 11.61
C GLU A 64 -11.05 -11.39 11.30
N LEU A 65 -10.66 -11.78 10.10
CA LEU A 65 -9.22 -11.76 9.74
C LEU A 65 -8.83 -10.40 9.18
N LYS A 66 -9.66 -9.85 8.32
CA LYS A 66 -9.32 -8.52 7.72
C LYS A 66 -9.01 -7.53 8.85
N LYS A 67 -9.89 -7.40 9.80
CA LYS A 67 -9.65 -6.46 10.92
C LYS A 67 -8.30 -6.77 11.57
N ARG A 68 -7.86 -8.01 11.48
CA ARG A 68 -6.54 -8.38 12.06
C ARG A 68 -5.43 -7.98 11.09
N LEU A 69 -5.67 -8.14 9.81
CA LEU A 69 -4.65 -7.77 8.79
C LEU A 69 -4.54 -6.25 8.73
N LYS A 70 -5.66 -5.57 8.74
CA LYS A 70 -5.64 -4.09 8.70
C LYS A 70 -4.87 -3.58 9.93
N LYS A 71 -4.85 -4.36 10.98
CA LYS A 71 -4.11 -3.94 12.20
C LYS A 71 -2.63 -3.79 11.84
N LEU A 72 -2.19 -4.46 10.80
CA LEU A 72 -0.78 -4.35 10.37
C LEU A 72 -0.56 -2.96 9.77
N ALA A 73 -1.37 -2.59 8.80
CA ALA A 73 -1.22 -1.24 8.16
C ALA A 73 -1.25 -0.16 9.25
N GLU A 74 -1.93 -0.43 10.34
CA GLU A 74 -1.99 0.57 11.44
C GLU A 74 -0.63 0.62 12.15
N THR A 75 0.07 -0.47 12.16
CA THR A 75 1.40 -0.52 12.83
C THR A 75 2.50 -0.33 11.78
N LEU A 76 2.27 -0.77 10.57
CA LEU A 76 3.28 -0.62 9.50
C LEU A 76 3.29 0.82 8.99
N GLY A 77 2.16 1.32 8.57
CA GLY A 77 2.10 2.72 8.07
C GLY A 77 0.94 2.86 7.07
N ARG A 78 1.23 2.78 5.80
CA ARG A 78 0.15 2.90 4.77
C ARG A 78 -0.59 4.24 4.96
N LYS A 79 0.16 5.31 5.05
CA LYS A 79 -0.47 6.66 5.24
C LYS A 79 -1.28 6.68 6.55
ZN ZN B . -6.20 -6.65 -4.56
ZN ZN C . 8.99 3.26 -7.30
N GLY A 1 5.44 14.16 -7.45
CA GLY A 1 5.29 14.23 -5.92
C GLY A 1 6.27 15.04 -5.13
N SER A 2 6.47 14.68 -3.89
CA SER A 2 7.44 15.43 -3.04
C SER A 2 8.85 15.27 -3.59
N GLY A 3 9.14 14.14 -4.19
CA GLY A 3 10.50 13.91 -4.76
C GLY A 3 11.20 12.79 -3.99
N ASP A 4 10.47 12.07 -3.17
CA ASP A 4 11.08 10.96 -2.40
C ASP A 4 11.47 9.82 -3.33
N VAL A 5 12.25 8.89 -2.86
CA VAL A 5 12.65 7.74 -3.72
C VAL A 5 11.73 6.56 -3.43
N CYS A 6 10.85 6.25 -4.34
CA CYS A 6 9.91 5.11 -4.12
C CYS A 6 10.69 3.88 -3.65
N PHE A 7 10.65 3.58 -2.39
CA PHE A 7 11.39 2.39 -1.86
C PHE A 7 11.02 1.14 -2.67
N HIS A 8 9.88 1.16 -3.30
CA HIS A 8 9.45 -0.02 -4.12
C HIS A 8 10.44 -0.23 -5.27
N CYS A 9 10.93 0.84 -5.85
CA CYS A 9 11.89 0.71 -6.99
C CYS A 9 13.19 1.45 -6.64
N ASN A 10 13.20 2.15 -5.54
CA ASN A 10 14.42 2.90 -5.12
C ASN A 10 14.71 4.02 -6.13
N ARG A 11 13.70 4.53 -6.77
CA ARG A 11 13.90 5.61 -7.78
C ARG A 11 13.09 6.84 -7.37
N VAL A 12 13.48 8.00 -7.82
CA VAL A 12 12.73 9.24 -7.47
C VAL A 12 11.25 9.05 -7.82
N ILE A 13 10.37 9.51 -6.98
CA ILE A 13 8.91 9.35 -7.25
C ILE A 13 8.57 9.97 -8.62
N GLU A 14 7.96 9.19 -9.48
CA GLU A 14 7.60 9.71 -10.83
C GLU A 14 6.18 10.29 -10.78
N GLY A 15 5.50 10.08 -9.69
CA GLY A 15 4.10 10.60 -9.56
C GLY A 15 3.84 10.99 -8.11
N ASP A 16 2.74 10.58 -7.55
CA ASP A 16 2.44 10.93 -6.12
C ASP A 16 3.25 10.00 -5.20
N VAL A 17 3.61 10.50 -4.05
CA VAL A 17 4.39 9.66 -3.09
C VAL A 17 3.42 8.89 -2.20
N VAL A 18 3.29 7.60 -2.42
CA VAL A 18 2.37 6.79 -1.57
C VAL A 18 3.12 6.36 -0.32
N SER A 19 3.09 7.17 0.71
CA SER A 19 3.81 6.82 1.96
C SER A 19 3.26 5.51 2.53
N ALA A 20 4.00 4.45 2.39
CA ALA A 20 3.55 3.13 2.92
C ALA A 20 4.67 2.54 3.78
N LEU A 21 4.33 1.86 4.84
CA LEU A 21 5.37 1.27 5.73
C LEU A 21 6.33 2.37 6.17
N ASN A 22 5.85 3.60 6.20
CA ASN A 22 6.72 4.76 6.59
C ASN A 22 7.72 5.07 5.49
N LYS A 23 7.66 4.36 4.40
CA LYS A 23 8.61 4.61 3.28
C LYS A 23 7.86 5.28 2.13
N ALA A 24 8.56 5.73 1.12
CA ALA A 24 7.89 6.38 -0.04
C ALA A 24 7.65 5.31 -1.11
N TRP A 25 6.49 5.28 -1.71
CA TRP A 25 6.23 4.25 -2.77
C TRP A 25 5.65 4.91 -4.02
N CYS A 26 6.04 4.43 -5.17
CA CYS A 26 5.53 5.00 -6.46
C CYS A 26 4.11 4.53 -6.68
N VAL A 27 3.28 5.35 -7.28
CA VAL A 27 1.88 4.92 -7.54
C VAL A 27 1.93 3.90 -8.68
N ASN A 28 3.02 3.87 -9.38
CA ASN A 28 3.20 2.91 -10.51
C ASN A 28 3.76 1.59 -9.95
N CYS A 29 4.60 1.67 -8.97
CA CYS A 29 5.20 0.44 -8.37
C CYS A 29 4.26 -0.10 -7.30
N PHE A 30 3.76 0.76 -6.44
CA PHE A 30 2.85 0.31 -5.37
C PHE A 30 1.56 -0.25 -5.98
N ALA A 31 1.37 -1.53 -5.89
CA ALA A 31 0.14 -2.17 -6.46
C ALA A 31 -0.30 -3.30 -5.55
N CYS A 32 -1.58 -3.38 -5.26
CA CYS A 32 -2.11 -4.46 -4.38
C CYS A 32 -1.43 -5.79 -4.71
N SER A 33 -0.56 -6.26 -3.87
CA SER A 33 0.13 -7.56 -4.14
C SER A 33 -0.88 -8.71 -4.04
N THR A 34 -2.11 -8.41 -3.71
CA THR A 34 -3.13 -9.49 -3.59
C THR A 34 -3.87 -9.65 -4.92
N CYS A 35 -3.84 -8.65 -5.77
CA CYS A 35 -4.55 -8.75 -7.08
C CYS A 35 -3.80 -7.93 -8.15
N ASN A 36 -2.62 -7.46 -7.83
CA ASN A 36 -1.81 -6.67 -8.80
C ASN A 36 -2.55 -5.38 -9.19
N THR A 37 -3.56 -5.00 -8.44
CA THR A 37 -4.29 -3.75 -8.77
C THR A 37 -3.39 -2.56 -8.48
N LYS A 38 -3.08 -1.77 -9.47
CA LYS A 38 -2.20 -0.59 -9.25
C LYS A 38 -2.74 0.23 -8.07
N LEU A 39 -1.90 0.53 -7.12
CA LEU A 39 -2.36 1.30 -5.93
C LEU A 39 -2.21 2.80 -6.20
N THR A 40 -3.14 3.57 -5.69
CA THR A 40 -3.08 5.05 -5.89
C THR A 40 -3.65 5.74 -4.65
N LEU A 41 -3.19 6.93 -4.34
CA LEU A 41 -3.71 7.65 -3.14
C LEU A 41 -5.23 7.84 -3.27
N LYS A 42 -5.74 7.67 -4.47
CA LYS A 42 -7.21 7.83 -4.69
C LYS A 42 -7.90 6.49 -4.46
N ASN A 43 -7.24 5.42 -4.80
CA ASN A 43 -7.84 4.07 -4.63
C ASN A 43 -7.87 3.70 -3.14
N LYS A 44 -8.74 2.81 -2.75
CA LYS A 44 -8.81 2.39 -1.32
C LYS A 44 -7.98 1.12 -1.14
N PHE A 45 -7.09 1.11 -0.19
CA PHE A 45 -6.23 -0.09 0.01
C PHE A 45 -5.82 -0.20 1.49
N VAL A 46 -5.05 -1.21 1.81
CA VAL A 46 -4.58 -1.40 3.21
C VAL A 46 -3.20 -2.10 3.17
N GLU A 47 -2.52 -2.16 4.29
CA GLU A 47 -1.18 -2.84 4.31
C GLU A 47 -1.35 -4.25 4.87
N PHE A 48 -0.68 -5.20 4.30
CA PHE A 48 -0.79 -6.60 4.79
C PHE A 48 0.52 -7.33 4.55
N ASP A 49 1.11 -7.88 5.59
CA ASP A 49 2.41 -8.59 5.43
C ASP A 49 3.40 -7.64 4.77
N MET A 50 3.28 -6.38 5.07
CA MET A 50 4.21 -5.37 4.47
C MET A 50 3.89 -5.23 2.98
N LYS A 51 2.77 -5.76 2.56
CA LYS A 51 2.38 -5.67 1.12
C LYS A 51 1.01 -4.97 1.05
N PRO A 52 0.81 -4.21 0.01
CA PRO A 52 -0.46 -3.47 -0.16
C PRO A 52 -1.60 -4.43 -0.48
N VAL A 53 -2.78 -4.10 -0.04
CA VAL A 53 -3.96 -4.96 -0.32
C VAL A 53 -5.14 -4.04 -0.66
N CYS A 54 -5.63 -4.10 -1.86
CA CYS A 54 -6.75 -3.22 -2.27
C CYS A 54 -7.97 -3.54 -1.39
N LYS A 55 -8.77 -2.54 -1.10
CA LYS A 55 -9.97 -2.77 -0.25
C LYS A 55 -10.77 -3.96 -0.77
N LYS A 56 -10.72 -4.21 -2.05
CA LYS A 56 -11.48 -5.38 -2.62
C LYS A 56 -10.80 -6.67 -2.15
N CYS A 57 -9.49 -6.69 -2.14
CA CYS A 57 -8.76 -7.90 -1.69
C CYS A 57 -8.85 -7.96 -0.16
N TYR A 58 -8.76 -6.82 0.48
CA TYR A 58 -8.87 -6.79 1.96
C TYR A 58 -10.23 -7.36 2.35
N GLU A 59 -11.15 -7.33 1.43
CA GLU A 59 -12.51 -7.86 1.71
C GLU A 59 -12.56 -9.35 1.36
N LYS A 60 -11.66 -9.80 0.54
CA LYS A 60 -11.64 -11.25 0.17
C LYS A 60 -11.28 -12.08 1.39
N PHE A 61 -10.78 -11.45 2.43
CA PHE A 61 -10.41 -12.19 3.66
C PHE A 61 -11.65 -12.28 4.56
N PRO A 62 -11.70 -13.31 5.37
CA PRO A 62 -12.83 -13.51 6.30
C PRO A 62 -13.02 -12.26 7.16
N LEU A 63 -14.26 -11.90 7.38
CA LEU A 63 -14.57 -10.70 8.20
C LEU A 63 -13.71 -10.67 9.47
N GLU A 64 -13.45 -11.81 10.05
CA GLU A 64 -12.63 -11.86 11.30
C GLU A 64 -11.13 -11.75 10.96
N LEU A 65 -10.76 -12.02 9.74
CA LEU A 65 -9.31 -11.94 9.37
C LEU A 65 -8.97 -10.52 8.91
N LYS A 66 -9.82 -9.90 8.14
CA LYS A 66 -9.53 -8.52 7.66
C LYS A 66 -9.25 -7.63 8.87
N LYS A 67 -10.10 -7.69 9.87
CA LYS A 67 -9.87 -6.86 11.09
C LYS A 67 -8.47 -7.15 11.65
N ARG A 68 -7.99 -8.36 11.46
CA ARG A 68 -6.62 -8.70 11.97
C ARG A 68 -5.60 -8.15 10.97
N LEU A 69 -5.89 -8.26 9.70
CA LEU A 69 -4.98 -7.74 8.66
C LEU A 69 -4.88 -6.22 8.80
N LYS A 70 -6.01 -5.56 8.89
CA LYS A 70 -5.99 -4.08 9.06
C LYS A 70 -5.15 -3.72 10.29
N LYS A 71 -5.01 -4.65 11.20
CA LYS A 71 -4.20 -4.38 12.43
C LYS A 71 -2.72 -4.33 12.07
N LEU A 72 -2.38 -4.67 10.85
CA LEU A 72 -0.94 -4.64 10.43
C LEU A 72 -0.60 -3.24 9.94
N ALA A 73 -1.38 -2.70 9.03
CA ALA A 73 -1.09 -1.34 8.49
C ALA A 73 -0.79 -0.35 9.63
N GLU A 74 -1.44 -0.52 10.75
CA GLU A 74 -1.18 0.40 11.90
C GLU A 74 0.14 0.01 12.58
N THR A 75 0.47 -1.25 12.55
CA THR A 75 1.74 -1.71 13.18
C THR A 75 2.90 -1.49 12.19
N LEU A 76 2.64 -1.73 10.93
CA LEU A 76 3.71 -1.54 9.91
C LEU A 76 3.94 -0.04 9.70
N GLY A 77 3.02 0.62 9.05
CA GLY A 77 3.19 2.09 8.82
C GLY A 77 2.09 2.57 7.86
N ARG A 78 2.16 2.15 6.62
CA ARG A 78 1.15 2.59 5.62
C ARG A 78 1.09 4.12 5.57
N LYS A 79 2.04 4.78 6.18
CA LYS A 79 2.05 6.27 6.18
C LYS A 79 3.35 6.76 6.84
ZN ZN B . -6.31 -6.53 -4.44
ZN ZN C . 8.69 3.41 -7.63
N GLY A 1 5.48 13.19 -4.92
CA GLY A 1 5.14 14.58 -4.39
C GLY A 1 6.07 15.26 -3.46
N SER A 2 7.27 14.74 -3.33
CA SER A 2 8.26 15.37 -2.42
C SER A 2 9.68 15.15 -2.97
N GLY A 3 9.90 14.02 -3.61
CA GLY A 3 11.26 13.74 -4.18
C GLY A 3 11.86 12.52 -3.47
N ASP A 4 11.08 11.80 -2.71
CA ASP A 4 11.61 10.61 -2.00
C ASP A 4 11.90 9.50 -3.00
N VAL A 5 12.66 8.51 -2.59
CA VAL A 5 12.98 7.38 -3.51
C VAL A 5 11.99 6.23 -3.24
N CYS A 6 11.08 6.01 -4.15
CA CYS A 6 10.08 4.92 -3.95
C CYS A 6 10.79 3.63 -3.54
N PHE A 7 10.76 3.30 -2.27
CA PHE A 7 11.43 2.05 -1.79
C PHE A 7 11.04 0.86 -2.67
N HIS A 8 9.90 0.95 -3.30
CA HIS A 8 9.45 -0.18 -4.18
C HIS A 8 10.45 -0.36 -5.33
N CYS A 9 10.84 0.72 -5.96
CA CYS A 9 11.81 0.62 -7.10
C CYS A 9 13.12 1.28 -6.69
N ASN A 10 13.14 1.93 -5.55
CA ASN A 10 14.38 2.61 -5.06
C ASN A 10 14.76 3.73 -6.03
N ARG A 11 13.79 4.32 -6.68
CA ARG A 11 14.06 5.43 -7.63
C ARG A 11 13.31 6.68 -7.18
N VAL A 12 13.75 7.83 -7.59
CA VAL A 12 13.05 9.09 -7.19
C VAL A 12 11.56 8.99 -7.54
N ILE A 13 10.71 9.44 -6.65
CA ILE A 13 9.24 9.35 -6.91
C ILE A 13 8.91 10.07 -8.22
N GLU A 14 8.29 9.37 -9.13
CA GLU A 14 7.92 10.00 -10.44
C GLU A 14 6.49 10.54 -10.36
N GLY A 15 5.81 10.29 -9.28
CA GLY A 15 4.41 10.79 -9.13
C GLY A 15 4.18 11.23 -7.69
N ASP A 16 3.27 10.60 -7.00
CA ASP A 16 3.01 10.97 -5.58
C ASP A 16 3.71 10.00 -4.64
N VAL A 17 4.26 10.49 -3.57
CA VAL A 17 4.97 9.60 -2.61
C VAL A 17 3.95 8.85 -1.75
N VAL A 18 3.69 7.61 -2.05
CA VAL A 18 2.71 6.83 -1.25
C VAL A 18 3.42 6.31 0.00
N SER A 19 3.41 7.08 1.06
CA SER A 19 4.09 6.64 2.31
C SER A 19 3.51 5.31 2.80
N ALA A 20 4.20 4.23 2.56
CA ALA A 20 3.72 2.90 3.00
C ALA A 20 4.80 2.24 3.83
N LEU A 21 4.44 1.55 4.89
CA LEU A 21 5.47 0.89 5.75
C LEU A 21 6.47 1.95 6.22
N ASN A 22 6.03 3.19 6.31
CA ASN A 22 6.92 4.31 6.75
C ASN A 22 7.92 4.63 5.64
N LYS A 23 7.90 3.89 4.56
CA LYS A 23 8.83 4.15 3.43
C LYS A 23 8.08 4.90 2.33
N ALA A 24 8.79 5.37 1.34
CA ALA A 24 8.13 6.09 0.22
C ALA A 24 7.87 5.09 -0.90
N TRP A 25 6.71 5.12 -1.51
CA TRP A 25 6.41 4.15 -2.60
C TRP A 25 5.88 4.91 -3.83
N CYS A 26 6.22 4.44 -5.00
CA CYS A 26 5.75 5.10 -6.25
C CYS A 26 4.29 4.72 -6.51
N VAL A 27 3.51 5.62 -7.05
CA VAL A 27 2.10 5.28 -7.37
C VAL A 27 2.11 4.32 -8.55
N ASN A 28 3.22 4.28 -9.24
CA ASN A 28 3.36 3.38 -10.42
C ASN A 28 3.83 2.01 -9.96
N CYS A 29 4.66 1.97 -8.94
CA CYS A 29 5.18 0.67 -8.43
C CYS A 29 4.22 0.11 -7.38
N PHE A 30 3.77 0.94 -6.47
CA PHE A 30 2.83 0.46 -5.42
C PHE A 30 1.52 0.01 -6.07
N ALA A 31 1.25 -1.27 -6.02
CA ALA A 31 0.00 -1.82 -6.63
C ALA A 31 -0.51 -2.99 -5.77
N CYS A 32 -1.81 -3.10 -5.61
CA CYS A 32 -2.39 -4.21 -4.79
C CYS A 32 -1.62 -5.51 -5.06
N SER A 33 -0.77 -5.91 -4.15
CA SER A 33 0.00 -7.16 -4.36
C SER A 33 -0.96 -8.35 -4.44
N THR A 34 -2.21 -8.13 -4.12
CA THR A 34 -3.20 -9.24 -4.16
C THR A 34 -4.07 -9.13 -5.44
N CYS A 35 -3.92 -8.07 -6.18
CA CYS A 35 -4.73 -7.91 -7.44
C CYS A 35 -3.89 -7.27 -8.54
N ASN A 36 -2.67 -6.89 -8.24
CA ASN A 36 -1.81 -6.23 -9.26
C ASN A 36 -2.46 -4.91 -9.65
N THR A 37 -3.49 -4.51 -8.92
CA THR A 37 -4.18 -3.22 -9.22
C THR A 37 -3.28 -2.06 -8.83
N LYS A 38 -2.95 -1.22 -9.77
CA LYS A 38 -2.08 -0.06 -9.45
C LYS A 38 -2.65 0.68 -8.24
N LEU A 39 -1.82 1.04 -7.30
CA LEU A 39 -2.32 1.74 -6.10
C LEU A 39 -2.37 3.25 -6.36
N THR A 40 -3.51 3.85 -6.15
CA THR A 40 -3.64 5.32 -6.39
C THR A 40 -4.22 6.00 -5.15
N LEU A 41 -3.83 7.22 -4.90
CA LEU A 41 -4.37 7.95 -3.71
C LEU A 41 -5.87 8.15 -3.87
N LYS A 42 -6.37 8.03 -5.07
CA LYS A 42 -7.83 8.20 -5.30
C LYS A 42 -8.54 6.90 -4.92
N ASN A 43 -7.92 5.80 -5.18
CA ASN A 43 -8.54 4.48 -4.83
C ASN A 43 -8.23 4.18 -3.35
N LYS A 44 -8.76 3.11 -2.80
CA LYS A 44 -8.51 2.82 -1.35
C LYS A 44 -7.95 1.41 -1.16
N PHE A 45 -6.81 1.31 -0.50
CA PHE A 45 -6.18 -0.01 -0.24
C PHE A 45 -5.78 -0.09 1.24
N VAL A 46 -5.05 -1.11 1.60
CA VAL A 46 -4.59 -1.27 3.00
C VAL A 46 -3.23 -1.98 2.99
N GLU A 47 -2.51 -1.97 4.08
CA GLU A 47 -1.19 -2.65 4.11
C GLU A 47 -1.37 -4.05 4.70
N PHE A 48 -0.98 -5.06 3.96
CA PHE A 48 -1.12 -6.46 4.47
C PHE A 48 0.15 -7.24 4.14
N ASP A 49 0.69 -7.94 5.10
CA ASP A 49 1.93 -8.72 4.85
C ASP A 49 3.01 -7.77 4.32
N MET A 50 2.96 -6.54 4.76
CA MET A 50 3.96 -5.53 4.31
C MET A 50 3.73 -5.24 2.81
N LYS A 51 2.55 -5.51 2.32
CA LYS A 51 2.24 -5.26 0.89
C LYS A 51 0.86 -4.61 0.78
N PRO A 52 0.66 -3.86 -0.28
CA PRO A 52 -0.63 -3.17 -0.50
C PRO A 52 -1.73 -4.18 -0.80
N VAL A 53 -2.88 -3.94 -0.26
CA VAL A 53 -4.04 -4.84 -0.51
C VAL A 53 -5.25 -3.95 -0.81
N CYS A 54 -5.81 -4.06 -1.98
CA CYS A 54 -6.97 -3.20 -2.33
C CYS A 54 -8.12 -3.48 -1.36
N LYS A 55 -8.88 -2.47 -1.04
CA LYS A 55 -10.02 -2.65 -0.08
C LYS A 55 -10.83 -3.89 -0.48
N LYS A 56 -10.86 -4.22 -1.75
CA LYS A 56 -11.62 -5.42 -2.19
C LYS A 56 -10.93 -6.66 -1.62
N CYS A 57 -9.62 -6.70 -1.70
CA CYS A 57 -8.87 -7.87 -1.15
C CYS A 57 -8.99 -7.83 0.38
N TYR A 58 -8.82 -6.68 0.95
CA TYR A 58 -8.95 -6.56 2.44
C TYR A 58 -10.31 -7.12 2.84
N GLU A 59 -11.23 -7.16 1.92
CA GLU A 59 -12.59 -7.69 2.23
C GLU A 59 -12.60 -9.20 1.96
N LYS A 60 -11.72 -9.66 1.11
CA LYS A 60 -11.68 -11.13 0.81
C LYS A 60 -11.23 -11.89 2.05
N PHE A 61 -10.72 -11.20 3.04
CA PHE A 61 -10.28 -11.89 4.28
C PHE A 61 -11.46 -11.96 5.26
N PRO A 62 -11.48 -13.00 6.07
CA PRO A 62 -12.55 -13.18 7.05
C PRO A 62 -12.69 -11.93 7.93
N LEU A 63 -13.90 -11.56 8.23
CA LEU A 63 -14.15 -10.35 9.07
C LEU A 63 -13.18 -10.30 10.26
N GLU A 64 -12.88 -11.43 10.86
CA GLU A 64 -11.96 -11.44 12.03
C GLU A 64 -10.50 -11.36 11.56
N LEU A 65 -10.24 -11.69 10.33
CA LEU A 65 -8.82 -11.63 9.83
C LEU A 65 -8.51 -10.22 9.34
N LYS A 66 -9.42 -9.61 8.61
CA LYS A 66 -9.16 -8.23 8.11
C LYS A 66 -8.76 -7.33 9.28
N LYS A 67 -9.52 -7.36 10.34
CA LYS A 67 -9.19 -6.51 11.52
C LYS A 67 -7.79 -6.90 12.04
N ARG A 68 -7.39 -8.12 11.79
CA ARG A 68 -6.04 -8.56 12.26
C ARG A 68 -4.98 -8.11 11.24
N LEU A 69 -5.33 -8.11 9.98
CA LEU A 69 -4.36 -7.67 8.94
C LEU A 69 -4.28 -6.15 8.93
N LYS A 70 -5.41 -5.49 9.10
CA LYS A 70 -5.40 -4.00 9.13
C LYS A 70 -4.51 -3.56 10.28
N LYS A 71 -4.40 -4.38 11.30
CA LYS A 71 -3.52 -4.03 12.46
C LYS A 71 -2.11 -3.79 11.94
N LEU A 72 -1.76 -4.44 10.85
CA LEU A 72 -0.42 -4.25 10.26
C LEU A 72 -0.33 -2.83 9.70
N ALA A 73 -1.22 -2.49 8.80
CA ALA A 73 -1.21 -1.11 8.22
C ALA A 73 -1.25 -0.09 9.34
N GLU A 74 -1.81 -0.45 10.47
CA GLU A 74 -1.88 0.49 11.62
C GLU A 74 -0.50 0.53 12.30
N THR A 75 0.11 -0.61 12.45
CA THR A 75 1.46 -0.66 13.09
C THR A 75 2.51 -0.21 12.08
N LEU A 76 2.31 -0.52 10.82
CA LEU A 76 3.28 -0.12 9.77
C LEU A 76 3.04 1.34 9.39
N GLY A 77 1.93 1.63 8.76
CA GLY A 77 1.64 3.04 8.36
C GLY A 77 0.59 3.06 7.24
N ARG A 78 1.03 2.91 6.01
CA ARG A 78 0.09 2.92 4.85
C ARG A 78 -0.60 4.29 4.76
N LYS A 79 -0.01 5.21 4.05
CA LYS A 79 -0.60 6.56 3.90
C LYS A 79 -0.48 7.01 2.44
ZN ZN B . -6.63 -6.84 -4.44
ZN ZN C . 8.79 3.46 -7.53
#